data_3NZ3
# 
_entry.id   3NZ3 
# 
_audit_conform.dict_name       mmcif_pdbx.dic 
_audit_conform.dict_version    5.388 
_audit_conform.dict_location   http://mmcif.pdb.org/dictionaries/ascii/mmcif_pdbx.dic 
# 
loop_
_database_2.database_id 
_database_2.database_code 
_database_2.pdbx_database_accession 
_database_2.pdbx_DOI 
PDB   3NZ3         pdb_00003nz3 10.2210/pdb3nz3/pdb 
RCSB  RCSB060459   ?            ?                   
WWPDB D_1000060459 ?            ?                   
# 
loop_
_pdbx_audit_revision_history.ordinal 
_pdbx_audit_revision_history.data_content_type 
_pdbx_audit_revision_history.major_revision 
_pdbx_audit_revision_history.minor_revision 
_pdbx_audit_revision_history.revision_date 
1 'Structure model' 1 0 2011-04-20 
2 'Structure model' 1 1 2011-07-13 
3 'Structure model' 1 2 2024-03-20 
# 
_pdbx_audit_revision_details.ordinal             1 
_pdbx_audit_revision_details.revision_ordinal    1 
_pdbx_audit_revision_details.data_content_type   'Structure model' 
_pdbx_audit_revision_details.provider            repository 
_pdbx_audit_revision_details.type                'Initial release' 
_pdbx_audit_revision_details.description         ? 
_pdbx_audit_revision_details.details             ? 
# 
loop_
_pdbx_audit_revision_group.ordinal 
_pdbx_audit_revision_group.revision_ordinal 
_pdbx_audit_revision_group.data_content_type 
_pdbx_audit_revision_group.group 
1 2 'Structure model' 'Version format compliance' 
2 3 'Structure model' 'Data collection'           
3 3 'Structure model' 'Database references'       
4 3 'Structure model' 'Derived calculations'      
# 
loop_
_pdbx_audit_revision_category.ordinal 
_pdbx_audit_revision_category.revision_ordinal 
_pdbx_audit_revision_category.data_content_type 
_pdbx_audit_revision_category.category 
1 3 'Structure model' chem_comp_atom     
2 3 'Structure model' chem_comp_bond     
3 3 'Structure model' database_2         
4 3 'Structure model' struct_ref_seq_dif 
5 3 'Structure model' struct_site        
# 
loop_
_pdbx_audit_revision_item.ordinal 
_pdbx_audit_revision_item.revision_ordinal 
_pdbx_audit_revision_item.data_content_type 
_pdbx_audit_revision_item.item 
1 3 'Structure model' '_database_2.pdbx_DOI'                
2 3 'Structure model' '_database_2.pdbx_database_accession' 
3 3 'Structure model' '_struct_ref_seq_dif.details'         
4 3 'Structure model' '_struct_site.pdbx_auth_asym_id'      
5 3 'Structure model' '_struct_site.pdbx_auth_comp_id'      
6 3 'Structure model' '_struct_site.pdbx_auth_seq_id'       
# 
_pdbx_database_status.status_code                     REL 
_pdbx_database_status.entry_id                        3NZ3 
_pdbx_database_status.recvd_initial_deposition_date   2010-07-15 
_pdbx_database_status.deposit_site                    RCSB 
_pdbx_database_status.process_site                    PDBJ 
_pdbx_database_status.status_code_sf                  REL 
_pdbx_database_status.status_code_mr                  ? 
_pdbx_database_status.SG_entry                        ? 
_pdbx_database_status.status_code_cs                  ? 
_pdbx_database_status.pdb_format_compatible           Y 
_pdbx_database_status.status_code_nmr_data            ? 
_pdbx_database_status.methods_development_category    ? 
# 
loop_
_audit_author.name 
_audit_author.pdbx_ordinal 
'Du, Y.'       1  
'He, Y.-X.'    2  
'Zhang, Z.-Y.' 3  
'Yang, Y.-H.'  4  
'Shi, W.-W.'   5  
'Frolet, C.'   6  
'Guilmi, A.M.' 7  
'Vernet, T.'   8  
'Zhou, C.-Z.'  9  
'Chen, Y.'     10 
# 
_citation.id                        primary 
_citation.title                     'Crystal structure of the mucin-binding domain of Spr1345 from Streptococcus pneumoniae' 
_citation.journal_abbrev            J.Struct.Biol. 
_citation.journal_volume            174 
_citation.page_first                252 
_citation.page_last                 257 
_citation.year                      2011 
_citation.journal_id_ASTM           JSBIEM 
_citation.country                   US 
_citation.journal_id_ISSN           1047-8477 
_citation.journal_id_CSD            0803 
_citation.book_publisher            ? 
_citation.pdbx_database_id_PubMed   21055474 
_citation.pdbx_database_id_DOI      10.1016/j.jsb.2010.10.016 
# 
loop_
_citation_author.citation_id 
_citation_author.name 
_citation_author.ordinal 
_citation_author.identifier_ORCID 
primary 'Du, Y.'       1  ? 
primary 'He, Y.-X.'    2  ? 
primary 'Zhang, Z.-Y.' 3  ? 
primary 'Yang, Y.-H.'  4  ? 
primary 'Shi, W.-W.'   5  ? 
primary 'Frolet, C.'   6  ? 
primary 'Guilmi, A.M.' 7  ? 
primary 'Vernet, T.'   8  ? 
primary 'Zhou, C.-Z.'  9  ? 
primary 'Chen, Y.'     10 ? 
# 
loop_
_entity.id 
_entity.type 
_entity.src_method 
_entity.pdbx_description 
_entity.formula_weight 
_entity.pdbx_number_of_molecules 
_entity.pdbx_ec 
_entity.pdbx_mutation 
_entity.pdbx_fragment 
_entity.details 
1 polymer     man 'Putative uncharacterized protein' 12738.092 1   ? ? 'Mucin-binding domain' ? 
2 non-polymer syn 'TRIETHYLENE GLYCOL'               150.173   1   ? ? ?                      ? 
3 non-polymer syn 'SULFATE ION'                      96.063    1   ? ? ?                      ? 
4 water       nat water                              18.015    150 ? ? ?                      ? 
# 
_entity_name_com.entity_id   1 
_entity_name_com.name        'Spr1345 protein' 
# 
_entity_poly.entity_id                      1 
_entity_poly.type                           'polypeptide(L)' 
_entity_poly.nstd_linkage                   no 
_entity_poly.nstd_monomer                   no 
_entity_poly.pdbx_seq_one_letter_code       
;MGHHHHHHVVPKTATSTETKTITRIIHYVDKVTNQNVKEDVVQPVTLSRTKTENKVTGVVTYGEWTTGNWDEVISGKIDK
YKDPDIPTVESQEVTSDSSDKEITVRYDRLST
;
_entity_poly.pdbx_seq_one_letter_code_can   
;MGHHHHHHVVPKTATSTETKTITRIIHYVDKVTNQNVKEDVVQPVTLSRTKTENKVTGVVTYGEWTTGNWDEVISGKIDK
YKDPDIPTVESQEVTSDSSDKEITVRYDRLST
;
_entity_poly.pdbx_strand_id                 A 
_entity_poly.pdbx_target_identifier         ? 
# 
loop_
_pdbx_entity_nonpoly.entity_id 
_pdbx_entity_nonpoly.name 
_pdbx_entity_nonpoly.comp_id 
2 'TRIETHYLENE GLYCOL' PGE 
3 'SULFATE ION'        SO4 
4 water                HOH 
# 
loop_
_entity_poly_seq.entity_id 
_entity_poly_seq.num 
_entity_poly_seq.mon_id 
_entity_poly_seq.hetero 
1 1   MET n 
1 2   GLY n 
1 3   HIS n 
1 4   HIS n 
1 5   HIS n 
1 6   HIS n 
1 7   HIS n 
1 8   HIS n 
1 9   VAL n 
1 10  VAL n 
1 11  PRO n 
1 12  LYS n 
1 13  THR n 
1 14  ALA n 
1 15  THR n 
1 16  SER n 
1 17  THR n 
1 18  GLU n 
1 19  THR n 
1 20  LYS n 
1 21  THR n 
1 22  ILE n 
1 23  THR n 
1 24  ARG n 
1 25  ILE n 
1 26  ILE n 
1 27  HIS n 
1 28  TYR n 
1 29  VAL n 
1 30  ASP n 
1 31  LYS n 
1 32  VAL n 
1 33  THR n 
1 34  ASN n 
1 35  GLN n 
1 36  ASN n 
1 37  VAL n 
1 38  LYS n 
1 39  GLU n 
1 40  ASP n 
1 41  VAL n 
1 42  VAL n 
1 43  GLN n 
1 44  PRO n 
1 45  VAL n 
1 46  THR n 
1 47  LEU n 
1 48  SER n 
1 49  ARG n 
1 50  THR n 
1 51  LYS n 
1 52  THR n 
1 53  GLU n 
1 54  ASN n 
1 55  LYS n 
1 56  VAL n 
1 57  THR n 
1 58  GLY n 
1 59  VAL n 
1 60  VAL n 
1 61  THR n 
1 62  TYR n 
1 63  GLY n 
1 64  GLU n 
1 65  TRP n 
1 66  THR n 
1 67  THR n 
1 68  GLY n 
1 69  ASN n 
1 70  TRP n 
1 71  ASP n 
1 72  GLU n 
1 73  VAL n 
1 74  ILE n 
1 75  SER n 
1 76  GLY n 
1 77  LYS n 
1 78  ILE n 
1 79  ASP n 
1 80  LYS n 
1 81  TYR n 
1 82  LYS n 
1 83  ASP n 
1 84  PRO n 
1 85  ASP n 
1 86  ILE n 
1 87  PRO n 
1 88  THR n 
1 89  VAL n 
1 90  GLU n 
1 91  SER n 
1 92  GLN n 
1 93  GLU n 
1 94  VAL n 
1 95  THR n 
1 96  SER n 
1 97  ASP n 
1 98  SER n 
1 99  SER n 
1 100 ASP n 
1 101 LYS n 
1 102 GLU n 
1 103 ILE n 
1 104 THR n 
1 105 VAL n 
1 106 ARG n 
1 107 TYR n 
1 108 ASP n 
1 109 ARG n 
1 110 LEU n 
1 111 SER n 
1 112 THR n 
# 
_entity_src_gen.entity_id                          1 
_entity_src_gen.pdbx_src_id                        1 
_entity_src_gen.pdbx_alt_source_flag               sample 
_entity_src_gen.pdbx_seq_type                      ? 
_entity_src_gen.pdbx_beg_seq_num                   ? 
_entity_src_gen.pdbx_end_seq_num                   ? 
_entity_src_gen.gene_src_common_name               ? 
_entity_src_gen.gene_src_genus                     ? 
_entity_src_gen.pdbx_gene_src_gene                 spr1345 
_entity_src_gen.gene_src_species                   ? 
_entity_src_gen.gene_src_strain                    R6 
_entity_src_gen.gene_src_tissue                    ? 
_entity_src_gen.gene_src_tissue_fraction           ? 
_entity_src_gen.gene_src_details                   ? 
_entity_src_gen.pdbx_gene_src_fragment             ? 
_entity_src_gen.pdbx_gene_src_scientific_name      'Streptococcus pneumoniae' 
_entity_src_gen.pdbx_gene_src_ncbi_taxonomy_id     171101 
_entity_src_gen.pdbx_gene_src_variant              ? 
_entity_src_gen.pdbx_gene_src_cell_line            ? 
_entity_src_gen.pdbx_gene_src_atcc                 ? 
_entity_src_gen.pdbx_gene_src_organ                ? 
_entity_src_gen.pdbx_gene_src_organelle            ? 
_entity_src_gen.pdbx_gene_src_cell                 ? 
_entity_src_gen.pdbx_gene_src_cellular_location    ? 
_entity_src_gen.host_org_common_name               ? 
_entity_src_gen.pdbx_host_org_scientific_name      'Escherichia coli' 
_entity_src_gen.pdbx_host_org_ncbi_taxonomy_id     562 
_entity_src_gen.host_org_genus                     ? 
_entity_src_gen.pdbx_host_org_gene                 ? 
_entity_src_gen.pdbx_host_org_organ                ? 
_entity_src_gen.host_org_species                   ? 
_entity_src_gen.pdbx_host_org_tissue               ? 
_entity_src_gen.pdbx_host_org_tissue_fraction      ? 
_entity_src_gen.pdbx_host_org_strain               BL21-Ril 
_entity_src_gen.pdbx_host_org_variant              ? 
_entity_src_gen.pdbx_host_org_cell_line            ? 
_entity_src_gen.pdbx_host_org_atcc                 ? 
_entity_src_gen.pdbx_host_org_culture_collection   ? 
_entity_src_gen.pdbx_host_org_cell                 ? 
_entity_src_gen.pdbx_host_org_organelle            ? 
_entity_src_gen.pdbx_host_org_cellular_location    ? 
_entity_src_gen.pdbx_host_org_vector_type          plasmid 
_entity_src_gen.pdbx_host_org_vector               ? 
_entity_src_gen.host_org_details                   ? 
_entity_src_gen.expression_system_id               ? 
_entity_src_gen.plasmid_name                       pET28a 
_entity_src_gen.plasmid_details                    ? 
_entity_src_gen.pdbx_description                   ? 
# 
loop_
_chem_comp.id 
_chem_comp.type 
_chem_comp.mon_nstd_flag 
_chem_comp.name 
_chem_comp.pdbx_synonyms 
_chem_comp.formula 
_chem_comp.formula_weight 
ALA 'L-peptide linking' y ALANINE              ? 'C3 H7 N O2'     89.093  
ARG 'L-peptide linking' y ARGININE             ? 'C6 H15 N4 O2 1' 175.209 
ASN 'L-peptide linking' y ASPARAGINE           ? 'C4 H8 N2 O3'    132.118 
ASP 'L-peptide linking' y 'ASPARTIC ACID'      ? 'C4 H7 N O4'     133.103 
GLN 'L-peptide linking' y GLUTAMINE            ? 'C5 H10 N2 O3'   146.144 
GLU 'L-peptide linking' y 'GLUTAMIC ACID'      ? 'C5 H9 N O4'     147.129 
GLY 'peptide linking'   y GLYCINE              ? 'C2 H5 N O2'     75.067  
HIS 'L-peptide linking' y HISTIDINE            ? 'C6 H10 N3 O2 1' 156.162 
HOH non-polymer         . WATER                ? 'H2 O'           18.015  
ILE 'L-peptide linking' y ISOLEUCINE           ? 'C6 H13 N O2'    131.173 
LEU 'L-peptide linking' y LEUCINE              ? 'C6 H13 N O2'    131.173 
LYS 'L-peptide linking' y LYSINE               ? 'C6 H15 N2 O2 1' 147.195 
MET 'L-peptide linking' y METHIONINE           ? 'C5 H11 N O2 S'  149.211 
PGE non-polymer         . 'TRIETHYLENE GLYCOL' ? 'C6 H14 O4'      150.173 
PRO 'L-peptide linking' y PROLINE              ? 'C5 H9 N O2'     115.130 
SER 'L-peptide linking' y SERINE               ? 'C3 H7 N O3'     105.093 
SO4 non-polymer         . 'SULFATE ION'        ? 'O4 S -2'        96.063  
THR 'L-peptide linking' y THREONINE            ? 'C4 H9 N O3'     119.119 
TRP 'L-peptide linking' y TRYPTOPHAN           ? 'C11 H12 N2 O2'  204.225 
TYR 'L-peptide linking' y TYROSINE             ? 'C9 H11 N O3'    181.189 
VAL 'L-peptide linking' y VALINE               ? 'C5 H11 N O2'    117.146 
# 
loop_
_pdbx_poly_seq_scheme.asym_id 
_pdbx_poly_seq_scheme.entity_id 
_pdbx_poly_seq_scheme.seq_id 
_pdbx_poly_seq_scheme.mon_id 
_pdbx_poly_seq_scheme.ndb_seq_num 
_pdbx_poly_seq_scheme.pdb_seq_num 
_pdbx_poly_seq_scheme.auth_seq_num 
_pdbx_poly_seq_scheme.pdb_mon_id 
_pdbx_poly_seq_scheme.auth_mon_id 
_pdbx_poly_seq_scheme.pdb_strand_id 
_pdbx_poly_seq_scheme.pdb_ins_code 
_pdbx_poly_seq_scheme.hetero 
A 1 1   MET 1   -7  ?   ?   ?   A . n 
A 1 2   GLY 2   -6  ?   ?   ?   A . n 
A 1 3   HIS 3   -5  ?   ?   ?   A . n 
A 1 4   HIS 4   -4  ?   ?   ?   A . n 
A 1 5   HIS 5   -3  ?   ?   ?   A . n 
A 1 6   HIS 6   -2  ?   ?   ?   A . n 
A 1 7   HIS 7   -1  ?   ?   ?   A . n 
A 1 8   HIS 8   0   ?   ?   ?   A . n 
A 1 9   VAL 9   1   ?   ?   ?   A . n 
A 1 10  VAL 10  2   ?   ?   ?   A . n 
A 1 11  PRO 11  3   ?   ?   ?   A . n 
A 1 12  LYS 12  4   ?   ?   ?   A . n 
A 1 13  THR 13  5   5   THR THR A . n 
A 1 14  ALA 14  6   6   ALA ALA A . n 
A 1 15  THR 15  7   7   THR THR A . n 
A 1 16  SER 16  8   8   SER SER A . n 
A 1 17  THR 17  9   9   THR THR A . n 
A 1 18  GLU 18  10  10  GLU GLU A . n 
A 1 19  THR 19  11  11  THR THR A . n 
A 1 20  LYS 20  12  12  LYS LYS A . n 
A 1 21  THR 21  13  13  THR THR A . n 
A 1 22  ILE 22  14  14  ILE ILE A . n 
A 1 23  THR 23  15  15  THR THR A . n 
A 1 24  ARG 24  16  16  ARG ARG A . n 
A 1 25  ILE 25  17  17  ILE ILE A . n 
A 1 26  ILE 26  18  18  ILE ILE A . n 
A 1 27  HIS 27  19  19  HIS HIS A . n 
A 1 28  TYR 28  20  20  TYR TYR A . n 
A 1 29  VAL 29  21  21  VAL VAL A . n 
A 1 30  ASP 30  22  22  ASP ASP A . n 
A 1 31  LYS 31  23  23  LYS LYS A . n 
A 1 32  VAL 32  24  24  VAL VAL A . n 
A 1 33  THR 33  25  25  THR THR A . n 
A 1 34  ASN 34  26  26  ASN ASN A . n 
A 1 35  GLN 35  27  27  GLN GLN A . n 
A 1 36  ASN 36  28  28  ASN ASN A . n 
A 1 37  VAL 37  29  29  VAL VAL A . n 
A 1 38  LYS 38  30  30  LYS LYS A . n 
A 1 39  GLU 39  31  31  GLU GLU A . n 
A 1 40  ASP 40  32  32  ASP ASP A . n 
A 1 41  VAL 41  33  33  VAL VAL A . n 
A 1 42  VAL 42  34  34  VAL VAL A . n 
A 1 43  GLN 43  35  35  GLN GLN A . n 
A 1 44  PRO 44  36  36  PRO PRO A . n 
A 1 45  VAL 45  37  37  VAL VAL A . n 
A 1 46  THR 46  38  38  THR THR A . n 
A 1 47  LEU 47  39  39  LEU LEU A . n 
A 1 48  SER 48  40  40  SER SER A . n 
A 1 49  ARG 49  41  41  ARG ARG A . n 
A 1 50  THR 50  42  42  THR THR A . n 
A 1 51  LYS 51  43  43  LYS LYS A . n 
A 1 52  THR 52  44  44  THR THR A . n 
A 1 53  GLU 53  45  45  GLU GLU A . n 
A 1 54  ASN 54  46  46  ASN ASN A . n 
A 1 55  LYS 55  47  47  LYS LYS A . n 
A 1 56  VAL 56  48  48  VAL VAL A . n 
A 1 57  THR 57  49  49  THR THR A . n 
A 1 58  GLY 58  50  50  GLY GLY A . n 
A 1 59  VAL 59  51  51  VAL VAL A . n 
A 1 60  VAL 60  52  52  VAL VAL A . n 
A 1 61  THR 61  53  53  THR THR A . n 
A 1 62  TYR 62  54  54  TYR TYR A . n 
A 1 63  GLY 63  55  55  GLY GLY A . n 
A 1 64  GLU 64  56  56  GLU GLU A . n 
A 1 65  TRP 65  57  57  TRP TRP A . n 
A 1 66  THR 66  58  58  THR THR A . n 
A 1 67  THR 67  59  59  THR THR A . n 
A 1 68  GLY 68  60  60  GLY GLY A . n 
A 1 69  ASN 69  61  61  ASN ASN A . n 
A 1 70  TRP 70  62  62  TRP TRP A . n 
A 1 71  ASP 71  63  63  ASP ASP A . n 
A 1 72  GLU 72  64  64  GLU GLU A . n 
A 1 73  VAL 73  65  65  VAL VAL A . n 
A 1 74  ILE 74  66  66  ILE ILE A . n 
A 1 75  SER 75  67  67  SER SER A . n 
A 1 76  GLY 76  68  68  GLY GLY A . n 
A 1 77  LYS 77  69  69  LYS LYS A . n 
A 1 78  ILE 78  70  70  ILE ILE A . n 
A 1 79  ASP 79  71  71  ASP ASP A . n 
A 1 80  LYS 80  72  72  LYS LYS A . n 
A 1 81  TYR 81  73  73  TYR TYR A . n 
A 1 82  LYS 82  74  74  LYS LYS A . n 
A 1 83  ASP 83  75  75  ASP ASP A . n 
A 1 84  PRO 84  76  76  PRO PRO A . n 
A 1 85  ASP 85  77  77  ASP ASP A . n 
A 1 86  ILE 86  78  78  ILE ILE A . n 
A 1 87  PRO 87  79  79  PRO PRO A . n 
A 1 88  THR 88  80  80  THR THR A . n 
A 1 89  VAL 89  81  81  VAL VAL A . n 
A 1 90  GLU 90  82  82  GLU GLU A . n 
A 1 91  SER 91  83  83  SER SER A . n 
A 1 92  GLN 92  84  84  GLN GLN A . n 
A 1 93  GLU 93  85  85  GLU GLU A . n 
A 1 94  VAL 94  86  86  VAL VAL A . n 
A 1 95  THR 95  87  87  THR THR A . n 
A 1 96  SER 96  88  88  SER SER A . n 
A 1 97  ASP 97  89  89  ASP ASP A . n 
A 1 98  SER 98  90  90  SER SER A . n 
A 1 99  SER 99  91  91  SER SER A . n 
A 1 100 ASP 100 92  92  ASP ASP A . n 
A 1 101 LYS 101 93  93  LYS LYS A . n 
A 1 102 GLU 102 94  94  GLU GLU A . n 
A 1 103 ILE 103 95  95  ILE ILE A . n 
A 1 104 THR 104 96  96  THR THR A . n 
A 1 105 VAL 105 97  97  VAL VAL A . n 
A 1 106 ARG 106 98  98  ARG ARG A . n 
A 1 107 TYR 107 99  99  TYR TYR A . n 
A 1 108 ASP 108 100 100 ASP ASP A . n 
A 1 109 ARG 109 101 101 ARG ARG A . n 
A 1 110 LEU 110 102 102 LEU LEU A . n 
A 1 111 SER 111 103 103 SER SER A . n 
A 1 112 THR 112 104 104 THR THR A . n 
# 
loop_
_pdbx_nonpoly_scheme.asym_id 
_pdbx_nonpoly_scheme.entity_id 
_pdbx_nonpoly_scheme.mon_id 
_pdbx_nonpoly_scheme.ndb_seq_num 
_pdbx_nonpoly_scheme.pdb_seq_num 
_pdbx_nonpoly_scheme.auth_seq_num 
_pdbx_nonpoly_scheme.pdb_mon_id 
_pdbx_nonpoly_scheme.auth_mon_id 
_pdbx_nonpoly_scheme.pdb_strand_id 
_pdbx_nonpoly_scheme.pdb_ins_code 
B 2 PGE 1   301 301 PGE PEG A . 
C 3 SO4 1   401 401 SO4 SO4 A . 
D 4 HOH 1   105 105 HOH HOH A . 
D 4 HOH 2   106 106 HOH HOH A . 
D 4 HOH 3   107 107 HOH HOH A . 
D 4 HOH 4   108 108 HOH HOH A . 
D 4 HOH 5   109 109 HOH HOH A . 
D 4 HOH 6   110 110 HOH HOH A . 
D 4 HOH 7   111 111 HOH HOH A . 
D 4 HOH 8   112 112 HOH HOH A . 
D 4 HOH 9   113 113 HOH HOH A . 
D 4 HOH 10  114 114 HOH HOH A . 
D 4 HOH 11  115 115 HOH HOH A . 
D 4 HOH 12  116 116 HOH HOH A . 
D 4 HOH 13  117 117 HOH HOH A . 
D 4 HOH 14  118 118 HOH HOH A . 
D 4 HOH 15  119 119 HOH HOH A . 
D 4 HOH 16  120 120 HOH HOH A . 
D 4 HOH 17  121 121 HOH HOH A . 
D 4 HOH 18  122 122 HOH HOH A . 
D 4 HOH 19  123 123 HOH HOH A . 
D 4 HOH 20  124 124 HOH HOH A . 
D 4 HOH 21  125 125 HOH HOH A . 
D 4 HOH 22  126 126 HOH HOH A . 
D 4 HOH 23  127 127 HOH HOH A . 
D 4 HOH 24  128 128 HOH HOH A . 
D 4 HOH 25  129 129 HOH HOH A . 
D 4 HOH 26  130 130 HOH HOH A . 
D 4 HOH 27  131 131 HOH HOH A . 
D 4 HOH 28  132 132 HOH HOH A . 
D 4 HOH 29  133 133 HOH HOH A . 
D 4 HOH 30  134 134 HOH HOH A . 
D 4 HOH 31  135 135 HOH HOH A . 
D 4 HOH 32  136 136 HOH HOH A . 
D 4 HOH 33  137 137 HOH HOH A . 
D 4 HOH 34  138 138 HOH HOH A . 
D 4 HOH 35  139 139 HOH HOH A . 
D 4 HOH 36  140 140 HOH HOH A . 
D 4 HOH 37  141 141 HOH HOH A . 
D 4 HOH 38  142 142 HOH HOH A . 
D 4 HOH 39  143 143 HOH HOH A . 
D 4 HOH 40  144 144 HOH HOH A . 
D 4 HOH 41  145 145 HOH HOH A . 
D 4 HOH 42  146 146 HOH HOH A . 
D 4 HOH 43  147 147 HOH HOH A . 
D 4 HOH 44  148 148 HOH HOH A . 
D 4 HOH 45  149 149 HOH HOH A . 
D 4 HOH 46  150 150 HOH HOH A . 
D 4 HOH 47  151 151 HOH HOH A . 
D 4 HOH 48  152 152 HOH HOH A . 
D 4 HOH 49  153 153 HOH HOH A . 
D 4 HOH 50  154 154 HOH HOH A . 
D 4 HOH 51  155 155 HOH HOH A . 
D 4 HOH 52  156 156 HOH HOH A . 
D 4 HOH 53  157 157 HOH HOH A . 
D 4 HOH 54  158 158 HOH HOH A . 
D 4 HOH 55  159 159 HOH HOH A . 
D 4 HOH 56  160 160 HOH HOH A . 
D 4 HOH 57  161 161 HOH HOH A . 
D 4 HOH 58  162 162 HOH HOH A . 
D 4 HOH 59  163 163 HOH HOH A . 
D 4 HOH 60  164 164 HOH HOH A . 
D 4 HOH 61  165 165 HOH HOH A . 
D 4 HOH 62  166 166 HOH HOH A . 
D 4 HOH 63  167 167 HOH HOH A . 
D 4 HOH 64  168 168 HOH HOH A . 
D 4 HOH 65  169 169 HOH HOH A . 
D 4 HOH 66  170 170 HOH HOH A . 
D 4 HOH 67  171 171 HOH HOH A . 
D 4 HOH 68  172 172 HOH HOH A . 
D 4 HOH 69  173 173 HOH HOH A . 
D 4 HOH 70  174 174 HOH HOH A . 
D 4 HOH 71  175 175 HOH HOH A . 
D 4 HOH 72  176 176 HOH HOH A . 
D 4 HOH 73  177 177 HOH HOH A . 
D 4 HOH 74  178 178 HOH HOH A . 
D 4 HOH 75  179 179 HOH HOH A . 
D 4 HOH 76  180 180 HOH HOH A . 
D 4 HOH 77  181 181 HOH HOH A . 
D 4 HOH 78  182 182 HOH HOH A . 
D 4 HOH 79  183 183 HOH HOH A . 
D 4 HOH 80  184 184 HOH HOH A . 
D 4 HOH 81  185 185 HOH HOH A . 
D 4 HOH 82  186 186 HOH HOH A . 
D 4 HOH 83  187 187 HOH HOH A . 
D 4 HOH 84  188 188 HOH HOH A . 
D 4 HOH 85  189 189 HOH HOH A . 
D 4 HOH 86  190 190 HOH HOH A . 
D 4 HOH 87  191 191 HOH HOH A . 
D 4 HOH 88  192 192 HOH HOH A . 
D 4 HOH 89  193 193 HOH HOH A . 
D 4 HOH 90  194 194 HOH HOH A . 
D 4 HOH 91  195 195 HOH HOH A . 
D 4 HOH 92  196 196 HOH HOH A . 
D 4 HOH 93  197 197 HOH HOH A . 
D 4 HOH 94  198 198 HOH HOH A . 
D 4 HOH 95  199 199 HOH HOH A . 
D 4 HOH 96  200 200 HOH HOH A . 
D 4 HOH 97  201 201 HOH HOH A . 
D 4 HOH 98  202 202 HOH HOH A . 
D 4 HOH 99  203 203 HOH HOH A . 
D 4 HOH 100 204 204 HOH HOH A . 
D 4 HOH 101 205 205 HOH HOH A . 
D 4 HOH 102 206 206 HOH HOH A . 
D 4 HOH 103 207 207 HOH HOH A . 
D 4 HOH 104 208 208 HOH HOH A . 
D 4 HOH 105 209 209 HOH HOH A . 
D 4 HOH 106 210 210 HOH HOH A . 
D 4 HOH 107 211 211 HOH HOH A . 
D 4 HOH 108 212 212 HOH HOH A . 
D 4 HOH 109 213 213 HOH HOH A . 
D 4 HOH 110 214 214 HOH HOH A . 
D 4 HOH 111 215 215 HOH HOH A . 
D 4 HOH 112 216 216 HOH HOH A . 
D 4 HOH 113 217 217 HOH HOH A . 
D 4 HOH 114 218 218 HOH HOH A . 
D 4 HOH 115 219 219 HOH HOH A . 
D 4 HOH 116 220 220 HOH HOH A . 
D 4 HOH 117 221 221 HOH HOH A . 
D 4 HOH 118 222 222 HOH HOH A . 
D 4 HOH 119 223 223 HOH HOH A . 
D 4 HOH 120 224 224 HOH HOH A . 
D 4 HOH 121 225 225 HOH HOH A . 
D 4 HOH 122 226 226 HOH HOH A . 
D 4 HOH 123 227 227 HOH HOH A . 
D 4 HOH 124 228 228 HOH HOH A . 
D 4 HOH 125 229 229 HOH HOH A . 
D 4 HOH 126 230 230 HOH HOH A . 
D 4 HOH 127 231 231 HOH HOH A . 
D 4 HOH 128 232 232 HOH HOH A . 
D 4 HOH 129 233 233 HOH HOH A . 
D 4 HOH 130 234 234 HOH HOH A . 
D 4 HOH 131 235 235 HOH HOH A . 
D 4 HOH 132 236 236 HOH HOH A . 
D 4 HOH 133 237 237 HOH HOH A . 
D 4 HOH 134 238 238 HOH HOH A . 
D 4 HOH 135 239 239 HOH HOH A . 
D 4 HOH 136 240 240 HOH HOH A . 
D 4 HOH 137 241 241 HOH HOH A . 
D 4 HOH 138 242 242 HOH HOH A . 
D 4 HOH 139 243 243 HOH HOH A . 
D 4 HOH 140 244 244 HOH HOH A . 
D 4 HOH 141 245 245 HOH HOH A . 
D 4 HOH 142 246 246 HOH HOH A . 
D 4 HOH 143 247 247 HOH HOH A . 
D 4 HOH 144 248 248 HOH HOH A . 
D 4 HOH 145 249 249 HOH HOH A . 
D 4 HOH 146 250 250 HOH HOH A . 
D 4 HOH 147 251 251 HOH HOH A . 
D 4 HOH 148 252 252 HOH HOH A . 
D 4 HOH 149 253 253 HOH HOH A . 
D 4 HOH 150 254 254 HOH HOH A . 
# 
loop_
_software.name 
_software.classification 
_software.version 
_software.citation_id 
_software.pdbx_ordinal 
MAR345dtb 'data collection' .        ? 1 
SOLVE     phasing           .        ? 2 
REFMAC    refinement        5.5.0109 ? 3 
MOSFLM    'data reduction'  .        ? 4 
SCALA     'data scaling'    .        ? 5 
# 
_cell.entry_id           3NZ3 
_cell.length_a           73.160 
_cell.length_b           73.160 
_cell.length_c           108.810 
_cell.angle_alpha        90.00 
_cell.angle_beta         90.00 
_cell.angle_gamma        90.00 
_cell.Z_PDB              16 
_cell.pdbx_unique_axis   ? 
_cell.length_a_esd       ? 
_cell.length_b_esd       ? 
_cell.length_c_esd       ? 
_cell.angle_alpha_esd    ? 
_cell.angle_beta_esd     ? 
_cell.angle_gamma_esd    ? 
# 
_symmetry.entry_id                         3NZ3 
_symmetry.space_group_name_H-M             'I 41 2 2' 
_symmetry.pdbx_full_space_group_name_H-M   ? 
_symmetry.cell_setting                     ? 
_symmetry.Int_Tables_number                98 
_symmetry.space_group_name_Hall            ? 
# 
_exptl.entry_id          3NZ3 
_exptl.method            'X-RAY DIFFRACTION' 
_exptl.crystals_number   1 
# 
_exptl_crystal.id                    1 
_exptl_crystal.density_meas          ? 
_exptl_crystal.density_Matthews      2.86 
_exptl_crystal.density_percent_sol   56.96 
_exptl_crystal.description           ? 
_exptl_crystal.F_000                 ? 
_exptl_crystal.preparation           ? 
# 
_exptl_crystal_grow.crystal_id      1 
_exptl_crystal_grow.method          'VAPOR DIFFUSION, HANGING DROP' 
_exptl_crystal_grow.temp            289 
_exptl_crystal_grow.temp_details    ? 
_exptl_crystal_grow.pH              8.5 
_exptl_crystal_grow.pdbx_details    
'22% PEG 4000, 0.1M Tris-HCl, 0.2M Lithium Sulfate, pH 8.5, VAPOR DIFFUSION, HANGING DROP, temperature 289K' 
_exptl_crystal_grow.pdbx_pH_range   . 
# 
_diffrn.id                     1 
_diffrn.ambient_temp           100 
_diffrn.ambient_temp_details   ? 
_diffrn.crystal_id             1 
# 
_diffrn_detector.diffrn_id              1 
_diffrn_detector.detector               'IMAGE PLATE' 
_diffrn_detector.type                   'MAR scanner 345 mm plate' 
_diffrn_detector.pdbx_collection_date   2008-10-08 
_diffrn_detector.details                ? 
# 
_diffrn_radiation.diffrn_id                        1 
_diffrn_radiation.wavelength_id                    1 
_diffrn_radiation.pdbx_monochromatic_or_laue_m_l   M 
_diffrn_radiation.monochromator                    ? 
_diffrn_radiation.pdbx_diffrn_protocol             'SINGLE WAVELENGTH' 
_diffrn_radiation.pdbx_scattering_type             x-ray 
# 
_diffrn_radiation_wavelength.id           1 
_diffrn_radiation_wavelength.wavelength   1.54178 
_diffrn_radiation_wavelength.wt           1.0 
# 
_diffrn_source.diffrn_id                   1 
_diffrn_source.source                      'ROTATING ANODE' 
_diffrn_source.type                        'RIGAKU MICROMAX-007 HF' 
_diffrn_source.pdbx_synchrotron_site       ? 
_diffrn_source.pdbx_synchrotron_beamline   ? 
_diffrn_source.pdbx_wavelength             ? 
_diffrn_source.pdbx_wavelength_list        1.54178 
# 
_reflns.entry_id                     3NZ3 
_reflns.observed_criterion_sigma_I   0 
_reflns.observed_criterion_sigma_F   0 
_reflns.d_resolution_low             37.48 
_reflns.d_resolution_high            2.00 
_reflns.number_obs                   10342 
_reflns.number_all                   ? 
_reflns.percent_possible_obs         100.0 
_reflns.pdbx_Rmerge_I_obs            0.05 
_reflns.pdbx_Rsym_value              ? 
_reflns.pdbx_netI_over_sigmaI        29.2 
_reflns.B_iso_Wilson_estimate        26.8 
_reflns.pdbx_redundancy              8.4 
_reflns.R_free_details               ? 
_reflns.limit_h_max                  ? 
_reflns.limit_h_min                  ? 
_reflns.limit_k_max                  ? 
_reflns.limit_k_min                  ? 
_reflns.limit_l_max                  ? 
_reflns.limit_l_min                  ? 
_reflns.observed_criterion_F_max     ? 
_reflns.observed_criterion_F_min     ? 
_reflns.pdbx_chi_squared             ? 
_reflns.pdbx_scaling_rejects         ? 
_reflns.pdbx_diffrn_id               1 
_reflns.pdbx_ordinal                 1 
# 
_reflns_shell.d_res_high                  2.00 
_reflns_shell.d_res_low                   2.11 
_reflns_shell.percent_possible_all        100.0 
_reflns_shell.Rmerge_I_obs                0.05 
_reflns_shell.pdbx_Rsym_value             ? 
_reflns_shell.meanI_over_sigI_obs         4.3 
_reflns_shell.pdbx_redundancy             8.3 
_reflns_shell.percent_possible_obs        ? 
_reflns_shell.number_unique_all           1467 
_reflns_shell.number_measured_all         ? 
_reflns_shell.number_measured_obs         ? 
_reflns_shell.number_unique_obs           ? 
_reflns_shell.pdbx_chi_squared            ? 
_reflns_shell.pdbx_rejects                ? 
_reflns_shell.pdbx_netI_over_sigmaI_obs   ? 
_reflns_shell.number_possible             ? 
_reflns_shell.Rmerge_F_all                ? 
_reflns_shell.Rmerge_F_obs                ? 
_reflns_shell.Rmerge_I_all                ? 
_reflns_shell.meanI_over_sigI_all         ? 
_reflns_shell.pdbx_Rrim_I_all             ? 
_reflns_shell.pdbx_Rpim_I_all             ? 
_reflns_shell.pdbx_diffrn_id              ? 
_reflns_shell.pdbx_ordinal                1 
# 
_refine.entry_id                                 3NZ3 
_refine.ls_number_reflns_obs                     9837 
_refine.ls_number_reflns_all                     ? 
_refine.pdbx_ls_sigma_I                          ? 
_refine.pdbx_ls_sigma_F                          ? 
_refine.pdbx_data_cutoff_high_absF               ? 
_refine.pdbx_data_cutoff_low_absF                ? 
_refine.pdbx_data_cutoff_high_rms_absF           ? 
_refine.ls_d_res_low                             25.78 
_refine.ls_d_res_high                            2.00 
_refine.ls_percent_reflns_obs                    ? 
_refine.ls_R_factor_obs                          ? 
_refine.ls_R_factor_all                          ? 
_refine.ls_R_factor_R_work                       0.213 
_refine.ls_R_factor_R_free                       0.264 
_refine.ls_R_factor_R_free_error                 ? 
_refine.ls_R_factor_R_free_error_details         ? 
_refine.ls_percent_reflns_R_free                 ? 
_refine.ls_number_reflns_R_free                  498 
_refine.ls_number_parameters                     ? 
_refine.ls_number_restraints                     ? 
_refine.occupancy_min                            ? 
_refine.occupancy_max                            ? 
_refine.correlation_coeff_Fo_to_Fc               ? 
_refine.correlation_coeff_Fo_to_Fc_free          ? 
_refine.B_iso_mean                               ? 
_refine.aniso_B[1][1]                            ? 
_refine.aniso_B[2][2]                            ? 
_refine.aniso_B[3][3]                            ? 
_refine.aniso_B[1][2]                            ? 
_refine.aniso_B[1][3]                            ? 
_refine.aniso_B[2][3]                            ? 
_refine.solvent_model_details                    ? 
_refine.solvent_model_param_ksol                 ? 
_refine.solvent_model_param_bsol                 ? 
_refine.pdbx_solvent_vdw_probe_radii             ? 
_refine.pdbx_solvent_ion_probe_radii             ? 
_refine.pdbx_solvent_shrinkage_radii             ? 
_refine.pdbx_ls_cross_valid_method               THROUGHOUT 
_refine.details                                  ? 
_refine.pdbx_starting_model                      ? 
_refine.pdbx_method_to_determine_struct          SAD 
_refine.pdbx_isotropic_thermal_model             Isotropic 
_refine.pdbx_stereochemistry_target_values       'Engh & Huber' 
_refine.pdbx_stereochem_target_val_spec_case     ? 
_refine.pdbx_R_Free_selection_details            RANDOM 
_refine.pdbx_overall_ESU_R_Free                  ? 
_refine.overall_SU_ML                            ? 
_refine.overall_SU_B                             ? 
_refine.overall_SU_R_Cruickshank_DPI             ? 
_refine.ls_redundancy_reflns_obs                 ? 
_refine.B_iso_min                                ? 
_refine.B_iso_max                                ? 
_refine.overall_SU_R_free                        ? 
_refine.ls_wR_factor_R_free                      ? 
_refine.ls_wR_factor_R_work                      ? 
_refine.overall_FOM_free_R_set                   ? 
_refine.overall_FOM_work_R_set                   ? 
_refine.pdbx_refine_id                           'X-RAY DIFFRACTION' 
_refine.pdbx_overall_phase_error                 ? 
_refine.pdbx_overall_ESU_R                       ? 
_refine.pdbx_diffrn_id                           1 
_refine.pdbx_TLS_residual_ADP_flag               ? 
_refine.pdbx_overall_SU_R_free_Cruickshank_DPI   ? 
_refine.pdbx_overall_SU_R_Blow_DPI               ? 
_refine.pdbx_overall_SU_R_free_Blow_DPI          ? 
# 
_refine_hist.pdbx_refine_id                   'X-RAY DIFFRACTION' 
_refine_hist.cycle_id                         LAST 
_refine_hist.pdbx_number_atoms_protein        793 
_refine_hist.pdbx_number_atoms_nucleic_acid   0 
_refine_hist.pdbx_number_atoms_ligand         15 
_refine_hist.number_atoms_solvent             150 
_refine_hist.number_atoms_total               958 
_refine_hist.d_res_high                       2.00 
_refine_hist.d_res_low                        25.78 
# 
_struct.entry_id                  3NZ3 
_struct.title                     'Crystal structure of the mucin-binding domain of Spr1345 from Streptococcus pneumoniae' 
_struct.pdbx_model_details        ? 
_struct.pdbx_CASP_flag            ? 
_struct.pdbx_model_type_details   ? 
# 
_struct_keywords.entry_id        3NZ3 
_struct_keywords.pdbx_keywords   'CELL ADHESION' 
_struct_keywords.text            'All beta sheets, Ig-like fold, Mucin-binding, Mucin, Cell surface, CELL ADHESION' 
# 
loop_
_struct_asym.id 
_struct_asym.pdbx_blank_PDB_chainid_flag 
_struct_asym.pdbx_modified 
_struct_asym.entity_id 
_struct_asym.details 
A N N 1 ? 
B N N 2 ? 
C N N 3 ? 
D N N 4 ? 
# 
_struct_ref.id                         1 
_struct_ref.db_name                    UNP 
_struct_ref.db_code                    Q8CYK3_STRR6 
_struct_ref.pdbx_db_accession          Q8CYK3 
_struct_ref.entity_id                  1 
_struct_ref.pdbx_seq_one_letter_code   
;VPKTATSTETKTITRIIHYVDKVTNQNVKEDVVQPVTLSRTKTENKVTGVVTYGEWTTGNWDEVISGKIDKYKDPDIPTV
ESQEVTSDSSDKEITVRYDRLST
;
_struct_ref.pdbx_align_begin           2 
_struct_ref.pdbx_db_isoform            ? 
# 
_struct_ref_seq.align_id                      1 
_struct_ref_seq.ref_id                        1 
_struct_ref_seq.pdbx_PDB_id_code              3NZ3 
_struct_ref_seq.pdbx_strand_id                A 
_struct_ref_seq.seq_align_beg                 10 
_struct_ref_seq.pdbx_seq_align_beg_ins_code   ? 
_struct_ref_seq.seq_align_end                 112 
_struct_ref_seq.pdbx_seq_align_end_ins_code   ? 
_struct_ref_seq.pdbx_db_accession             Q8CYK3 
_struct_ref_seq.db_align_beg                  2 
_struct_ref_seq.pdbx_db_align_beg_ins_code    ? 
_struct_ref_seq.db_align_end                  104 
_struct_ref_seq.pdbx_db_align_end_ins_code    ? 
_struct_ref_seq.pdbx_auth_seq_align_beg       2 
_struct_ref_seq.pdbx_auth_seq_align_end       104 
# 
loop_
_struct_ref_seq_dif.align_id 
_struct_ref_seq_dif.pdbx_pdb_id_code 
_struct_ref_seq_dif.mon_id 
_struct_ref_seq_dif.pdbx_pdb_strand_id 
_struct_ref_seq_dif.seq_num 
_struct_ref_seq_dif.pdbx_pdb_ins_code 
_struct_ref_seq_dif.pdbx_seq_db_name 
_struct_ref_seq_dif.pdbx_seq_db_accession_code 
_struct_ref_seq_dif.db_mon_id 
_struct_ref_seq_dif.pdbx_seq_db_seq_num 
_struct_ref_seq_dif.details 
_struct_ref_seq_dif.pdbx_auth_seq_num 
_struct_ref_seq_dif.pdbx_ordinal 
1 3NZ3 MET A 1 ? UNP Q8CYK3 ? ? 'expression tag' -7 1 
1 3NZ3 GLY A 2 ? UNP Q8CYK3 ? ? 'expression tag' -6 2 
1 3NZ3 HIS A 3 ? UNP Q8CYK3 ? ? 'expression tag' -5 3 
1 3NZ3 HIS A 4 ? UNP Q8CYK3 ? ? 'expression tag' -4 4 
1 3NZ3 HIS A 5 ? UNP Q8CYK3 ? ? 'expression tag' -3 5 
1 3NZ3 HIS A 6 ? UNP Q8CYK3 ? ? 'expression tag' -2 6 
1 3NZ3 HIS A 7 ? UNP Q8CYK3 ? ? 'expression tag' -1 7 
1 3NZ3 HIS A 8 ? UNP Q8CYK3 ? ? 'expression tag' 0  8 
1 3NZ3 VAL A 9 ? UNP Q8CYK3 ? ? 'expression tag' 1  9 
# 
_pdbx_struct_assembly.id                   1 
_pdbx_struct_assembly.details              author_and_software_defined_assembly 
_pdbx_struct_assembly.method_details       PISA 
_pdbx_struct_assembly.oligomeric_details   monomeric 
_pdbx_struct_assembly.oligomeric_count     1 
# 
_pdbx_struct_assembly_gen.assembly_id       1 
_pdbx_struct_assembly_gen.oper_expression   1 
_pdbx_struct_assembly_gen.asym_id_list      A,B,C,D 
# 
_pdbx_struct_oper_list.id                   1 
_pdbx_struct_oper_list.type                 'identity operation' 
_pdbx_struct_oper_list.name                 1_555 
_pdbx_struct_oper_list.symmetry_operation   x,y,z 
_pdbx_struct_oper_list.matrix[1][1]         1.0000000000 
_pdbx_struct_oper_list.matrix[1][2]         0.0000000000 
_pdbx_struct_oper_list.matrix[1][3]         0.0000000000 
_pdbx_struct_oper_list.vector[1]            0.0000000000 
_pdbx_struct_oper_list.matrix[2][1]         0.0000000000 
_pdbx_struct_oper_list.matrix[2][2]         1.0000000000 
_pdbx_struct_oper_list.matrix[2][3]         0.0000000000 
_pdbx_struct_oper_list.vector[2]            0.0000000000 
_pdbx_struct_oper_list.matrix[3][1]         0.0000000000 
_pdbx_struct_oper_list.matrix[3][2]         0.0000000000 
_pdbx_struct_oper_list.matrix[3][3]         1.0000000000 
_pdbx_struct_oper_list.vector[3]            0.0000000000 
# 
_struct_biol.id        1 
_struct_biol.details   ? 
# 
loop_
_struct_sheet.id 
_struct_sheet.type 
_struct_sheet.number_strands 
_struct_sheet.details 
A ? 4 ? 
B ? 2 ? 
C ? 2 ? 
# 
loop_
_struct_sheet_order.sheet_id 
_struct_sheet_order.range_id_1 
_struct_sheet_order.range_id_2 
_struct_sheet_order.offset 
_struct_sheet_order.sense 
A 1 2 ? anti-parallel 
A 2 3 ? anti-parallel 
A 3 4 ? parallel      
B 1 2 ? anti-parallel 
C 1 2 ? anti-parallel 
# 
loop_
_struct_sheet_range.sheet_id 
_struct_sheet_range.id 
_struct_sheet_range.beg_label_comp_id 
_struct_sheet_range.beg_label_asym_id 
_struct_sheet_range.beg_label_seq_id 
_struct_sheet_range.pdbx_beg_PDB_ins_code 
_struct_sheet_range.end_label_comp_id 
_struct_sheet_range.end_label_asym_id 
_struct_sheet_range.end_label_seq_id 
_struct_sheet_range.pdbx_end_PDB_ins_code 
_struct_sheet_range.beg_auth_comp_id 
_struct_sheet_range.beg_auth_asym_id 
_struct_sheet_range.beg_auth_seq_id 
_struct_sheet_range.end_auth_comp_id 
_struct_sheet_range.end_auth_asym_id 
_struct_sheet_range.end_auth_seq_id 
A 1 VAL A 60  ? TYR A 62  ? VAL A 52 TYR A 54 
A 2 ASN A 36  ? GLU A 53  ? ASN A 28 GLU A 45 
A 3 ALA A 14  ? ASP A 30  ? ALA A 6  ASP A 22 
A 4 LYS A 101 ? TYR A 107 ? LYS A 93 TYR A 99 
B 1 GLY A 68  ? TRP A 70  ? GLY A 60 TRP A 62 
B 2 GLN A 92  ? VAL A 94  ? GLN A 84 VAL A 86 
C 1 VAL A 73  ? ILE A 74  ? VAL A 65 ILE A 66 
C 2 THR A 88  ? VAL A 89  ? THR A 80 VAL A 81 
# 
loop_
_pdbx_struct_sheet_hbond.sheet_id 
_pdbx_struct_sheet_hbond.range_id_1 
_pdbx_struct_sheet_hbond.range_id_2 
_pdbx_struct_sheet_hbond.range_1_label_atom_id 
_pdbx_struct_sheet_hbond.range_1_label_comp_id 
_pdbx_struct_sheet_hbond.range_1_label_asym_id 
_pdbx_struct_sheet_hbond.range_1_label_seq_id 
_pdbx_struct_sheet_hbond.range_1_PDB_ins_code 
_pdbx_struct_sheet_hbond.range_1_auth_atom_id 
_pdbx_struct_sheet_hbond.range_1_auth_comp_id 
_pdbx_struct_sheet_hbond.range_1_auth_asym_id 
_pdbx_struct_sheet_hbond.range_1_auth_seq_id 
_pdbx_struct_sheet_hbond.range_2_label_atom_id 
_pdbx_struct_sheet_hbond.range_2_label_comp_id 
_pdbx_struct_sheet_hbond.range_2_label_asym_id 
_pdbx_struct_sheet_hbond.range_2_label_seq_id 
_pdbx_struct_sheet_hbond.range_2_PDB_ins_code 
_pdbx_struct_sheet_hbond.range_2_auth_atom_id 
_pdbx_struct_sheet_hbond.range_2_auth_comp_id 
_pdbx_struct_sheet_hbond.range_2_auth_asym_id 
_pdbx_struct_sheet_hbond.range_2_auth_seq_id 
A 1 2 O THR A 61 ? O THR A 53 N THR A 52  ? N THR A 44 
A 2 3 O LYS A 51 ? O LYS A 43 N SER A 16  ? N SER A 8  
A 3 4 N HIS A 27 ? N HIS A 19 O ILE A 103 ? O ILE A 95 
B 1 2 N GLY A 68 ? N GLY A 60 O VAL A 94  ? O VAL A 86 
C 1 2 N VAL A 73 ? N VAL A 65 O VAL A 89  ? O VAL A 81 
# 
loop_
_struct_site.id 
_struct_site.pdbx_evidence_code 
_struct_site.pdbx_auth_asym_id 
_struct_site.pdbx_auth_comp_id 
_struct_site.pdbx_auth_seq_id 
_struct_site.pdbx_auth_ins_code 
_struct_site.pdbx_num_residues 
_struct_site.details 
AC1 Software A PGE 301 ? 6 'BINDING SITE FOR RESIDUE PGE A 301' 
AC2 Software A SO4 401 ? 6 'BINDING SITE FOR RESIDUE SO4 A 401' 
# 
loop_
_struct_site_gen.id 
_struct_site_gen.site_id 
_struct_site_gen.pdbx_num_res 
_struct_site_gen.label_comp_id 
_struct_site_gen.label_asym_id 
_struct_site_gen.label_seq_id 
_struct_site_gen.pdbx_auth_ins_code 
_struct_site_gen.auth_comp_id 
_struct_site_gen.auth_asym_id 
_struct_site_gen.auth_seq_id 
_struct_site_gen.label_atom_id 
_struct_site_gen.label_alt_id 
_struct_site_gen.symmetry 
_struct_site_gen.details 
1  AC1 6 GLN A 35  ? GLN A 27  . ? 1_555 ? 
2  AC1 6 ASN A 36  ? ASN A 28  . ? 1_555 ? 
3  AC1 6 LYS A 38  ? LYS A 30  . ? 1_555 ? 
4  AC1 6 HOH D .   ? HOH A 105 . ? 5_655 ? 
5  AC1 6 HOH D .   ? HOH A 105 . ? 1_555 ? 
6  AC1 6 HOH D .   ? HOH A 232 . ? 1_555 ? 
7  AC2 6 SER A 98  ? SER A 90  . ? 1_555 ? 
8  AC2 6 SER A 99  ? SER A 91  . ? 1_555 ? 
9  AC2 6 LYS A 101 ? LYS A 93  . ? 1_555 ? 
10 AC2 6 HOH D .   ? HOH A 180 . ? 1_555 ? 
11 AC2 6 HOH D .   ? HOH A 192 . ? 1_555 ? 
12 AC2 6 HOH D .   ? HOH A 235 . ? 1_555 ? 
# 
_pdbx_validate_torsion.id              1 
_pdbx_validate_torsion.PDB_model_num   1 
_pdbx_validate_torsion.auth_comp_id    LYS 
_pdbx_validate_torsion.auth_asym_id    A 
_pdbx_validate_torsion.auth_seq_id     72 
_pdbx_validate_torsion.PDB_ins_code    ? 
_pdbx_validate_torsion.label_alt_id    ? 
_pdbx_validate_torsion.phi             84.90 
_pdbx_validate_torsion.psi             -4.28 
# 
loop_
_pdbx_struct_special_symmetry.id 
_pdbx_struct_special_symmetry.PDB_model_num 
_pdbx_struct_special_symmetry.auth_asym_id 
_pdbx_struct_special_symmetry.auth_comp_id 
_pdbx_struct_special_symmetry.auth_seq_id 
_pdbx_struct_special_symmetry.PDB_ins_code 
_pdbx_struct_special_symmetry.label_asym_id 
_pdbx_struct_special_symmetry.label_comp_id 
_pdbx_struct_special_symmetry.label_seq_id 
1 1 A HOH 105 ? D HOH . 
2 1 A HOH 106 ? D HOH . 
3 1 A HOH 113 ? D HOH . 
# 
loop_
_pdbx_unobs_or_zero_occ_residues.id 
_pdbx_unobs_or_zero_occ_residues.PDB_model_num 
_pdbx_unobs_or_zero_occ_residues.polymer_flag 
_pdbx_unobs_or_zero_occ_residues.occupancy_flag 
_pdbx_unobs_or_zero_occ_residues.auth_asym_id 
_pdbx_unobs_or_zero_occ_residues.auth_comp_id 
_pdbx_unobs_or_zero_occ_residues.auth_seq_id 
_pdbx_unobs_or_zero_occ_residues.PDB_ins_code 
_pdbx_unobs_or_zero_occ_residues.label_asym_id 
_pdbx_unobs_or_zero_occ_residues.label_comp_id 
_pdbx_unobs_or_zero_occ_residues.label_seq_id 
1  1 Y 1 A MET -7 ? A MET 1  
2  1 Y 1 A GLY -6 ? A GLY 2  
3  1 Y 1 A HIS -5 ? A HIS 3  
4  1 Y 1 A HIS -4 ? A HIS 4  
5  1 Y 1 A HIS -3 ? A HIS 5  
6  1 Y 1 A HIS -2 ? A HIS 6  
7  1 Y 1 A HIS -1 ? A HIS 7  
8  1 Y 1 A HIS 0  ? A HIS 8  
9  1 Y 1 A VAL 1  ? A VAL 9  
10 1 Y 1 A VAL 2  ? A VAL 10 
11 1 Y 1 A PRO 3  ? A PRO 11 
12 1 Y 1 A LYS 4  ? A LYS 12 
# 
loop_
_chem_comp_atom.comp_id 
_chem_comp_atom.atom_id 
_chem_comp_atom.type_symbol 
_chem_comp_atom.pdbx_aromatic_flag 
_chem_comp_atom.pdbx_stereo_config 
_chem_comp_atom.pdbx_ordinal 
ALA N    N N N 1   
ALA CA   C N S 2   
ALA C    C N N 3   
ALA O    O N N 4   
ALA CB   C N N 5   
ALA OXT  O N N 6   
ALA H    H N N 7   
ALA H2   H N N 8   
ALA HA   H N N 9   
ALA HB1  H N N 10  
ALA HB2  H N N 11  
ALA HB3  H N N 12  
ALA HXT  H N N 13  
ARG N    N N N 14  
ARG CA   C N S 15  
ARG C    C N N 16  
ARG O    O N N 17  
ARG CB   C N N 18  
ARG CG   C N N 19  
ARG CD   C N N 20  
ARG NE   N N N 21  
ARG CZ   C N N 22  
ARG NH1  N N N 23  
ARG NH2  N N N 24  
ARG OXT  O N N 25  
ARG H    H N N 26  
ARG H2   H N N 27  
ARG HA   H N N 28  
ARG HB2  H N N 29  
ARG HB3  H N N 30  
ARG HG2  H N N 31  
ARG HG3  H N N 32  
ARG HD2  H N N 33  
ARG HD3  H N N 34  
ARG HE   H N N 35  
ARG HH11 H N N 36  
ARG HH12 H N N 37  
ARG HH21 H N N 38  
ARG HH22 H N N 39  
ARG HXT  H N N 40  
ASN N    N N N 41  
ASN CA   C N S 42  
ASN C    C N N 43  
ASN O    O N N 44  
ASN CB   C N N 45  
ASN CG   C N N 46  
ASN OD1  O N N 47  
ASN ND2  N N N 48  
ASN OXT  O N N 49  
ASN H    H N N 50  
ASN H2   H N N 51  
ASN HA   H N N 52  
ASN HB2  H N N 53  
ASN HB3  H N N 54  
ASN HD21 H N N 55  
ASN HD22 H N N 56  
ASN HXT  H N N 57  
ASP N    N N N 58  
ASP CA   C N S 59  
ASP C    C N N 60  
ASP O    O N N 61  
ASP CB   C N N 62  
ASP CG   C N N 63  
ASP OD1  O N N 64  
ASP OD2  O N N 65  
ASP OXT  O N N 66  
ASP H    H N N 67  
ASP H2   H N N 68  
ASP HA   H N N 69  
ASP HB2  H N N 70  
ASP HB3  H N N 71  
ASP HD2  H N N 72  
ASP HXT  H N N 73  
GLN N    N N N 74  
GLN CA   C N S 75  
GLN C    C N N 76  
GLN O    O N N 77  
GLN CB   C N N 78  
GLN CG   C N N 79  
GLN CD   C N N 80  
GLN OE1  O N N 81  
GLN NE2  N N N 82  
GLN OXT  O N N 83  
GLN H    H N N 84  
GLN H2   H N N 85  
GLN HA   H N N 86  
GLN HB2  H N N 87  
GLN HB3  H N N 88  
GLN HG2  H N N 89  
GLN HG3  H N N 90  
GLN HE21 H N N 91  
GLN HE22 H N N 92  
GLN HXT  H N N 93  
GLU N    N N N 94  
GLU CA   C N S 95  
GLU C    C N N 96  
GLU O    O N N 97  
GLU CB   C N N 98  
GLU CG   C N N 99  
GLU CD   C N N 100 
GLU OE1  O N N 101 
GLU OE2  O N N 102 
GLU OXT  O N N 103 
GLU H    H N N 104 
GLU H2   H N N 105 
GLU HA   H N N 106 
GLU HB2  H N N 107 
GLU HB3  H N N 108 
GLU HG2  H N N 109 
GLU HG3  H N N 110 
GLU HE2  H N N 111 
GLU HXT  H N N 112 
GLY N    N N N 113 
GLY CA   C N N 114 
GLY C    C N N 115 
GLY O    O N N 116 
GLY OXT  O N N 117 
GLY H    H N N 118 
GLY H2   H N N 119 
GLY HA2  H N N 120 
GLY HA3  H N N 121 
GLY HXT  H N N 122 
HIS N    N N N 123 
HIS CA   C N S 124 
HIS C    C N N 125 
HIS O    O N N 126 
HIS CB   C N N 127 
HIS CG   C Y N 128 
HIS ND1  N Y N 129 
HIS CD2  C Y N 130 
HIS CE1  C Y N 131 
HIS NE2  N Y N 132 
HIS OXT  O N N 133 
HIS H    H N N 134 
HIS H2   H N N 135 
HIS HA   H N N 136 
HIS HB2  H N N 137 
HIS HB3  H N N 138 
HIS HD1  H N N 139 
HIS HD2  H N N 140 
HIS HE1  H N N 141 
HIS HE2  H N N 142 
HIS HXT  H N N 143 
HOH O    O N N 144 
HOH H1   H N N 145 
HOH H2   H N N 146 
ILE N    N N N 147 
ILE CA   C N S 148 
ILE C    C N N 149 
ILE O    O N N 150 
ILE CB   C N S 151 
ILE CG1  C N N 152 
ILE CG2  C N N 153 
ILE CD1  C N N 154 
ILE OXT  O N N 155 
ILE H    H N N 156 
ILE H2   H N N 157 
ILE HA   H N N 158 
ILE HB   H N N 159 
ILE HG12 H N N 160 
ILE HG13 H N N 161 
ILE HG21 H N N 162 
ILE HG22 H N N 163 
ILE HG23 H N N 164 
ILE HD11 H N N 165 
ILE HD12 H N N 166 
ILE HD13 H N N 167 
ILE HXT  H N N 168 
LEU N    N N N 169 
LEU CA   C N S 170 
LEU C    C N N 171 
LEU O    O N N 172 
LEU CB   C N N 173 
LEU CG   C N N 174 
LEU CD1  C N N 175 
LEU CD2  C N N 176 
LEU OXT  O N N 177 
LEU H    H N N 178 
LEU H2   H N N 179 
LEU HA   H N N 180 
LEU HB2  H N N 181 
LEU HB3  H N N 182 
LEU HG   H N N 183 
LEU HD11 H N N 184 
LEU HD12 H N N 185 
LEU HD13 H N N 186 
LEU HD21 H N N 187 
LEU HD22 H N N 188 
LEU HD23 H N N 189 
LEU HXT  H N N 190 
LYS N    N N N 191 
LYS CA   C N S 192 
LYS C    C N N 193 
LYS O    O N N 194 
LYS CB   C N N 195 
LYS CG   C N N 196 
LYS CD   C N N 197 
LYS CE   C N N 198 
LYS NZ   N N N 199 
LYS OXT  O N N 200 
LYS H    H N N 201 
LYS H2   H N N 202 
LYS HA   H N N 203 
LYS HB2  H N N 204 
LYS HB3  H N N 205 
LYS HG2  H N N 206 
LYS HG3  H N N 207 
LYS HD2  H N N 208 
LYS HD3  H N N 209 
LYS HE2  H N N 210 
LYS HE3  H N N 211 
LYS HZ1  H N N 212 
LYS HZ2  H N N 213 
LYS HZ3  H N N 214 
LYS HXT  H N N 215 
MET N    N N N 216 
MET CA   C N S 217 
MET C    C N N 218 
MET O    O N N 219 
MET CB   C N N 220 
MET CG   C N N 221 
MET SD   S N N 222 
MET CE   C N N 223 
MET OXT  O N N 224 
MET H    H N N 225 
MET H2   H N N 226 
MET HA   H N N 227 
MET HB2  H N N 228 
MET HB3  H N N 229 
MET HG2  H N N 230 
MET HG3  H N N 231 
MET HE1  H N N 232 
MET HE2  H N N 233 
MET HE3  H N N 234 
MET HXT  H N N 235 
PGE C1   C N N 236 
PGE O1   O N N 237 
PGE C2   C N N 238 
PGE O2   O N N 239 
PGE C3   C N N 240 
PGE C4   C N N 241 
PGE O4   O N N 242 
PGE C6   C N N 243 
PGE C5   C N N 244 
PGE O3   O N N 245 
PGE H1   H N N 246 
PGE H12  H N N 247 
PGE HO1  H N N 248 
PGE H2   H N N 249 
PGE H22  H N N 250 
PGE H3   H N N 251 
PGE H32  H N N 252 
PGE H4   H N N 253 
PGE H42  H N N 254 
PGE HO4  H N N 255 
PGE H6   H N N 256 
PGE H62  H N N 257 
PGE H5   H N N 258 
PGE H52  H N N 259 
PRO N    N N N 260 
PRO CA   C N S 261 
PRO C    C N N 262 
PRO O    O N N 263 
PRO CB   C N N 264 
PRO CG   C N N 265 
PRO CD   C N N 266 
PRO OXT  O N N 267 
PRO H    H N N 268 
PRO HA   H N N 269 
PRO HB2  H N N 270 
PRO HB3  H N N 271 
PRO HG2  H N N 272 
PRO HG3  H N N 273 
PRO HD2  H N N 274 
PRO HD3  H N N 275 
PRO HXT  H N N 276 
SER N    N N N 277 
SER CA   C N S 278 
SER C    C N N 279 
SER O    O N N 280 
SER CB   C N N 281 
SER OG   O N N 282 
SER OXT  O N N 283 
SER H    H N N 284 
SER H2   H N N 285 
SER HA   H N N 286 
SER HB2  H N N 287 
SER HB3  H N N 288 
SER HG   H N N 289 
SER HXT  H N N 290 
SO4 S    S N N 291 
SO4 O1   O N N 292 
SO4 O2   O N N 293 
SO4 O3   O N N 294 
SO4 O4   O N N 295 
THR N    N N N 296 
THR CA   C N S 297 
THR C    C N N 298 
THR O    O N N 299 
THR CB   C N R 300 
THR OG1  O N N 301 
THR CG2  C N N 302 
THR OXT  O N N 303 
THR H    H N N 304 
THR H2   H N N 305 
THR HA   H N N 306 
THR HB   H N N 307 
THR HG1  H N N 308 
THR HG21 H N N 309 
THR HG22 H N N 310 
THR HG23 H N N 311 
THR HXT  H N N 312 
TRP N    N N N 313 
TRP CA   C N S 314 
TRP C    C N N 315 
TRP O    O N N 316 
TRP CB   C N N 317 
TRP CG   C Y N 318 
TRP CD1  C Y N 319 
TRP CD2  C Y N 320 
TRP NE1  N Y N 321 
TRP CE2  C Y N 322 
TRP CE3  C Y N 323 
TRP CZ2  C Y N 324 
TRP CZ3  C Y N 325 
TRP CH2  C Y N 326 
TRP OXT  O N N 327 
TRP H    H N N 328 
TRP H2   H N N 329 
TRP HA   H N N 330 
TRP HB2  H N N 331 
TRP HB3  H N N 332 
TRP HD1  H N N 333 
TRP HE1  H N N 334 
TRP HE3  H N N 335 
TRP HZ2  H N N 336 
TRP HZ3  H N N 337 
TRP HH2  H N N 338 
TRP HXT  H N N 339 
TYR N    N N N 340 
TYR CA   C N S 341 
TYR C    C N N 342 
TYR O    O N N 343 
TYR CB   C N N 344 
TYR CG   C Y N 345 
TYR CD1  C Y N 346 
TYR CD2  C Y N 347 
TYR CE1  C Y N 348 
TYR CE2  C Y N 349 
TYR CZ   C Y N 350 
TYR OH   O N N 351 
TYR OXT  O N N 352 
TYR H    H N N 353 
TYR H2   H N N 354 
TYR HA   H N N 355 
TYR HB2  H N N 356 
TYR HB3  H N N 357 
TYR HD1  H N N 358 
TYR HD2  H N N 359 
TYR HE1  H N N 360 
TYR HE2  H N N 361 
TYR HH   H N N 362 
TYR HXT  H N N 363 
VAL N    N N N 364 
VAL CA   C N S 365 
VAL C    C N N 366 
VAL O    O N N 367 
VAL CB   C N N 368 
VAL CG1  C N N 369 
VAL CG2  C N N 370 
VAL OXT  O N N 371 
VAL H    H N N 372 
VAL H2   H N N 373 
VAL HA   H N N 374 
VAL HB   H N N 375 
VAL HG11 H N N 376 
VAL HG12 H N N 377 
VAL HG13 H N N 378 
VAL HG21 H N N 379 
VAL HG22 H N N 380 
VAL HG23 H N N 381 
VAL HXT  H N N 382 
# 
loop_
_chem_comp_bond.comp_id 
_chem_comp_bond.atom_id_1 
_chem_comp_bond.atom_id_2 
_chem_comp_bond.value_order 
_chem_comp_bond.pdbx_aromatic_flag 
_chem_comp_bond.pdbx_stereo_config 
_chem_comp_bond.pdbx_ordinal 
ALA N   CA   sing N N 1   
ALA N   H    sing N N 2   
ALA N   H2   sing N N 3   
ALA CA  C    sing N N 4   
ALA CA  CB   sing N N 5   
ALA CA  HA   sing N N 6   
ALA C   O    doub N N 7   
ALA C   OXT  sing N N 8   
ALA CB  HB1  sing N N 9   
ALA CB  HB2  sing N N 10  
ALA CB  HB3  sing N N 11  
ALA OXT HXT  sing N N 12  
ARG N   CA   sing N N 13  
ARG N   H    sing N N 14  
ARG N   H2   sing N N 15  
ARG CA  C    sing N N 16  
ARG CA  CB   sing N N 17  
ARG CA  HA   sing N N 18  
ARG C   O    doub N N 19  
ARG C   OXT  sing N N 20  
ARG CB  CG   sing N N 21  
ARG CB  HB2  sing N N 22  
ARG CB  HB3  sing N N 23  
ARG CG  CD   sing N N 24  
ARG CG  HG2  sing N N 25  
ARG CG  HG3  sing N N 26  
ARG CD  NE   sing N N 27  
ARG CD  HD2  sing N N 28  
ARG CD  HD3  sing N N 29  
ARG NE  CZ   sing N N 30  
ARG NE  HE   sing N N 31  
ARG CZ  NH1  sing N N 32  
ARG CZ  NH2  doub N N 33  
ARG NH1 HH11 sing N N 34  
ARG NH1 HH12 sing N N 35  
ARG NH2 HH21 sing N N 36  
ARG NH2 HH22 sing N N 37  
ARG OXT HXT  sing N N 38  
ASN N   CA   sing N N 39  
ASN N   H    sing N N 40  
ASN N   H2   sing N N 41  
ASN CA  C    sing N N 42  
ASN CA  CB   sing N N 43  
ASN CA  HA   sing N N 44  
ASN C   O    doub N N 45  
ASN C   OXT  sing N N 46  
ASN CB  CG   sing N N 47  
ASN CB  HB2  sing N N 48  
ASN CB  HB3  sing N N 49  
ASN CG  OD1  doub N N 50  
ASN CG  ND2  sing N N 51  
ASN ND2 HD21 sing N N 52  
ASN ND2 HD22 sing N N 53  
ASN OXT HXT  sing N N 54  
ASP N   CA   sing N N 55  
ASP N   H    sing N N 56  
ASP N   H2   sing N N 57  
ASP CA  C    sing N N 58  
ASP CA  CB   sing N N 59  
ASP CA  HA   sing N N 60  
ASP C   O    doub N N 61  
ASP C   OXT  sing N N 62  
ASP CB  CG   sing N N 63  
ASP CB  HB2  sing N N 64  
ASP CB  HB3  sing N N 65  
ASP CG  OD1  doub N N 66  
ASP CG  OD2  sing N N 67  
ASP OD2 HD2  sing N N 68  
ASP OXT HXT  sing N N 69  
GLN N   CA   sing N N 70  
GLN N   H    sing N N 71  
GLN N   H2   sing N N 72  
GLN CA  C    sing N N 73  
GLN CA  CB   sing N N 74  
GLN CA  HA   sing N N 75  
GLN C   O    doub N N 76  
GLN C   OXT  sing N N 77  
GLN CB  CG   sing N N 78  
GLN CB  HB2  sing N N 79  
GLN CB  HB3  sing N N 80  
GLN CG  CD   sing N N 81  
GLN CG  HG2  sing N N 82  
GLN CG  HG3  sing N N 83  
GLN CD  OE1  doub N N 84  
GLN CD  NE2  sing N N 85  
GLN NE2 HE21 sing N N 86  
GLN NE2 HE22 sing N N 87  
GLN OXT HXT  sing N N 88  
GLU N   CA   sing N N 89  
GLU N   H    sing N N 90  
GLU N   H2   sing N N 91  
GLU CA  C    sing N N 92  
GLU CA  CB   sing N N 93  
GLU CA  HA   sing N N 94  
GLU C   O    doub N N 95  
GLU C   OXT  sing N N 96  
GLU CB  CG   sing N N 97  
GLU CB  HB2  sing N N 98  
GLU CB  HB3  sing N N 99  
GLU CG  CD   sing N N 100 
GLU CG  HG2  sing N N 101 
GLU CG  HG3  sing N N 102 
GLU CD  OE1  doub N N 103 
GLU CD  OE2  sing N N 104 
GLU OE2 HE2  sing N N 105 
GLU OXT HXT  sing N N 106 
GLY N   CA   sing N N 107 
GLY N   H    sing N N 108 
GLY N   H2   sing N N 109 
GLY CA  C    sing N N 110 
GLY CA  HA2  sing N N 111 
GLY CA  HA3  sing N N 112 
GLY C   O    doub N N 113 
GLY C   OXT  sing N N 114 
GLY OXT HXT  sing N N 115 
HIS N   CA   sing N N 116 
HIS N   H    sing N N 117 
HIS N   H2   sing N N 118 
HIS CA  C    sing N N 119 
HIS CA  CB   sing N N 120 
HIS CA  HA   sing N N 121 
HIS C   O    doub N N 122 
HIS C   OXT  sing N N 123 
HIS CB  CG   sing N N 124 
HIS CB  HB2  sing N N 125 
HIS CB  HB3  sing N N 126 
HIS CG  ND1  sing Y N 127 
HIS CG  CD2  doub Y N 128 
HIS ND1 CE1  doub Y N 129 
HIS ND1 HD1  sing N N 130 
HIS CD2 NE2  sing Y N 131 
HIS CD2 HD2  sing N N 132 
HIS CE1 NE2  sing Y N 133 
HIS CE1 HE1  sing N N 134 
HIS NE2 HE2  sing N N 135 
HIS OXT HXT  sing N N 136 
HOH O   H1   sing N N 137 
HOH O   H2   sing N N 138 
ILE N   CA   sing N N 139 
ILE N   H    sing N N 140 
ILE N   H2   sing N N 141 
ILE CA  C    sing N N 142 
ILE CA  CB   sing N N 143 
ILE CA  HA   sing N N 144 
ILE C   O    doub N N 145 
ILE C   OXT  sing N N 146 
ILE CB  CG1  sing N N 147 
ILE CB  CG2  sing N N 148 
ILE CB  HB   sing N N 149 
ILE CG1 CD1  sing N N 150 
ILE CG1 HG12 sing N N 151 
ILE CG1 HG13 sing N N 152 
ILE CG2 HG21 sing N N 153 
ILE CG2 HG22 sing N N 154 
ILE CG2 HG23 sing N N 155 
ILE CD1 HD11 sing N N 156 
ILE CD1 HD12 sing N N 157 
ILE CD1 HD13 sing N N 158 
ILE OXT HXT  sing N N 159 
LEU N   CA   sing N N 160 
LEU N   H    sing N N 161 
LEU N   H2   sing N N 162 
LEU CA  C    sing N N 163 
LEU CA  CB   sing N N 164 
LEU CA  HA   sing N N 165 
LEU C   O    doub N N 166 
LEU C   OXT  sing N N 167 
LEU CB  CG   sing N N 168 
LEU CB  HB2  sing N N 169 
LEU CB  HB3  sing N N 170 
LEU CG  CD1  sing N N 171 
LEU CG  CD2  sing N N 172 
LEU CG  HG   sing N N 173 
LEU CD1 HD11 sing N N 174 
LEU CD1 HD12 sing N N 175 
LEU CD1 HD13 sing N N 176 
LEU CD2 HD21 sing N N 177 
LEU CD2 HD22 sing N N 178 
LEU CD2 HD23 sing N N 179 
LEU OXT HXT  sing N N 180 
LYS N   CA   sing N N 181 
LYS N   H    sing N N 182 
LYS N   H2   sing N N 183 
LYS CA  C    sing N N 184 
LYS CA  CB   sing N N 185 
LYS CA  HA   sing N N 186 
LYS C   O    doub N N 187 
LYS C   OXT  sing N N 188 
LYS CB  CG   sing N N 189 
LYS CB  HB2  sing N N 190 
LYS CB  HB3  sing N N 191 
LYS CG  CD   sing N N 192 
LYS CG  HG2  sing N N 193 
LYS CG  HG3  sing N N 194 
LYS CD  CE   sing N N 195 
LYS CD  HD2  sing N N 196 
LYS CD  HD3  sing N N 197 
LYS CE  NZ   sing N N 198 
LYS CE  HE2  sing N N 199 
LYS CE  HE3  sing N N 200 
LYS NZ  HZ1  sing N N 201 
LYS NZ  HZ2  sing N N 202 
LYS NZ  HZ3  sing N N 203 
LYS OXT HXT  sing N N 204 
MET N   CA   sing N N 205 
MET N   H    sing N N 206 
MET N   H2   sing N N 207 
MET CA  C    sing N N 208 
MET CA  CB   sing N N 209 
MET CA  HA   sing N N 210 
MET C   O    doub N N 211 
MET C   OXT  sing N N 212 
MET CB  CG   sing N N 213 
MET CB  HB2  sing N N 214 
MET CB  HB3  sing N N 215 
MET CG  SD   sing N N 216 
MET CG  HG2  sing N N 217 
MET CG  HG3  sing N N 218 
MET SD  CE   sing N N 219 
MET CE  HE1  sing N N 220 
MET CE  HE2  sing N N 221 
MET CE  HE3  sing N N 222 
MET OXT HXT  sing N N 223 
PGE C1  O1   sing N N 224 
PGE C1  C2   sing N N 225 
PGE C1  H1   sing N N 226 
PGE C1  H12  sing N N 227 
PGE O1  HO1  sing N N 228 
PGE C2  O2   sing N N 229 
PGE C2  H2   sing N N 230 
PGE C2  H22  sing N N 231 
PGE O2  C3   sing N N 232 
PGE C3  C4   sing N N 233 
PGE C3  H3   sing N N 234 
PGE C3  H32  sing N N 235 
PGE C4  O3   sing N N 236 
PGE C4  H4   sing N N 237 
PGE C4  H42  sing N N 238 
PGE O4  C6   sing N N 239 
PGE O4  HO4  sing N N 240 
PGE C6  C5   sing N N 241 
PGE C6  H6   sing N N 242 
PGE C6  H62  sing N N 243 
PGE C5  O3   sing N N 244 
PGE C5  H5   sing N N 245 
PGE C5  H52  sing N N 246 
PRO N   CA   sing N N 247 
PRO N   CD   sing N N 248 
PRO N   H    sing N N 249 
PRO CA  C    sing N N 250 
PRO CA  CB   sing N N 251 
PRO CA  HA   sing N N 252 
PRO C   O    doub N N 253 
PRO C   OXT  sing N N 254 
PRO CB  CG   sing N N 255 
PRO CB  HB2  sing N N 256 
PRO CB  HB3  sing N N 257 
PRO CG  CD   sing N N 258 
PRO CG  HG2  sing N N 259 
PRO CG  HG3  sing N N 260 
PRO CD  HD2  sing N N 261 
PRO CD  HD3  sing N N 262 
PRO OXT HXT  sing N N 263 
SER N   CA   sing N N 264 
SER N   H    sing N N 265 
SER N   H2   sing N N 266 
SER CA  C    sing N N 267 
SER CA  CB   sing N N 268 
SER CA  HA   sing N N 269 
SER C   O    doub N N 270 
SER C   OXT  sing N N 271 
SER CB  OG   sing N N 272 
SER CB  HB2  sing N N 273 
SER CB  HB3  sing N N 274 
SER OG  HG   sing N N 275 
SER OXT HXT  sing N N 276 
SO4 S   O1   doub N N 277 
SO4 S   O2   doub N N 278 
SO4 S   O3   sing N N 279 
SO4 S   O4   sing N N 280 
THR N   CA   sing N N 281 
THR N   H    sing N N 282 
THR N   H2   sing N N 283 
THR CA  C    sing N N 284 
THR CA  CB   sing N N 285 
THR CA  HA   sing N N 286 
THR C   O    doub N N 287 
THR C   OXT  sing N N 288 
THR CB  OG1  sing N N 289 
THR CB  CG2  sing N N 290 
THR CB  HB   sing N N 291 
THR OG1 HG1  sing N N 292 
THR CG2 HG21 sing N N 293 
THR CG2 HG22 sing N N 294 
THR CG2 HG23 sing N N 295 
THR OXT HXT  sing N N 296 
TRP N   CA   sing N N 297 
TRP N   H    sing N N 298 
TRP N   H2   sing N N 299 
TRP CA  C    sing N N 300 
TRP CA  CB   sing N N 301 
TRP CA  HA   sing N N 302 
TRP C   O    doub N N 303 
TRP C   OXT  sing N N 304 
TRP CB  CG   sing N N 305 
TRP CB  HB2  sing N N 306 
TRP CB  HB3  sing N N 307 
TRP CG  CD1  doub Y N 308 
TRP CG  CD2  sing Y N 309 
TRP CD1 NE1  sing Y N 310 
TRP CD1 HD1  sing N N 311 
TRP CD2 CE2  doub Y N 312 
TRP CD2 CE3  sing Y N 313 
TRP NE1 CE2  sing Y N 314 
TRP NE1 HE1  sing N N 315 
TRP CE2 CZ2  sing Y N 316 
TRP CE3 CZ3  doub Y N 317 
TRP CE3 HE3  sing N N 318 
TRP CZ2 CH2  doub Y N 319 
TRP CZ2 HZ2  sing N N 320 
TRP CZ3 CH2  sing Y N 321 
TRP CZ3 HZ3  sing N N 322 
TRP CH2 HH2  sing N N 323 
TRP OXT HXT  sing N N 324 
TYR N   CA   sing N N 325 
TYR N   H    sing N N 326 
TYR N   H2   sing N N 327 
TYR CA  C    sing N N 328 
TYR CA  CB   sing N N 329 
TYR CA  HA   sing N N 330 
TYR C   O    doub N N 331 
TYR C   OXT  sing N N 332 
TYR CB  CG   sing N N 333 
TYR CB  HB2  sing N N 334 
TYR CB  HB3  sing N N 335 
TYR CG  CD1  doub Y N 336 
TYR CG  CD2  sing Y N 337 
TYR CD1 CE1  sing Y N 338 
TYR CD1 HD1  sing N N 339 
TYR CD2 CE2  doub Y N 340 
TYR CD2 HD2  sing N N 341 
TYR CE1 CZ   doub Y N 342 
TYR CE1 HE1  sing N N 343 
TYR CE2 CZ   sing Y N 344 
TYR CE2 HE2  sing N N 345 
TYR CZ  OH   sing N N 346 
TYR OH  HH   sing N N 347 
TYR OXT HXT  sing N N 348 
VAL N   CA   sing N N 349 
VAL N   H    sing N N 350 
VAL N   H2   sing N N 351 
VAL CA  C    sing N N 352 
VAL CA  CB   sing N N 353 
VAL CA  HA   sing N N 354 
VAL C   O    doub N N 355 
VAL C   OXT  sing N N 356 
VAL CB  CG1  sing N N 357 
VAL CB  CG2  sing N N 358 
VAL CB  HB   sing N N 359 
VAL CG1 HG11 sing N N 360 
VAL CG1 HG12 sing N N 361 
VAL CG1 HG13 sing N N 362 
VAL CG2 HG21 sing N N 363 
VAL CG2 HG22 sing N N 364 
VAL CG2 HG23 sing N N 365 
VAL OXT HXT  sing N N 366 
# 
_atom_sites.entry_id                    3NZ3 
_atom_sites.fract_transf_matrix[1][1]   -0.00459463 
_atom_sites.fract_transf_matrix[1][2]   -0.00351434 
_atom_sites.fract_transf_matrix[1][3]   0.01238468 
_atom_sites.fract_transf_matrix[2][1]   0.00014776 
_atom_sites.fract_transf_matrix[2][2]   0.01313456 
_atom_sites.fract_transf_matrix[2][3]   0.00378195 
_atom_sites.fract_transf_matrix[3][1]   -0.00865470 
_atom_sites.fract_transf_matrix[3][2]   0.00094470 
_atom_sites.fract_transf_matrix[3][3]   -0.00294276 
_atom_sites.fract_transf_vector[1]      0.521173 
_atom_sites.fract_transf_vector[2]      0.254025 
_atom_sites.fract_transf_vector[3]      0.482259 
# 
loop_
_atom_type.symbol 
C 
N 
O 
S 
# 
loop_
_atom_site.group_PDB 
_atom_site.id 
_atom_site.type_symbol 
_atom_site.label_atom_id 
_atom_site.label_alt_id 
_atom_site.label_comp_id 
_atom_site.label_asym_id 
_atom_site.label_entity_id 
_atom_site.label_seq_id 
_atom_site.pdbx_PDB_ins_code 
_atom_site.Cartn_x 
_atom_site.Cartn_y 
_atom_site.Cartn_z 
_atom_site.occupancy 
_atom_site.B_iso_or_equiv 
_atom_site.pdbx_formal_charge 
_atom_site.auth_seq_id 
_atom_site.auth_comp_id 
_atom_site.auth_asym_id 
_atom_site.auth_atom_id 
_atom_site.pdbx_PDB_model_num 
ATOM   1   N N   . THR A 1 13  ? -12.005 33.085  -6.659  0.80 34.91 ? 5   THR A N   1 
ATOM   2   C CA  . THR A 1 13  ? -11.105 31.957  -7.048  0.80 34.63 ? 5   THR A CA  1 
ATOM   3   C C   . THR A 1 13  ? -10.207 31.510  -5.883  0.80 33.95 ? 5   THR A C   1 
ATOM   4   O O   . THR A 1 13  ? -9.010  31.818  -5.843  0.80 34.28 ? 5   THR A O   1 
ATOM   5   C CB  . THR A 1 13  ? -10.283 32.299  -8.329  0.80 34.91 ? 5   THR A CB  1 
ATOM   6   O OG1 . THR A 1 13  ? -9.411  31.210  -8.661  0.80 35.90 ? 5   THR A OG1 1 
ATOM   7   C CG2 . THR A 1 13  ? -9.469  33.595  -8.150  0.80 35.58 ? 5   THR A CG2 1 
ATOM   8   N N   . ALA A 1 14  ? -10.803 30.792  -4.930  1.00 32.91 ? 6   ALA A N   1 
ATOM   9   C CA  . ALA A 1 14  ? -10.078 30.272  -3.764  1.00 31.64 ? 6   ALA A CA  1 
ATOM   10  C C   . ALA A 1 14  ? -9.500  28.889  -4.051  1.00 30.66 ? 6   ALA A C   1 
ATOM   11  O O   . ALA A 1 14  ? -10.228 27.966  -4.439  1.00 30.51 ? 6   ALA A O   1 
ATOM   12  C CB  . ALA A 1 14  ? -10.988 30.229  -2.539  1.00 31.81 ? 6   ALA A CB  1 
ATOM   13  N N   . THR A 1 15  ? -8.189  28.762  -3.857  1.00 29.01 ? 7   THR A N   1 
ATOM   14  C CA  . THR A 1 15  ? -7.471  27.520  -4.122  1.00 27.58 ? 7   THR A CA  1 
ATOM   15  C C   . THR A 1 15  ? -7.211  26.772  -2.810  1.00 26.00 ? 7   THR A C   1 
ATOM   16  O O   . THR A 1 15  ? -6.817  27.369  -1.801  1.00 25.77 ? 7   THR A O   1 
ATOM   17  C CB  . THR A 1 15  ? -6.137  27.793  -4.871  1.00 27.61 ? 7   THR A CB  1 
ATOM   18  O OG1 . THR A 1 15  ? -6.417  28.311  -6.179  1.00 29.49 ? 7   THR A OG1 1 
ATOM   19  C CG2 . THR A 1 15  ? -5.306  26.528  -5.023  1.00 28.68 ? 7   THR A CG2 1 
ATOM   20  N N   . SER A 1 16  ? -7.461  25.469  -2.831  1.00 23.72 ? 8   SER A N   1 
ATOM   21  C CA  . SER A 1 16  ? -7.080  24.588  -1.736  1.00 21.78 ? 8   SER A CA  1 
ATOM   22  C C   . SER A 1 16  ? -6.656  23.267  -2.346  1.00 20.68 ? 8   SER A C   1 
ATOM   23  O O   . SER A 1 16  ? -6.751  23.079  -3.569  1.00 20.32 ? 8   SER A O   1 
ATOM   24  C CB  . SER A 1 16  ? -8.245  24.396  -0.756  1.00 21.81 ? 8   SER A CB  1 
ATOM   25  O OG  . SER A 1 16  ? -9.389  23.868  -1.404  1.00 20.70 ? 8   SER A OG  1 
ATOM   26  N N   . THR A 1 17  ? -6.199  22.354  -1.497  1.00 19.48 ? 9   THR A N   1 
ATOM   27  C CA  . THR A 1 17  ? -5.717  21.059  -1.941  1.00 18.37 ? 9   THR A CA  1 
ATOM   28  C C   . THR A 1 17  ? -6.458  19.963  -1.196  1.00 18.39 ? 9   THR A C   1 
ATOM   29  O O   . THR A 1 17  ? -6.647  20.050  0.020   1.00 18.35 ? 9   THR A O   1 
ATOM   30  C CB  . THR A 1 17  ? -4.199  20.934  -1.695  1.00 18.65 ? 9   THR A CB  1 
ATOM   31  O OG1 . THR A 1 17  ? -3.543  22.086  -2.229  1.00 16.55 ? 9   THR A OG1 1 
ATOM   32  C CG2 . THR A 1 17  ? -3.622  19.677  -2.331  1.00 18.66 ? 9   THR A CG2 1 
ATOM   33  N N   . GLU A 1 18  ? -6.896  18.947  -1.935  1.00 17.95 ? 10  GLU A N   1 
ATOM   34  C CA  . GLU A 1 18  ? -7.440  17.738  -1.328  1.00 17.94 ? 10  GLU A CA  1 
ATOM   35  C C   . GLU A 1 18  ? -6.382  16.644  -1.389  1.00 17.61 ? 10  GLU A C   1 
ATOM   36  O O   . GLU A 1 18  ? -5.706  16.482  -2.407  1.00 17.24 ? 10  GLU A O   1 
ATOM   37  C CB  . GLU A 1 18  ? -8.714  17.278  -2.045  1.00 18.03 ? 10  GLU A CB  1 
ATOM   38  C CG  . GLU A 1 18  ? -9.431  16.115  -1.349  0.50 19.02 ? 10  GLU A CG  1 
ATOM   39  C CD  . GLU A 1 18  ? -10.677 15.626  -2.090  1.00 22.33 ? 10  GLU A CD  1 
ATOM   40  O OE1 . GLU A 1 18  ? -11.059 16.242  -3.116  1.00 21.55 ? 10  GLU A OE1 1 
ATOM   41  O OE2 . GLU A 1 18  ? -11.268 14.619  -1.633  1.00 22.30 ? 10  GLU A OE2 1 
ATOM   42  N N   . THR A 1 19  ? -6.232  15.906  -0.293  1.00 17.61 ? 11  THR A N   1 
ATOM   43  C CA  . THR A 1 19  ? -5.324  14.757  -0.269  1.00 17.68 ? 11  THR A CA  1 
ATOM   44  C C   . THR A 1 19  ? -6.014  13.536  0.300   1.00 17.56 ? 11  THR A C   1 
ATOM   45  O O   . THR A 1 19  ? -6.915  13.649  1.139   1.00 17.27 ? 11  THR A O   1 
ATOM   46  C CB  . THR A 1 19  ? -4.050  15.018  0.565   1.00 17.82 ? 11  THR A CB  1 
ATOM   47  O OG1 . THR A 1 19  ? -4.417  15.335  1.911   1.00 19.43 ? 11  THR A OG1 1 
ATOM   48  C CG2 . THR A 1 19  ? -3.224  16.160  -0.032  1.00 18.34 ? 11  THR A CG2 1 
ATOM   49  N N   . LYS A 1 20  ? -5.590  12.368  -0.167  1.00 17.54 ? 12  LYS A N   1 
ATOM   50  C CA  . LYS A 1 20  ? -6.041  11.108  0.405   1.00 17.89 ? 12  LYS A CA  1 
ATOM   51  C C   . LYS A 1 20  ? -4.908  10.092  0.379   1.00 17.72 ? 12  LYS A C   1 
ATOM   52  O O   . LYS A 1 20  ? -4.028  10.158  -0.476  1.00 17.31 ? 12  LYS A O   1 
ATOM   53  C CB  . LYS A 1 20  ? -7.281  10.578  -0.322  1.00 18.00 ? 12  LYS A CB  1 
ATOM   54  C CG  . LYS A 1 20  ? -7.080  10.170  -1.756  1.00 19.68 ? 12  LYS A CG  1 
ATOM   55  C CD  . LYS A 1 20  ? -8.388  9.572   -2.278  1.00 22.77 ? 12  LYS A CD  1 
ATOM   56  C CE  . LYS A 1 20  ? -8.266  9.111   -3.703  1.00 24.04 ? 12  LYS A CE  1 
ATOM   57  N NZ  . LYS A 1 20  ? -9.548  8.473   -4.147  1.00 26.17 ? 12  LYS A NZ  1 
ATOM   58  N N   . THR A 1 21  ? -4.937  9.165   1.330   1.00 18.08 ? 13  THR A N   1 
ATOM   59  C CA  . THR A 1 21  ? -3.881  8.168   1.476   1.00 18.22 ? 13  THR A CA  1 
ATOM   60  C C   . THR A 1 21  ? -4.435  6.786   1.144   1.00 18.48 ? 13  THR A C   1 
ATOM   61  O O   . THR A 1 21  ? -5.513  6.399   1.614   1.00 18.26 ? 13  THR A O   1 
ATOM   62  C CB  . THR A 1 21  ? -3.258  8.202   2.887   1.00 18.42 ? 13  THR A CB  1 
ATOM   63  O OG1 . THR A 1 21  ? -2.805  9.532   3.170   1.00 18.50 ? 13  THR A OG1 1 
ATOM   64  C CG2 . THR A 1 21  ? -2.069  7.235   2.998   1.00 17.99 ? 13  THR A CG2 1 
ATOM   65  N N   . ILE A 1 22  ? -3.694  6.070   0.303   1.00 18.56 ? 14  ILE A N   1 
ATOM   66  C CA  . ILE A 1 22  ? -4.006  4.698   -0.078  1.00 18.73 ? 14  ILE A CA  1 
ATOM   67  C C   . ILE A 1 22  ? -2.821  3.839   0.349   1.00 18.58 ? 14  ILE A C   1 
ATOM   68  O O   . ILE A 1 22  ? -1.672  4.155   0.023   1.00 18.23 ? 14  ILE A O   1 
ATOM   69  C CB  . ILE A 1 22  ? -4.264  4.575   -1.602  1.00 18.81 ? 14  ILE A CB  1 
ATOM   70  C CG1 . ILE A 1 22  ? -5.324  5.599   -2.040  1.00 19.61 ? 14  ILE A CG1 1 
ATOM   71  C CG2 . ILE A 1 22  ? -4.723  3.161   -1.959  1.00 18.96 ? 14  ILE A CG2 1 
ATOM   72  C CD1 . ILE A 1 22  ? -5.353  5.874   -3.519  1.00 20.14 ? 14  ILE A CD1 1 
ATOM   73  N N   . THR A 1 23  ? -3.102  2.766   1.085   1.00 18.39 ? 15  THR A N   1 
ATOM   74  C CA  . THR A 1 23  ? -2.052  2.023   1.779   1.00 18.52 ? 15  THR A CA  1 
ATOM   75  C C   . THR A 1 23  ? -2.057  0.526   1.450   1.00 18.57 ? 15  THR A C   1 
ATOM   76  O O   . THR A 1 23  ? -3.117  -0.111  1.384   1.00 18.32 ? 15  THR A O   1 
ATOM   77  C CB  . THR A 1 23  ? -2.164  2.223   3.314   1.00 18.96 ? 15  THR A CB  1 
ATOM   78  O OG1 . THR A 1 23  ? -2.244  3.622   3.618   1.00 17.81 ? 15  THR A OG1 1 
ATOM   79  C CG2 . THR A 1 23  ? -0.956  1.631   4.044   1.00 18.61 ? 15  THR A CG2 1 
ATOM   80  N N   . ARG A 1 24  ? -0.863  -0.021  1.230   1.00 18.40 ? 16  ARG A N   1 
ATOM   81  C CA  . ARG A 1 24  ? -0.684  -1.461  1.160   1.00 18.12 ? 16  ARG A CA  1 
ATOM   82  C C   . ARG A 1 24  ? 0.054   -1.960  2.395   1.00 18.10 ? 16  ARG A C   1 
ATOM   83  O O   . ARG A 1 24  ? 1.117   -1.439  2.763   1.00 17.55 ? 16  ARG A O   1 
ATOM   84  C CB  . ARG A 1 24  ? 0.067   -1.882  -0.104  1.00 18.52 ? 16  ARG A CB  1 
ATOM   85  C CG  . ARG A 1 24  ? 0.272   -3.403  -0.203  1.00 18.66 ? 16  ARG A CG  1 
ATOM   86  C CD  . ARG A 1 24  ? 0.757   -3.827  -1.586  1.00 19.66 ? 16  ARG A CD  1 
ATOM   87  N NE  . ARG A 1 24  ? 2.160   -3.486  -1.813  1.00 21.12 ? 16  ARG A NE  1 
ATOM   88  C CZ  . ARG A 1 24  ? 2.824   -3.739  -2.938  1.00 21.55 ? 16  ARG A CZ  1 
ATOM   89  N NH1 . ARG A 1 24  ? 2.217   -4.346  -3.957  1.00 21.46 ? 16  ARG A NH1 1 
ATOM   90  N NH2 . ARG A 1 24  ? 4.099   -3.390  -3.044  1.00 21.20 ? 16  ARG A NH2 1 
ATOM   91  N N   . ILE A 1 25  ? -0.517  -2.975  3.029   1.00 17.64 ? 17  ILE A N   1 
ATOM   92  C CA  . ILE A 1 25  ? 0.142   -3.638  4.147   1.00 17.94 ? 17  ILE A CA  1 
ATOM   93  C C   . ILE A 1 25  ? 0.532   -5.055  3.755   1.00 18.03 ? 17  ILE A C   1 
ATOM   94  O O   . ILE A 1 25  ? -0.276  -5.808  3.185   1.00 17.79 ? 17  ILE A O   1 
ATOM   95  C CB  . ILE A 1 25  ? -0.744  -3.652  5.411   1.00 18.03 ? 17  ILE A CB  1 
ATOM   96  C CG1 . ILE A 1 25  ? -1.092  -2.213  5.822   1.00 18.42 ? 17  ILE A CG1 1 
ATOM   97  C CG2 . ILE A 1 25  ? -0.039  -4.387  6.562   1.00 17.85 ? 17  ILE A CG2 1 
ATOM   98  C CD1 . ILE A 1 25  ? -2.176  -2.095  6.888   1.00 20.26 ? 17  ILE A CD1 1 
ATOM   99  N N   . ILE A 1 26  ? 1.775   -5.417  4.057   1.00 17.96 ? 18  ILE A N   1 
ATOM   100 C CA  . ILE A 1 26  ? 2.227   -6.782  3.854   1.00 18.28 ? 18  ILE A CA  1 
ATOM   101 C C   . ILE A 1 26  ? 2.410   -7.434  5.221   1.00 18.74 ? 18  ILE A C   1 
ATOM   102 O O   . ILE A 1 26  ? 3.098   -6.886  6.090   1.00 18.71 ? 18  ILE A O   1 
ATOM   103 C CB  . ILE A 1 26  ? 3.536   -6.845  3.030   1.00 18.31 ? 18  ILE A CB  1 
ATOM   104 C CG1 . ILE A 1 26  ? 3.426   -5.945  1.795   1.00 18.38 ? 18  ILE A CG1 1 
ATOM   105 C CG2 . ILE A 1 26  ? 3.855   -8.301  2.634   1.00 18.71 ? 18  ILE A CG2 1 
ATOM   106 C CD1 . ILE A 1 26  ? 4.743   -5.686  1.081   1.00 19.76 ? 18  ILE A CD1 1 
ATOM   107 N N   . HIS A 1 27  ? 1.758   -8.577  5.410   1.00 18.76 ? 19  HIS A N   1 
ATOM   108 C CA  . HIS A 1 27  ? 1.909   -9.386  6.619   1.00 19.45 ? 19  HIS A CA  1 
ATOM   109 C C   . HIS A 1 27  ? 2.777   -10.594 6.309   1.00 19.42 ? 19  HIS A C   1 
ATOM   110 O O   . HIS A 1 27  ? 2.777   -11.095 5.178   1.00 19.20 ? 19  HIS A O   1 
ATOM   111 C CB  . HIS A 1 27  ? 0.564   -9.897  7.135   1.00 19.52 ? 19  HIS A CB  1 
ATOM   112 C CG  . HIS A 1 27  ? -0.449  -8.827  7.393   1.00 20.73 ? 19  HIS A CG  1 
ATOM   113 N ND1 . HIS A 1 27  ? -0.351  -7.944  8.447   1.00 22.27 ? 19  HIS A ND1 1 
ATOM   114 C CD2 . HIS A 1 27  ? -1.602  -8.521  6.749   1.00 21.91 ? 19  HIS A CD2 1 
ATOM   115 C CE1 . HIS A 1 27  ? -1.395  -7.133  8.436   1.00 22.96 ? 19  HIS A CE1 1 
ATOM   116 N NE2 . HIS A 1 27  ? -2.169  -7.462  7.416   1.00 22.60 ? 19  HIS A NE2 1 
ATOM   117 N N   . TYR A 1 28  ? 3.493   -11.066 7.326   1.00 19.46 ? 20  TYR A N   1 
ATOM   118 C CA  . TYR A 1 28  ? 4.371   -12.233 7.204   1.00 19.63 ? 20  TYR A CA  1 
ATOM   119 C C   . TYR A 1 28  ? 4.004   -13.209 8.310   1.00 20.08 ? 20  TYR A C   1 
ATOM   120 O O   . TYR A 1 28  ? 4.205   -12.914 9.492   1.00 20.02 ? 20  TYR A O   1 
ATOM   121 C CB  . TYR A 1 28  ? 5.838   -11.817 7.329   1.00 19.67 ? 20  TYR A CB  1 
ATOM   122 C CG  . TYR A 1 28  ? 6.276   -10.818 6.280   1.00 19.94 ? 20  TYR A CG  1 
ATOM   123 C CD1 . TYR A 1 28  ? 6.150   -9.447  6.499   1.00 20.16 ? 20  TYR A CD1 1 
ATOM   124 C CD2 . TYR A 1 28  ? 6.803   -11.247 5.065   1.00 20.03 ? 20  TYR A CD2 1 
ATOM   125 C CE1 . TYR A 1 28  ? 6.546   -8.518  5.525   1.00 20.02 ? 20  TYR A CE1 1 
ATOM   126 C CE2 . TYR A 1 28  ? 7.203   -10.335 4.089   1.00 20.46 ? 20  TYR A CE2 1 
ATOM   127 C CZ  . TYR A 1 28  ? 7.067   -8.970  4.326   1.00 20.63 ? 20  TYR A CZ  1 
ATOM   128 O OH  . TYR A 1 28  ? 7.464   -8.068  3.364   1.00 20.26 ? 20  TYR A OH  1 
ATOM   129 N N   . VAL A 1 29  ? 3.449   -14.361 7.932   1.00 19.95 ? 21  VAL A N   1 
ATOM   130 C CA  . VAL A 1 29  ? 2.925   -15.307 8.920   1.00 20.01 ? 21  VAL A CA  1 
ATOM   131 C C   . VAL A 1 29  ? 3.429   -16.740 8.734   1.00 20.13 ? 21  VAL A C   1 
ATOM   132 O O   . VAL A 1 29  ? 3.888   -17.129 7.656   1.00 19.72 ? 21  VAL A O   1 
ATOM   133 C CB  . VAL A 1 29  ? 1.364   -15.314 8.975   1.00 19.89 ? 21  VAL A CB  1 
ATOM   134 C CG1 . VAL A 1 29  ? 0.798   -13.903 9.210   1.00 19.63 ? 21  VAL A CG1 1 
ATOM   135 C CG2 . VAL A 1 29  ? 0.762   -15.929 7.713   1.00 20.72 ? 21  VAL A CG2 1 
ATOM   136 N N   . ASP A 1 30  ? 3.335   -17.518 9.806   1.00 20.62 ? 22  ASP A N   1 
ATOM   137 C CA  . ASP A 1 30  ? 3.529   -18.958 9.727   1.00 21.23 ? 22  ASP A CA  1 
ATOM   138 C C   . ASP A 1 30  ? 2.336   -19.554 8.971   1.00 21.61 ? 22  ASP A C   1 
ATOM   139 O O   . ASP A 1 30  ? 1.180   -19.309 9.330   1.00 21.80 ? 22  ASP A O   1 
ATOM   140 C CB  . ASP A 1 30  ? 3.632   -19.536 11.141  1.00 21.30 ? 22  ASP A CB  1 
ATOM   141 C CG  . ASP A 1 30  ? 3.972   -21.014 11.158  1.00 21.01 ? 22  ASP A CG  1 
ATOM   142 O OD1 . ASP A 1 30  ? 3.201   -21.817 10.602  1.00 22.14 ? 22  ASP A OD1 1 
ATOM   143 O OD2 . ASP A 1 30  ? 5.007   -21.372 11.752  1.00 21.77 ? 22  ASP A OD2 1 
ATOM   144 N N   . LYS A 1 31  ? 2.626   -20.325 7.921   1.00 22.46 ? 23  LYS A N   1 
ATOM   145 C CA  . LYS A 1 31  ? 1.592   -20.951 7.075   1.00 23.13 ? 23  LYS A CA  1 
ATOM   146 C C   . LYS A 1 31  ? 0.532   -21.710 7.876   1.00 23.53 ? 23  LYS A C   1 
ATOM   147 O O   . LYS A 1 31  ? -0.650  -21.677 7.529   1.00 23.45 ? 23  LYS A O   1 
ATOM   148 C CB  . LYS A 1 31  ? 2.231   -21.897 6.043   1.00 23.22 ? 23  LYS A CB  1 
ATOM   149 C CG  . LYS A 1 31  ? 1.252   -22.397 4.972   1.00 25.18 ? 23  LYS A CG  1 
ATOM   150 C CD  . LYS A 1 31  ? 1.859   -23.490 4.121   1.00 28.11 ? 23  LYS A CD  1 
ATOM   151 C CE  . LYS A 1 31  ? 0.845   -24.018 3.104   1.00 30.17 ? 23  LYS A CE  1 
ATOM   152 N NZ  . LYS A 1 31  ? 1.400   -25.183 2.365   1.00 31.73 ? 23  LYS A NZ  1 
ATOM   153 N N   . VAL A 1 32  ? 0.961   -22.386 8.943   1.00 23.59 ? 24  VAL A N   1 
ATOM   154 C CA  . VAL A 1 32  ? 0.076   -23.252 9.732   1.00 24.38 ? 24  VAL A CA  1 
ATOM   155 C C   . VAL A 1 32  ? -0.567  -22.523 10.918  1.00 24.41 ? 24  VAL A C   1 
ATOM   156 O O   . VAL A 1 32  ? -1.794  -22.540 11.079  1.00 24.17 ? 24  VAL A O   1 
ATOM   157 C CB  . VAL A 1 32  ? 0.833   -24.523 10.229  1.00 24.25 ? 24  VAL A CB  1 
ATOM   158 C CG1 . VAL A 1 32  ? -0.019  -25.325 11.214  1.00 25.59 ? 24  VAL A CG1 1 
ATOM   159 C CG2 . VAL A 1 32  ? 1.249   -25.399 9.050   1.00 24.80 ? 24  VAL A CG2 1 
ATOM   160 N N   . THR A 1 33  ? 0.262   -21.879 11.739  1.00 24.70 ? 25  THR A N   1 
ATOM   161 C CA  . THR A 1 33  ? -0.205  -21.303 13.010  1.00 25.10 ? 25  THR A CA  1 
ATOM   162 C C   . THR A 1 33  ? -0.761  -19.889 12.863  1.00 25.38 ? 25  THR A C   1 
ATOM   163 O O   . THR A 1 33  ? -1.487  -19.409 13.741  1.00 25.78 ? 25  THR A O   1 
ATOM   164 C CB  . THR A 1 33  ? 0.921   -21.255 14.060  1.00 25.21 ? 25  THR A CB  1 
ATOM   165 O OG1 . THR A 1 33  ? 1.937   -20.346 13.618  1.00 25.27 ? 25  THR A OG1 1 
ATOM   166 C CG2 . THR A 1 33  ? 1.528   -22.630 14.278  1.00 25.09 ? 25  THR A CG2 1 
ATOM   167 N N   . ASN A 1 34  ? -0.403  -19.227 11.764  1.00 25.35 ? 26  ASN A N   1 
ATOM   168 C CA  . ASN A 1 34  ? -0.821  -17.851 11.479  1.00 25.27 ? 26  ASN A CA  1 
ATOM   169 C C   . ASN A 1 34  ? -0.183  -16.787 12.383  1.00 25.13 ? 26  ASN A C   1 
ATOM   170 O O   . ASN A 1 34  ? -0.594  -15.624 12.374  1.00 25.17 ? 26  ASN A O   1 
ATOM   171 C CB  . ASN A 1 34  ? -2.349  -17.730 11.482  1.00 25.95 ? 26  ASN A CB  1 
ATOM   172 C CG  . ASN A 1 34  ? -2.851  -16.719 10.480  1.00 27.00 ? 26  ASN A CG  1 
ATOM   173 O OD1 . ASN A 1 34  ? -2.315  -16.604 9.375   0.70 28.01 ? 26  ASN A OD1 1 
ATOM   174 N ND2 . ASN A 1 34  ? -3.887  -15.977 10.855  0.70 27.80 ? 26  ASN A ND2 1 
ATOM   175 N N   . GLN A 1 35  ? 0.820   -17.186 13.158  1.00 24.66 ? 27  GLN A N   1 
ATOM   176 C CA  . GLN A 1 35  ? 1.589   -16.256 13.987  1.00 24.74 ? 27  GLN A CA  1 
ATOM   177 C C   . GLN A 1 35  ? 2.427   -15.366 13.068  1.00 23.92 ? 27  GLN A C   1 
ATOM   178 O O   . GLN A 1 35  ? 2.964   -15.844 12.070  1.00 23.35 ? 27  GLN A O   1 
ATOM   179 C CB  . GLN A 1 35  ? 2.502   -17.044 14.931  1.00 25.49 ? 27  GLN A CB  1 
ATOM   180 C CG  . GLN A 1 35  ? 2.875   -16.327 16.223  1.00 28.23 ? 27  GLN A CG  1 
ATOM   181 C CD  . GLN A 1 35  ? 1.708   -16.206 17.194  1.00 29.82 ? 27  GLN A CD  1 
ATOM   182 O OE1 . GLN A 1 35  ? 1.466   -15.139 17.733  1.00 32.10 ? 27  GLN A OE1 1 
ATOM   183 N NE2 . GLN A 1 35  ? 0.981   -17.305 17.417  1.00 32.49 ? 27  GLN A NE2 1 
ATOM   184 N N   . ASN A 1 36  ? 2.515   -14.072 13.378  1.00 23.13 ? 28  ASN A N   1 
ATOM   185 C CA  . ASN A 1 36  ? 3.355   -13.173 12.590  1.00 22.90 ? 28  ASN A CA  1 
ATOM   186 C C   . ASN A 1 36  ? 4.830   -13.447 12.855  1.00 23.02 ? 28  ASN A C   1 
ATOM   187 O O   . ASN A 1 36  ? 5.271   -13.449 14.007  1.00 22.80 ? 28  ASN A O   1 
ATOM   188 C CB  . ASN A 1 36  ? 3.007   -11.700 12.844  1.00 22.62 ? 28  ASN A CB  1 
ATOM   189 C CG  . ASN A 1 36  ? 1.592   -11.356 12.410  1.00 22.80 ? 28  ASN A CG  1 
ATOM   190 O OD1 . ASN A 1 36  ? 0.632   -11.685 13.101  1.00 23.45 ? 28  ASN A OD1 1 
ATOM   191 N ND2 . ASN A 1 36  ? 1.455   -10.693 11.264  1.00 20.46 ? 28  ASN A ND2 1 
ATOM   192 N N   . VAL A 1 37  ? 5.582   -13.696 11.785  1.00 23.05 ? 29  VAL A N   1 
ATOM   193 C CA  . VAL A 1 37  ? 6.984   -14.106 11.900  1.00 23.19 ? 29  VAL A CA  1 
ATOM   194 C C   . VAL A 1 37  ? 7.967   -12.982 11.564  1.00 23.93 ? 29  VAL A C   1 
ATOM   195 O O   . VAL A 1 37  ? 9.187   -13.134 11.746  1.00 24.14 ? 29  VAL A O   1 
ATOM   196 C CB  . VAL A 1 37  ? 7.277   -15.374 11.061  1.00 23.08 ? 29  VAL A CB  1 
ATOM   197 C CG1 . VAL A 1 37  ? 6.527   -16.568 11.645  1.00 22.99 ? 29  VAL A CG1 1 
ATOM   198 C CG2 . VAL A 1 37  ? 6.898   -15.165 9.600   1.00 22.71 ? 29  VAL A CG2 1 
ATOM   199 N N   . LYS A 1 38  ? 7.419   -11.872 11.068  1.00 23.87 ? 30  LYS A N   1 
ATOM   200 C CA  . LYS A 1 38  ? 8.157   -10.649 10.758  1.00 24.48 ? 30  LYS A CA  1 
ATOM   201 C C   . LYS A 1 38  ? 7.232   -9.463  11.014  1.00 24.18 ? 30  LYS A C   1 
ATOM   202 O O   . LYS A 1 38  ? 6.007   -9.622  11.041  1.00 23.91 ? 30  LYS A O   1 
ATOM   203 C CB  . LYS A 1 38  ? 8.576   -10.621 9.283   1.00 24.77 ? 30  LYS A CB  1 
ATOM   204 C CG  . LYS A 1 38  ? 9.904   -11.261 8.949   1.00 26.80 ? 30  LYS A CG  1 
ATOM   205 C CD  . LYS A 1 38  ? 10.111  -11.332 7.426   1.00 30.87 ? 30  LYS A CD  1 
ATOM   206 C CE  . LYS A 1 38  ? 10.274  -9.947  6.812   1.00 32.69 ? 30  LYS A CE  1 
ATOM   207 N NZ  . LYS A 1 38  ? 10.917  -9.980  5.468   1.00 34.73 ? 30  LYS A NZ  1 
ATOM   208 N N   . GLU A 1 39  ? 7.818   -8.279  11.187  1.00 23.86 ? 31  GLU A N   1 
ATOM   209 C CA  . GLU A 1 39  ? 7.038   -7.042  11.283  1.00 23.87 ? 31  GLU A CA  1 
ATOM   210 C C   . GLU A 1 39  ? 6.271   -6.780  9.987   1.00 23.10 ? 31  GLU A C   1 
ATOM   211 O O   . GLU A 1 39  ? 6.771   -7.061  8.895   1.00 23.11 ? 31  GLU A O   1 
ATOM   212 C CB  . GLU A 1 39  ? 7.954   -5.849  11.561  1.00 24.32 ? 31  GLU A CB  1 
ATOM   213 C CG  . GLU A 1 39  ? 8.289   -5.624  13.020  0.50 25.96 ? 31  GLU A CG  1 
ATOM   214 C CD  . GLU A 1 39  ? 8.531   -4.157  13.328  0.50 28.29 ? 31  GLU A CD  1 
ATOM   215 O OE1 . GLU A 1 39  ? 9.299   -3.509  12.588  0.70 29.53 ? 31  GLU A OE1 1 
ATOM   216 O OE2 . GLU A 1 39  ? 7.944   -3.646  14.304  0.70 30.62 ? 31  GLU A OE2 1 
ATOM   217 N N   . ASP A 1 40  ? 5.066   -6.236  10.118  1.00 22.62 ? 32  ASP A N   1 
ATOM   218 C CA  . ASP A 1 40  ? 4.312   -5.738  8.972   1.00 22.34 ? 32  ASP A CA  1 
ATOM   219 C C   . ASP A 1 40  ? 5.116   -4.694  8.218   1.00 22.23 ? 32  ASP A C   1 
ATOM   220 O O   . ASP A 1 40  ? 5.865   -3.926  8.831   1.00 21.96 ? 32  ASP A O   1 
ATOM   221 C CB  . ASP A 1 40  ? 3.012   -5.083  9.434   1.00 22.71 ? 32  ASP A CB  1 
ATOM   222 C CG  . ASP A 1 40  ? 1.934   -6.082  9.769   1.00 23.33 ? 32  ASP A CG  1 
ATOM   223 O OD1 . ASP A 1 40  ? 2.135   -7.303  9.567   1.00 23.16 ? 32  ASP A OD1 1 
ATOM   224 O OD2 . ASP A 1 40  ? 0.863   -5.628  10.227  1.00 24.93 ? 32  ASP A OD2 1 
ATOM   225 N N   . VAL A 1 41  ? 4.961   -4.671  6.894   1.00 21.60 ? 33  VAL A N   1 
ATOM   226 C CA  . VAL A 1 41  ? 5.463   -3.570  6.071   1.00 21.32 ? 33  VAL A CA  1 
ATOM   227 C C   . VAL A 1 41  ? 4.261   -2.713  5.639   1.00 21.42 ? 33  VAL A C   1 
ATOM   228 O O   . VAL A 1 41  ? 3.310   -3.217  5.032   1.00 21.36 ? 33  VAL A O   1 
ATOM   229 C CB  . VAL A 1 41  ? 6.286   -4.081  4.851   1.00 21.30 ? 33  VAL A CB  1 
ATOM   230 C CG1 . VAL A 1 41  ? 6.510   -2.970  3.825   1.00 20.85 ? 33  VAL A CG1 1 
ATOM   231 C CG2 . VAL A 1 41  ? 7.636   -4.647  5.317   1.00 20.93 ? 33  VAL A CG2 1 
ATOM   232 N N   . VAL A 1 42  ? 4.296   -1.430  5.988   1.00 21.10 ? 34  VAL A N   1 
ATOM   233 C CA  . VAL A 1 42  ? 3.183   -0.522  5.709   1.00 20.95 ? 34  VAL A CA  1 
ATOM   234 C C   . VAL A 1 42  ? 3.641   0.496   4.665   1.00 20.57 ? 34  VAL A C   1 
ATOM   235 O O   . VAL A 1 42  ? 4.666   1.167   4.851   1.00 20.19 ? 34  VAL A O   1 
ATOM   236 C CB  . VAL A 1 42  ? 2.672   0.174   7.002   1.00 21.04 ? 34  VAL A CB  1 
ATOM   237 C CG1 . VAL A 1 42  ? 1.531   1.171   6.700   1.00 21.73 ? 34  VAL A CG1 1 
ATOM   238 C CG2 . VAL A 1 42  ? 2.196   -0.860  8.025   1.00 21.76 ? 34  VAL A CG2 1 
ATOM   239 N N   . GLN A 1 43  ? 2.891   0.588   3.565   1.00 19.65 ? 35  GLN A N   1 
ATOM   240 C CA  . GLN A 1 43  ? 3.254   1.452   2.437   1.00 19.40 ? 35  GLN A CA  1 
ATOM   241 C C   . GLN A 1 43  ? 2.158   2.473   2.110   1.00 19.01 ? 35  GLN A C   1 
ATOM   242 O O   . GLN A 1 43  ? 1.295   2.207   1.261   1.00 19.10 ? 35  GLN A O   1 
ATOM   243 C CB  . GLN A 1 43  ? 3.576   0.611   1.192   1.00 19.54 ? 35  GLN A CB  1 
ATOM   244 C CG  . GLN A 1 43  ? 4.626   -0.479  1.422   1.00 19.08 ? 35  GLN A CG  1 
ATOM   245 C CD  . GLN A 1 43  ? 4.996   -1.217  0.159   1.00 19.37 ? 35  GLN A CD  1 
ATOM   246 O OE1 . GLN A 1 43  ? 4.155   -1.852  -0.485  1.00 19.49 ? 35  GLN A OE1 1 
ATOM   247 N NE2 . GLN A 1 43  ? 6.265   -1.146  -0.200  1.00 18.67 ? 35  GLN A NE2 1 
ATOM   248 N N   . PRO A 1 44  ? 2.183   3.643   2.782   1.00 18.78 ? 36  PRO A N   1 
ATOM   249 C CA  . PRO A 1 44  ? 1.177   4.670   2.522   1.00 18.26 ? 36  PRO A CA  1 
ATOM   250 C C   . PRO A 1 44  ? 1.558   5.567   1.347   1.00 18.36 ? 36  PRO A C   1 
ATOM   251 O O   . PRO A 1 44  ? 2.705   6.006   1.234   1.00 18.23 ? 36  PRO A O   1 
ATOM   252 C CB  . PRO A 1 44  ? 1.143   5.466   3.826   1.00 18.99 ? 36  PRO A CB  1 
ATOM   253 C CG  . PRO A 1 44  ? 2.528   5.314   4.409   1.00 18.75 ? 36  PRO A CG  1 
ATOM   254 C CD  . PRO A 1 44  ? 3.116   4.034   3.859   1.00 18.54 ? 36  PRO A CD  1 
ATOM   255 N N   . VAL A 1 45  ? 0.606   5.809   0.455   1.00 17.93 ? 37  VAL A N   1 
ATOM   256 C CA  . VAL A 1 45  ? 0.820   6.742   -0.641  1.00 17.55 ? 37  VAL A CA  1 
ATOM   257 C C   . VAL A 1 45  ? -0.238  7.839   -0.559  1.00 17.33 ? 37  VAL A C   1 
ATOM   258 O O   . VAL A 1 45  ? -1.432  7.553   -0.513  1.00 17.28 ? 37  VAL A O   1 
ATOM   259 C CB  . VAL A 1 45  ? 0.826   6.021   -2.007  1.00 17.58 ? 37  VAL A CB  1 
ATOM   260 C CG1 . VAL A 1 45  ? 0.687   7.014   -3.168  1.00 18.05 ? 37  VAL A CG1 1 
ATOM   261 C CG2 . VAL A 1 45  ? 2.117   5.185   -2.161  1.00 17.42 ? 37  VAL A CG2 1 
ATOM   262 N N   . THR A 1 46  ? 0.214   9.090   -0.528  1.00 16.83 ? 38  THR A N   1 
ATOM   263 C CA  . THR A 1 46  ? -0.681  10.231  -0.363  1.00 16.56 ? 38  THR A CA  1 
ATOM   264 C C   . THR A 1 46  ? -0.782  11.031  -1.655  1.00 16.14 ? 38  THR A C   1 
ATOM   265 O O   . THR A 1 46  ? 0.164   11.709  -2.065  1.00 16.12 ? 38  THR A O   1 
ATOM   266 C CB  . THR A 1 46  ? -0.254  11.109  0.845   1.00 16.70 ? 38  THR A CB  1 
ATOM   267 O OG1 . THR A 1 46  ? -0.322  10.317  2.035   1.00 16.80 ? 38  THR A OG1 1 
ATOM   268 C CG2 . THR A 1 46  ? -1.165  12.336  1.015   1.00 15.90 ? 38  THR A CG2 1 
ATOM   269 N N   . LEU A 1 47  ? -1.943  10.923  -2.295  1.00 15.82 ? 39  LEU A N   1 
ATOM   270 C CA  . LEU A 1 47  ? -2.214  11.613  -3.553  1.00 15.67 ? 39  LEU A CA  1 
ATOM   271 C C   . LEU A 1 47  ? -2.895  12.944  -3.284  1.00 15.49 ? 39  LEU A C   1 
ATOM   272 O O   . LEU A 1 47  ? -3.467  13.144  -2.210  1.00 15.29 ? 39  LEU A O   1 
ATOM   273 C CB  . LEU A 1 47  ? -3.088  10.744  -4.463  1.00 15.61 ? 39  LEU A CB  1 
ATOM   274 C CG  . LEU A 1 47  ? -2.567  9.324   -4.716  1.00 16.11 ? 39  LEU A CG  1 
ATOM   275 C CD1 . LEU A 1 47  ? -3.504  8.589   -5.630  1.00 15.78 ? 39  LEU A CD1 1 
ATOM   276 C CD2 . LEU A 1 47  ? -1.154  9.341   -5.301  1.00 16.13 ? 39  LEU A CD2 1 
ATOM   277 N N   . SER A 1 48  ? -2.829  13.853  -4.255  1.00 15.26 ? 40  SER A N   1 
ATOM   278 C CA  . SER A 1 48  ? -3.413  15.178  -4.091  1.00 15.74 ? 40  SER A CA  1 
ATOM   279 C C   . SER A 1 48  ? -4.039  15.702  -5.377  1.00 15.58 ? 40  SER A C   1 
ATOM   280 O O   . SER A 1 48  ? -3.673  15.290  -6.476  1.00 15.46 ? 40  SER A O   1 
ATOM   281 C CB  . SER A 1 48  ? -2.365  16.181  -3.603  1.00 15.19 ? 40  SER A CB  1 
ATOM   282 O OG  . SER A 1 48  ? -1.511  16.570  -4.670  1.00 16.99 ? 40  SER A OG  1 
ATOM   283 N N   . ARG A 1 49  ? -4.981  16.622  -5.218  1.00 16.07 ? 41  ARG A N   1 
ATOM   284 C CA  . ARG A 1 49  ? -5.519  17.373  -6.352  1.00 17.07 ? 41  ARG A CA  1 
ATOM   285 C C   . ARG A 1 49  ? -5.885  18.786  -5.910  1.00 17.60 ? 41  ARG A C   1 
ATOM   286 O O   . ARG A 1 49  ? -6.173  19.018  -4.729  1.00 17.28 ? 41  ARG A O   1 
ATOM   287 C CB  . ARG A 1 49  ? -6.725  16.653  -6.973  1.00 16.39 ? 41  ARG A CB  1 
ATOM   288 C CG  . ARG A 1 49  ? -7.962  16.605  -6.075  1.00 17.02 ? 41  ARG A CG  1 
ATOM   289 C CD  . ARG A 1 49  ? -9.180  16.089  -6.829  1.00 16.41 ? 41  ARG A CD  1 
ATOM   290 N NE  . ARG A 1 49  ? -10.325 15.912  -5.935  1.00 17.55 ? 41  ARG A NE  1 
ATOM   291 C CZ  . ARG A 1 49  ? -11.535 15.507  -6.320  1.00 18.31 ? 41  ARG A CZ  1 
ATOM   292 N NH1 . ARG A 1 49  ? -11.775 15.229  -7.595  1.00 18.75 ? 41  ARG A NH1 1 
ATOM   293 N NH2 . ARG A 1 49  ? -12.507 15.380  -5.426  1.00 18.60 ? 41  ARG A NH2 1 
ATOM   294 N N   . THR A 1 50  ? -5.850  19.731  -6.849  1.00 18.72 ? 42  THR A N   1 
ATOM   295 C CA  . THR A 1 50  ? -6.208  21.111  -6.544  1.00 20.36 ? 42  THR A CA  1 
ATOM   296 C C   . THR A 1 50  ? -7.725  21.275  -6.598  1.00 20.82 ? 42  THR A C   1 
ATOM   297 O O   . THR A 1 50  ? -8.400  20.634  -7.407  1.00 21.28 ? 42  THR A O   1 
ATOM   298 C CB  . THR A 1 50  ? -5.506  22.111  -7.494  1.00 20.70 ? 42  THR A CB  1 
ATOM   299 O OG1 . THR A 1 50  ? -4.118  21.791  -7.557  1.00 23.34 ? 42  THR A OG1 1 
ATOM   300 C CG2 . THR A 1 50  ? -5.630  23.530  -6.978  1.00 21.01 ? 42  THR A CG2 1 
ATOM   301 N N   . LYS A 1 51  ? -8.248  22.102  -5.699  1.00 21.55 ? 43  LYS A N   1 
ATOM   302 C CA  . LYS A 1 51  ? -9.664  22.442  -5.654  1.00 21.98 ? 43  LYS A CA  1 
ATOM   303 C C   . LYS A 1 51  ? -9.754  23.950  -5.831  1.00 22.87 ? 43  LYS A C   1 
ATOM   304 O O   . LYS A 1 51  ? -9.092  24.705  -5.119  1.00 22.50 ? 43  LYS A O   1 
ATOM   305 C CB  . LYS A 1 51  ? -10.282 22.039  -4.315  1.00 21.84 ? 43  LYS A CB  1 
ATOM   306 C CG  . LYS A 1 51  ? -11.776 22.383  -4.168  1.00 22.04 ? 43  LYS A CG  1 
ATOM   307 C CD  . LYS A 1 51  ? -12.192 22.397  -2.702  1.00 21.62 ? 43  LYS A CD  1 
ATOM   308 C CE  . LYS A 1 51  ? -13.704 22.540  -2.540  1.00 23.54 ? 43  LYS A CE  1 
ATOM   309 N NZ  . LYS A 1 51  ? -14.107 22.308  -1.126  1.00 24.17 ? 43  LYS A NZ  1 
ATOM   310 N N   . THR A 1 52  ? -10.559 24.378  -6.798  1.00 23.90 ? 44  THR A N   1 
ATOM   311 C CA  . THR A 1 52  ? -10.759 25.800  -7.067  1.00 25.02 ? 44  THR A CA  1 
ATOM   312 C C   . THR A 1 52  ? -12.240 26.097  -6.904  1.00 25.81 ? 44  THR A C   1 
ATOM   313 O O   . THR A 1 52  ? -13.085 25.412  -7.485  1.00 25.48 ? 44  THR A O   1 
ATOM   314 C CB  . THR A 1 52  ? -10.280 26.182  -8.487  1.00 25.15 ? 44  THR A CB  1 
ATOM   315 O OG1 . THR A 1 52  ? -8.923  25.761  -8.660  1.00 25.70 ? 44  THR A OG1 1 
ATOM   316 C CG2 . THR A 1 52  ? -10.351 27.688  -8.708  1.00 25.57 ? 44  THR A CG2 1 
ATOM   317 N N   . GLU A 1 53  ? -12.552 27.096  -6.085  1.00 26.72 ? 45  GLU A N   1 
ATOM   318 C CA  . GLU A 1 53  ? -13.933 27.496  -5.881  1.00 27.99 ? 45  GLU A CA  1 
ATOM   319 C C   . GLU A 1 53  ? -14.110 28.980  -6.163  1.00 28.51 ? 45  GLU A C   1 
ATOM   320 O O   . GLU A 1 53  ? -13.389 29.821  -5.617  1.00 28.40 ? 45  GLU A O   1 
ATOM   321 C CB  . GLU A 1 53  ? -14.401 27.170  -4.458  1.00 28.29 ? 45  GLU A CB  1 
ATOM   322 C CG  . GLU A 1 53  ? -15.886 27.476  -4.211  1.00 30.46 ? 45  GLU A CG  1 
ATOM   323 C CD  . GLU A 1 53  ? -16.331 27.225  -2.779  1.00 33.45 ? 45  GLU A CD  1 
ATOM   324 O OE1 . GLU A 1 53  ? -15.517 26.745  -1.961  1.00 34.67 ? 45  GLU A OE1 1 
ATOM   325 O OE2 . GLU A 1 53  ? -17.511 27.506  -2.471  1.00 34.54 ? 45  GLU A OE2 1 
ATOM   326 N N   . ASN A 1 54  ? -15.062 29.290  -7.038  1.00 28.98 ? 46  ASN A N   1 
ATOM   327 C CA  . ASN A 1 54  ? -15.549 30.652  -7.181  1.00 29.33 ? 46  ASN A CA  1 
ATOM   328 C C   . ASN A 1 54  ? -16.518 30.888  -6.020  1.00 29.62 ? 46  ASN A C   1 
ATOM   329 O O   . ASN A 1 54  ? -17.553 30.231  -5.927  1.00 29.75 ? 46  ASN A O   1 
ATOM   330 C CB  . ASN A 1 54  ? -16.226 30.828  -8.545  1.00 29.22 ? 46  ASN A CB  1 
ATOM   331 C CG  . ASN A 1 54  ? -16.596 32.273  -8.843  1.00 29.90 ? 46  ASN A CG  1 
ATOM   332 O OD1 . ASN A 1 54  ? -17.168 32.972  -8.006  1.00 29.75 ? 46  ASN A OD1 1 
ATOM   333 N ND2 . ASN A 1 54  ? -16.283 32.720  -10.050 1.00 29.76 ? 46  ASN A ND2 1 
ATOM   334 N N   . LYS A 1 55  ? -16.163 31.795  -5.113  1.00 29.92 ? 47  LYS A N   1 
ATOM   335 C CA  . LYS A 1 55  ? -16.963 32.001  -3.902  1.00 30.41 ? 47  LYS A CA  1 
ATOM   336 C C   . LYS A 1 55  ? -18.243 32.802  -4.157  1.00 30.46 ? 47  LYS A C   1 
ATOM   337 O O   . LYS A 1 55  ? -19.168 32.780  -3.340  1.00 31.10 ? 47  LYS A O   1 
ATOM   338 C CB  . LYS A 1 55  ? -16.125 32.633  -2.780  1.00 30.55 ? 47  LYS A CB  1 
ATOM   339 C CG  . LYS A 1 55  ? -15.087 31.683  -2.150  1.00 31.49 ? 47  LYS A CG  1 
ATOM   340 C CD  . LYS A 1 55  ? -15.730 30.523  -1.381  0.20 31.02 ? 47  LYS A CD  1 
ATOM   341 C CE  . LYS A 1 55  ? -16.338 30.972  -0.057  0.20 31.02 ? 47  LYS A CE  1 
ATOM   342 N NZ  . LYS A 1 55  ? -17.042 29.853  0.627   0.20 30.98 ? 47  LYS A NZ  1 
ATOM   343 N N   . VAL A 1 56  ? -18.300 33.482  -5.300  1.00 30.39 ? 48  VAL A N   1 
ATOM   344 C CA  . VAL A 1 56  ? -19.497 34.233  -5.707  1.00 30.09 ? 48  VAL A CA  1 
ATOM   345 C C   . VAL A 1 56  ? -20.555 33.333  -6.368  1.00 29.55 ? 48  VAL A C   1 
ATOM   346 O O   . VAL A 1 56  ? -21.734 33.375  -5.992  1.00 29.14 ? 48  VAL A O   1 
ATOM   347 C CB  . VAL A 1 56  ? -19.131 35.435  -6.625  1.00 30.03 ? 48  VAL A CB  1 
ATOM   348 C CG1 . VAL A 1 56  ? -20.388 36.163  -7.102  1.00 30.57 ? 48  VAL A CG1 1 
ATOM   349 C CG2 . VAL A 1 56  ? -18.218 36.402  -5.883  1.00 30.64 ? 48  VAL A CG2 1 
ATOM   350 N N   . THR A 1 57  ? -20.132 32.522  -7.341  1.00 29.03 ? 49  THR A N   1 
ATOM   351 C CA  . THR A 1 57  ? -21.039 31.599  -8.037  1.00 28.52 ? 49  THR A CA  1 
ATOM   352 C C   . THR A 1 57  ? -21.168 30.247  -7.332  1.00 28.56 ? 49  THR A C   1 
ATOM   353 O O   . THR A 1 57  ? -22.118 29.495  -7.579  1.00 28.06 ? 49  THR A O   1 
ATOM   354 C CB  . THR A 1 57  ? -20.588 31.325  -9.484  1.00 28.82 ? 49  THR A CB  1 
ATOM   355 O OG1 . THR A 1 57  ? -19.337 30.628  -9.468  1.00 27.88 ? 49  THR A OG1 1 
ATOM   356 C CG2 . THR A 1 57  ? -20.440 32.621  -10.273 1.00 28.24 ? 49  THR A CG2 1 
ATOM   357 N N   . GLY A 1 58  ? -20.200 29.934  -6.471  1.00 28.07 ? 50  GLY A N   1 
ATOM   358 C CA  . GLY A 1 58  ? -20.186 28.659  -5.757  1.00 28.03 ? 50  GLY A CA  1 
ATOM   359 C C   . GLY A 1 58  ? -19.675 27.493  -6.590  1.00 27.77 ? 50  GLY A C   1 
ATOM   360 O O   . GLY A 1 58  ? -19.708 26.350  -6.136  1.00 27.85 ? 50  GLY A O   1 
ATOM   361 N N   . VAL A 1 59  ? -19.208 27.786  -7.806  1.00 27.52 ? 51  VAL A N   1 
ATOM   362 C CA  . VAL A 1 59  ? -18.727 26.767  -8.746  1.00 27.59 ? 51  VAL A CA  1 
ATOM   363 C C   . VAL A 1 59  ? -17.365 26.219  -8.311  1.00 27.13 ? 51  VAL A C   1 
ATOM   364 O O   . VAL A 1 59  ? -16.415 26.980  -8.117  1.00 26.85 ? 51  VAL A O   1 
ATOM   365 C CB  . VAL A 1 59  ? -18.646 27.325  -10.201 1.00 27.68 ? 51  VAL A CB  1 
ATOM   366 C CG1 . VAL A 1 59  ? -17.891 26.375  -11.126 1.00 28.03 ? 51  VAL A CG1 1 
ATOM   367 C CG2 . VAL A 1 59  ? -20.051 27.603  -10.750 1.00 28.02 ? 51  VAL A CG2 1 
ATOM   368 N N   . VAL A 1 60  ? -17.291 24.899  -8.155  1.00 26.97 ? 52  VAL A N   1 
ATOM   369 C CA  . VAL A 1 60  ? -16.069 24.216  -7.723  1.00 26.75 ? 52  VAL A CA  1 
ATOM   370 C C   . VAL A 1 60  ? -15.505 23.371  -8.865  1.00 26.73 ? 52  VAL A C   1 
ATOM   371 O O   . VAL A 1 60  ? -16.224 22.563  -9.456  1.00 26.72 ? 52  VAL A O   1 
ATOM   372 C CB  . VAL A 1 60  ? -16.319 23.320  -6.476  1.00 26.67 ? 52  VAL A CB  1 
ATOM   373 C CG1 . VAL A 1 60  ? -15.072 22.507  -6.118  1.00 26.69 ? 52  VAL A CG1 1 
ATOM   374 C CG2 . VAL A 1 60  ? -16.752 24.150  -5.288  1.00 26.79 ? 52  VAL A CG2 1 
ATOM   375 N N   . THR A 1 61  ? -14.229 23.576  -9.188  1.00 26.38 ? 53  THR A N   1 
ATOM   376 C CA  . THR A 1 61  ? -13.552 22.738  -10.177 1.00 26.44 ? 53  THR A CA  1 
ATOM   377 C C   . THR A 1 61  ? -12.354 22.019  -9.546  1.00 25.58 ? 53  THR A C   1 
ATOM   378 O O   . THR A 1 61  ? -11.647 22.589  -8.709  1.00 25.12 ? 53  THR A O   1 
ATOM   379 C CB  . THR A 1 61  ? -13.122 23.517  -11.455 1.00 26.50 ? 53  THR A CB  1 
ATOM   380 O OG1 . THR A 1 61  ? -12.105 24.476  -11.135 1.00 29.14 ? 53  THR A OG1 1 
ATOM   381 C CG2 . THR A 1 61  ? -14.314 24.239  -12.091 1.00 27.28 ? 53  THR A CG2 1 
ATOM   382 N N   . TYR A 1 62  ? -12.158 20.763  -9.943  1.00 24.69 ? 54  TYR A N   1 
ATOM   383 C CA  . TYR A 1 62  ? -11.074 19.930  -9.421  1.00 24.28 ? 54  TYR A CA  1 
ATOM   384 C C   . TYR A 1 62  ? -10.060 19.587  -10.497 1.00 23.52 ? 54  TYR A C   1 
ATOM   385 O O   . TYR A 1 62  ? -10.422 19.280  -11.636 1.00 23.72 ? 54  TYR A O   1 
ATOM   386 C CB  . TYR A 1 62  ? -11.630 18.627  -8.851  1.00 24.22 ? 54  TYR A CB  1 
ATOM   387 C CG  . TYR A 1 62  ? -12.393 18.779  -7.566  1.00 25.11 ? 54  TYR A CG  1 
ATOM   388 C CD1 . TYR A 1 62  ? -11.725 18.924  -6.353  1.00 25.61 ? 54  TYR A CD1 1 
ATOM   389 C CD2 . TYR A 1 62  ? -13.790 18.763  -7.554  1.00 26.16 ? 54  TYR A CD2 1 
ATOM   390 C CE1 . TYR A 1 62  ? -12.425 19.063  -5.161  1.00 26.67 ? 54  TYR A CE1 1 
ATOM   391 C CE2 . TYR A 1 62  ? -14.500 18.898  -6.359  1.00 26.93 ? 54  TYR A CE2 1 
ATOM   392 C CZ  . TYR A 1 62  ? -13.808 19.048  -5.171  1.00 26.71 ? 54  TYR A CZ  1 
ATOM   393 O OH  . TYR A 1 62  ? -14.492 19.180  -3.980  1.00 29.38 ? 54  TYR A OH  1 
ATOM   394 N N   . GLY A 1 63  ? -8.786  19.612  -10.125 1.00 22.43 ? 55  GLY A N   1 
ATOM   395 C CA  . GLY A 1 63  ? -7.733  19.168  -11.022 1.00 21.27 ? 55  GLY A CA  1 
ATOM   396 C C   . GLY A 1 63  ? -7.593  17.656  -10.965 1.00 20.36 ? 55  GLY A C   1 
ATOM   397 O O   . GLY A 1 63  ? -8.288  16.985  -10.203 1.00 20.32 ? 55  GLY A O   1 
ATOM   398 N N   . GLU A 1 64  ? -6.680  17.122  -11.767 1.00 19.84 ? 56  GLU A N   1 
ATOM   399 C CA  . GLU A 1 64  ? -6.381  15.695  -11.748 1.00 19.56 ? 56  GLU A CA  1 
ATOM   400 C C   . GLU A 1 64  ? -5.620  15.339  -10.468 1.00 18.79 ? 56  GLU A C   1 
ATOM   401 O O   . GLU A 1 64  ? -4.904  16.175  -9.917  1.00 18.50 ? 56  GLU A O   1 
ATOM   402 C CB  . GLU A 1 64  ? -5.546  15.308  -12.973 1.00 19.91 ? 56  GLU A CB  1 
ATOM   403 C CG  . GLU A 1 64  ? -6.260  15.475  -14.310 1.00 21.73 ? 56  GLU A CG  1 
ATOM   404 C CD  . GLU A 1 64  ? -7.543  14.671  -14.389 1.00 24.05 ? 56  GLU A CD  1 
ATOM   405 O OE1 . GLU A 1 64  ? -7.523  13.470  -14.069 1.00 24.87 ? 56  GLU A OE1 1 
ATOM   406 O OE2 . GLU A 1 64  ? -8.580  15.249  -14.757 1.00 27.36 ? 56  GLU A OE2 1 
ATOM   407 N N   . TRP A 1 65  ? -5.777  14.101  -10.011 1.00 18.16 ? 57  TRP A N   1 
ATOM   408 C CA  . TRP A 1 65  ? -5.006  13.582  -8.880  1.00 17.43 ? 57  TRP A CA  1 
ATOM   409 C C   . TRP A 1 65  ? -3.589  13.204  -9.315  1.00 17.34 ? 57  TRP A C   1 
ATOM   410 O O   . TRP A 1 65  ? -3.365  12.804  -10.462 1.00 17.35 ? 57  TRP A O   1 
ATOM   411 C CB  . TRP A 1 65  ? -5.656  12.319  -8.319  1.00 17.28 ? 57  TRP A CB  1 
ATOM   412 C CG  . TRP A 1 65  ? -6.942  12.495  -7.589  1.00 15.81 ? 57  TRP A CG  1 
ATOM   413 C CD1 . TRP A 1 65  ? -8.212  12.362  -8.108  1.00 14.90 ? 57  TRP A CD1 1 
ATOM   414 C CD2 . TRP A 1 65  ? -7.104  12.760  -6.191  1.00 14.94 ? 57  TRP A CD2 1 
ATOM   415 N NE1 . TRP A 1 65  ? -9.142  12.556  -7.114  1.00 13.99 ? 57  TRP A NE1 1 
ATOM   416 C CE2 . TRP A 1 65  ? -8.491  12.799  -5.931  1.00 14.95 ? 57  TRP A CE2 1 
ATOM   417 C CE3 . TRP A 1 65  ? -6.207  12.983  -5.130  1.00 15.26 ? 57  TRP A CE3 1 
ATOM   418 C CZ2 . TRP A 1 65  ? -9.010  13.061  -4.651  1.00 14.95 ? 57  TRP A CZ2 1 
ATOM   419 C CZ3 . TRP A 1 65  ? -6.718  13.237  -3.863  1.00 14.56 ? 57  TRP A CZ3 1 
ATOM   420 C CH2 . TRP A 1 65  ? -8.111  13.280  -3.636  1.00 15.86 ? 57  TRP A CH2 1 
ATOM   421 N N   . THR A 1 66  ? -2.642  13.300  -8.385  1.00 16.94 ? 58  THR A N   1 
ATOM   422 C CA  . THR A 1 66  ? -1.299  12.778  -8.607  1.00 16.66 ? 58  THR A CA  1 
ATOM   423 C C   . THR A 1 66  ? -1.347  11.250  -8.607  1.00 16.63 ? 58  THR A C   1 
ATOM   424 O O   . THR A 1 66  ? -2.394  10.651  -8.347  1.00 16.26 ? 58  THR A O   1 
ATOM   425 C CB  . THR A 1 66  ? -0.303  13.267  -7.527  1.00 16.61 ? 58  THR A CB  1 
ATOM   426 O OG1 . THR A 1 66  ? -0.848  13.018  -6.223  1.00 15.63 ? 58  THR A OG1 1 
ATOM   427 C CG2 . THR A 1 66  ? -0.018  14.756  -7.694  1.00 15.75 ? 58  THR A CG2 1 
ATOM   428 N N   . THR A 1 67  ? -0.219  10.627  -8.926  1.00 16.91 ? 59  THR A N   1 
ATOM   429 C CA  . THR A 1 67  ? -0.097  9.174   -8.868  1.00 17.01 ? 59  THR A CA  1 
ATOM   430 C C   . THR A 1 67  ? 1.099   8.776   -8.021  1.00 17.13 ? 59  THR A C   1 
ATOM   431 O O   . THR A 1 67  ? 2.020   9.573   -7.798  1.00 16.76 ? 59  THR A O   1 
ATOM   432 C CB  . THR A 1 67  ? 0.089   8.552   -10.259 1.00 17.24 ? 59  THR A CB  1 
ATOM   433 O OG1 . THR A 1 67  ? 1.165   9.215   -10.927 1.00 17.88 ? 59  THR A OG1 1 
ATOM   434 C CG2 . THR A 1 67  ? -1.189  8.658   -11.086 1.00 17.30 ? 59  THR A CG2 1 
ATOM   435 N N   . GLY A 1 68  ? 1.085   7.529   -7.566  1.00 17.54 ? 60  GLY A N   1 
ATOM   436 C CA  . GLY A 1 68  ? 2.166   7.011   -6.744  1.00 17.95 ? 60  GLY A CA  1 
ATOM   437 C C   . GLY A 1 68  ? 2.507   5.578   -7.086  1.00 18.28 ? 60  GLY A C   1 
ATOM   438 O O   . GLY A 1 68  ? 2.105   5.044   -8.132  1.00 17.48 ? 60  GLY A O   1 
ATOM   439 N N   . ASN A 1 69  ? 3.246   4.953   -6.179  1.00 19.01 ? 61  ASN A N   1 
ATOM   440 C CA  . ASN A 1 69  ? 3.764   3.615   -6.391  1.00 19.79 ? 61  ASN A CA  1 
ATOM   441 C C   . ASN A 1 69  ? 4.057   2.978   -5.039  1.00 19.70 ? 61  ASN A C   1 
ATOM   442 O O   . ASN A 1 69  ? 4.709   3.601   -4.185  1.00 19.79 ? 61  ASN A O   1 
ATOM   443 C CB  . ASN A 1 69  ? 5.047   3.704   -7.222  1.00 20.34 ? 61  ASN A CB  1 
ATOM   444 C CG  . ASN A 1 69  ? 5.506   2.363   -7.751  1.00 22.62 ? 61  ASN A CG  1 
ATOM   445 O OD1 . ASN A 1 69  ? 6.467   1.783   -7.240  1.00 26.51 ? 61  ASN A OD1 1 
ATOM   446 N ND2 . ASN A 1 69  ? 4.839   1.873   -8.795  1.00 23.77 ? 61  ASN A ND2 1 
ATOM   447 N N   . TRP A 1 70  ? 3.553   1.760   -4.838  1.00 19.46 ? 62  TRP A N   1 
ATOM   448 C CA  . TRP A 1 70  ? 3.997   0.927   -3.723  1.00 19.73 ? 62  TRP A CA  1 
ATOM   449 C C   . TRP A 1 70  ? 5.234   0.173   -4.196  1.00 20.32 ? 62  TRP A C   1 
ATOM   450 O O   . TRP A 1 70  ? 5.179   -0.532  -5.200  1.00 19.61 ? 62  TRP A O   1 
ATOM   451 C CB  . TRP A 1 70  ? 2.917   -0.070  -3.295  1.00 19.60 ? 62  TRP A CB  1 
ATOM   452 C CG  . TRP A 1 70  ? 1.691   0.557   -2.696  1.00 19.18 ? 62  TRP A CG  1 
ATOM   453 C CD1 . TRP A 1 70  ? 1.650   1.618   -1.844  1.00 19.07 ? 62  TRP A CD1 1 
ATOM   454 C CD2 . TRP A 1 70  ? 0.329   0.136   -2.876  1.00 19.70 ? 62  TRP A CD2 1 
ATOM   455 N NE1 . TRP A 1 70  ? 0.353   1.899   -1.492  1.00 19.14 ? 62  TRP A NE1 1 
ATOM   456 C CE2 . TRP A 1 70  ? -0.479  1.007   -2.111  1.00 19.41 ? 62  TRP A CE2 1 
ATOM   457 C CE3 . TRP A 1 70  ? -0.287  -0.888  -3.611  1.00 20.35 ? 62  TRP A CE3 1 
ATOM   458 C CZ2 . TRP A 1 70  ? -1.872  0.889   -2.061  1.00 20.14 ? 62  TRP A CZ2 1 
ATOM   459 C CZ3 . TRP A 1 70  ? -1.676  -1.004  -3.564  1.00 20.59 ? 62  TRP A CZ3 1 
ATOM   460 C CH2 . TRP A 1 70  ? -2.451  -0.118  -2.794  1.00 20.35 ? 62  TRP A CH2 1 
ATOM   461 N N   . ASP A 1 71  ? 6.342   0.340   -3.480  1.00 20.79 ? 63  ASP A N   1 
ATOM   462 C CA  . ASP A 1 71  ? 7.606   -0.263  -3.882  1.00 22.05 ? 63  ASP A CA  1 
ATOM   463 C C   . ASP A 1 71  ? 7.592   -1.781  -3.723  1.00 22.12 ? 63  ASP A C   1 
ATOM   464 O O   . ASP A 1 71  ? 6.854   -2.331  -2.895  1.00 22.20 ? 63  ASP A O   1 
ATOM   465 C CB  . ASP A 1 71  ? 8.767   0.311   -3.067  1.00 22.30 ? 63  ASP A CB  1 
ATOM   466 C CG  . ASP A 1 71  ? 9.067   1.756   -3.401  1.00 23.82 ? 63  ASP A CG  1 
ATOM   467 O OD1 . ASP A 1 71  ? 8.716   2.213   -4.510  1.00 25.00 ? 63  ASP A OD1 1 
ATOM   468 O OD2 . ASP A 1 71  ? 9.656   2.437   -2.536  1.00 26.00 ? 63  ASP A OD2 1 
ATOM   469 N N   . GLU A 1 72  ? 8.420   -2.441  -4.522  1.00 22.50 ? 64  GLU A N   1 
ATOM   470 C CA  . GLU A 1 72  ? 8.694   -3.863  -4.353  1.00 22.50 ? 64  GLU A CA  1 
ATOM   471 C C   . GLU A 1 72  ? 9.240   -4.126  -2.953  1.00 22.39 ? 64  GLU A C   1 
ATOM   472 O O   . GLU A 1 72  ? 10.034  -3.336  -2.420  1.00 21.92 ? 64  GLU A O   1 
ATOM   473 C CB  . GLU A 1 72  ? 9.699   -4.350  -5.412  1.00 23.09 ? 64  GLU A CB  1 
ATOM   474 C CG  . GLU A 1 72  ? 10.137  -5.799  -5.208  1.00 24.33 ? 64  GLU A CG  1 
ATOM   475 C CD  . GLU A 1 72  ? 11.253  -6.264  -6.138  1.00 27.58 ? 64  GLU A CD  1 
ATOM   476 O OE1 . GLU A 1 72  ? 12.124  -5.454  -6.508  1.00 28.32 ? 64  GLU A OE1 1 
ATOM   477 O OE2 . GLU A 1 72  ? 11.265  -7.469  -6.480  1.00 29.31 ? 64  GLU A OE2 1 
ATOM   478 N N   . VAL A 1 73  ? 8.798   -5.231  -2.352  1.00 22.07 ? 65  VAL A N   1 
ATOM   479 C CA  . VAL A 1 73  ? 9.333   -5.670  -1.066  1.00 22.29 ? 65  VAL A CA  1 
ATOM   480 C C   . VAL A 1 73  ? 9.750   -7.139  -1.141  1.00 22.67 ? 65  VAL A C   1 
ATOM   481 O O   . VAL A 1 73  ? 8.906   -8.022  -1.286  1.00 21.95 ? 65  VAL A O   1 
ATOM   482 C CB  . VAL A 1 73  ? 8.321   -5.465  0.097   1.00 22.08 ? 65  VAL A CB  1 
ATOM   483 C CG1 . VAL A 1 73  ? 8.940   -5.881  1.421   1.00 21.92 ? 65  VAL A CG1 1 
ATOM   484 C CG2 . VAL A 1 73  ? 7.863   -4.005  0.174   1.00 22.17 ? 65  VAL A CG2 1 
ATOM   485 N N   . ILE A 1 74  ? 11.055  -7.381  -1.046  1.00 23.68 ? 66  ILE A N   1 
ATOM   486 C CA  . ILE A 1 74  ? 11.601  -8.742  -1.016  1.00 24.65 ? 66  ILE A CA  1 
ATOM   487 C C   . ILE A 1 74  ? 11.288  -9.375  0.348   1.00 25.23 ? 66  ILE A C   1 
ATOM   488 O O   . ILE A 1 74  ? 11.535  -8.769  1.395   1.00 25.05 ? 66  ILE A O   1 
ATOM   489 C CB  . ILE A 1 74  ? 13.129  -8.741  -1.300  1.00 24.69 ? 66  ILE A CB  1 
ATOM   490 C CG1 . ILE A 1 74  ? 13.412  -8.158  -2.693  1.00 25.25 ? 66  ILE A CG1 1 
ATOM   491 C CG2 . ILE A 1 74  ? 13.722  -10.152 -1.186  1.00 24.58 ? 66  ILE A CG2 1 
ATOM   492 C CD1 . ILE A 1 74  ? 14.833  -7.632  -2.865  1.00 27.72 ? 66  ILE A CD1 1 
ATOM   493 N N   . SER A 1 75  ? 10.711  -10.574 0.325   1.00 25.87 ? 67  SER A N   1 
ATOM   494 C CA  . SER A 1 75  ? 10.429  -11.319 1.551   1.00 26.66 ? 67  SER A CA  1 
ATOM   495 C C   . SER A 1 75  ? 11.713  -11.993 2.017   1.00 27.55 ? 67  SER A C   1 
ATOM   496 O O   . SER A 1 75  ? 12.234  -12.880 1.343   1.00 28.22 ? 67  SER A O   1 
ATOM   497 C CB  . SER A 1 75  ? 9.342   -12.375 1.315   1.00 26.15 ? 67  SER A CB  1 
ATOM   498 O OG  . SER A 1 75  ? 8.208   -11.838 0.652   1.00 25.24 ? 67  SER A OG  1 
ATOM   499 N N   . GLY A 1 76  ? 12.227  -11.572 3.168   1.00 28.64 ? 68  GLY A N   1 
ATOM   500 C CA  . GLY A 1 76  ? 13.506  -12.098 3.668   1.00 29.51 ? 68  GLY A CA  1 
ATOM   501 C C   . GLY A 1 76  ? 13.416  -13.546 4.118   1.00 29.88 ? 68  GLY A C   1 
ATOM   502 O O   . GLY A 1 76  ? 12.322  -14.053 4.374   1.00 30.26 ? 68  GLY A O   1 
ATOM   503 N N   . LYS A 1 77  ? 14.565  -14.216 4.195   1.00 30.05 ? 69  LYS A N   1 
ATOM   504 C CA  . LYS A 1 77  ? 14.628  -15.574 4.735   1.00 29.92 ? 69  LYS A CA  1 
ATOM   505 C C   . LYS A 1 77  ? 14.514  -15.498 6.252   1.00 29.54 ? 69  LYS A C   1 
ATOM   506 O O   . LYS A 1 77  ? 14.987  -14.541 6.873   1.00 29.42 ? 69  LYS A O   1 
ATOM   507 C CB  . LYS A 1 77  ? 15.946  -16.274 4.360   1.00 30.19 ? 69  LYS A CB  1 
ATOM   508 C CG  . LYS A 1 77  ? 16.329  -16.232 2.888   0.20 30.78 ? 69  LYS A CG  1 
ATOM   509 C CD  . LYS A 1 77  ? 15.477  -17.162 2.037   0.70 32.04 ? 69  LYS A CD  1 
ATOM   510 C CE  . LYS A 1 77  ? 16.083  -17.330 0.650   0.70 33.55 ? 69  LYS A CE  1 
ATOM   511 N NZ  . LYS A 1 77  ? 16.293  -16.022 -0.044  1.00 34.49 ? 69  LYS A NZ  1 
ATOM   512 N N   . ILE A 1 78  ? 13.872  -16.500 6.844   1.00 29.00 ? 70  ILE A N   1 
ATOM   513 C CA  . ILE A 1 78  ? 13.768  -16.600 8.299   1.00 28.65 ? 70  ILE A CA  1 
ATOM   514 C C   . ILE A 1 78  ? 14.286  -17.962 8.741   1.00 28.77 ? 70  ILE A C   1 
ATOM   515 O O   . ILE A 1 78  ? 13.899  -18.992 8.184   1.00 28.26 ? 70  ILE A O   1 
ATOM   516 C CB  . ILE A 1 78  ? 12.316  -16.407 8.788   1.00 28.38 ? 70  ILE A CB  1 
ATOM   517 C CG1 . ILE A 1 78  ? 11.722  -15.116 8.210   1.00 27.50 ? 70  ILE A CG1 1 
ATOM   518 C CG2 . ILE A 1 78  ? 12.254  -16.390 10.323  1.00 28.38 ? 70  ILE A CG2 1 
ATOM   519 C CD1 . ILE A 1 78  ? 10.247  -14.962 8.463   1.00 25.98 ? 70  ILE A CD1 1 
ATOM   520 N N   . ASP A 1 79  ? 15.168  -17.960 9.740   1.00 28.94 ? 71  ASP A N   1 
ATOM   521 C CA  . ASP A 1 79  ? 15.715  -19.201 10.281  1.00 28.99 ? 71  ASP A CA  1 
ATOM   522 C C   . ASP A 1 79  ? 14.586  -20.085 10.810  1.00 28.70 ? 71  ASP A C   1 
ATOM   523 O O   . ASP A 1 79  ? 13.613  -19.581 11.376  1.00 28.19 ? 71  ASP A O   1 
ATOM   524 C CB  . ASP A 1 79  ? 16.737  -18.905 11.383  1.00 29.77 ? 71  ASP A CB  1 
ATOM   525 C CG  . ASP A 1 79  ? 17.815  -19.973 11.479  1.00 30.26 ? 71  ASP A CG  1 
ATOM   526 O OD1 . ASP A 1 79  ? 17.554  -21.046 12.064  0.50 31.12 ? 71  ASP A OD1 1 
ATOM   527 O OD2 . ASP A 1 79  ? 18.929  -19.729 10.971  0.50 31.42 ? 71  ASP A OD2 1 
ATOM   528 N N   . LYS A 1 80  ? 14.723  -21.395 10.587  1.00 28.19 ? 72  LYS A N   1 
ATOM   529 C CA  . LYS A 1 80  ? 13.748  -22.428 10.992  1.00 27.93 ? 72  LYS A CA  1 
ATOM   530 C C   . LYS A 1 80  ? 12.618  -22.618 9.974   1.00 27.36 ? 72  LYS A C   1 
ATOM   531 O O   . LYS A 1 80  ? 11.781  -23.513 10.123  1.00 27.01 ? 72  LYS A O   1 
ATOM   532 C CB  . LYS A 1 80  ? 13.180  -22.189 12.410  1.00 28.15 ? 72  LYS A CB  1 
ATOM   533 C CG  . LYS A 1 80  ? 14.234  -21.938 13.506  1.00 29.47 ? 72  LYS A CG  1 
ATOM   534 C CD  . LYS A 1 80  ? 14.857  -23.212 14.034  1.00 31.31 ? 72  LYS A CD  1 
ATOM   535 C CE  . LYS A 1 80  ? 15.888  -22.895 15.113  1.00 32.89 ? 72  LYS A CE  1 
ATOM   536 N NZ  . LYS A 1 80  ? 16.734  -24.085 15.417  1.00 35.15 ? 72  LYS A NZ  1 
ATOM   537 N N   . TYR A 1 81  ? 12.614  -21.789 8.934   1.00 26.89 ? 73  TYR A N   1 
ATOM   538 C CA  . TYR A 1 81  ? 11.553  -21.804 7.930   1.00 26.46 ? 73  TYR A CA  1 
ATOM   539 C C   . TYR A 1 81  ? 12.062  -22.103 6.524   1.00 26.11 ? 73  TYR A C   1 
ATOM   540 O O   . TYR A 1 81  ? 13.188  -21.741 6.167   1.00 25.83 ? 73  TYR A O   1 
ATOM   541 C CB  . TYR A 1 81  ? 10.805  -20.464 7.926   1.00 26.80 ? 73  TYR A CB  1 
ATOM   542 C CG  . TYR A 1 81  ? 9.815   -20.305 9.062   1.00 27.39 ? 73  TYR A CG  1 
ATOM   543 C CD1 . TYR A 1 81  ? 10.167  -19.639 10.238  1.00 28.77 ? 73  TYR A CD1 1 
ATOM   544 C CD2 . TYR A 1 81  ? 8.530   -20.821 8.960   1.00 28.12 ? 73  TYR A CD2 1 
ATOM   545 C CE1 . TYR A 1 81  ? 9.252   -19.494 11.282  1.00 28.99 ? 73  TYR A CE1 1 
ATOM   546 C CE2 . TYR A 1 81  ? 7.611   -20.681 9.986   1.00 29.34 ? 73  TYR A CE2 1 
ATOM   547 C CZ  . TYR A 1 81  ? 7.978   -20.024 11.142  1.00 29.99 ? 73  TYR A CZ  1 
ATOM   548 O OH  . TYR A 1 81  ? 7.060   -19.896 12.156  1.00 32.99 ? 73  TYR A OH  1 
ATOM   549 N N   . LYS A 1 82  ? 11.213  -22.751 5.730   1.00 25.60 ? 74  LYS A N   1 
ATOM   550 C CA  . LYS A 1 82  ? 11.444  -22.899 4.292   1.00 25.56 ? 74  LYS A CA  1 
ATOM   551 C C   . LYS A 1 82  ? 11.379  -21.515 3.637   1.00 25.37 ? 74  LYS A C   1 
ATOM   552 O O   . LYS A 1 82  ? 11.043  -20.527 4.301   1.00 25.28 ? 74  LYS A O   1 
ATOM   553 C CB  . LYS A 1 82  ? 10.373  -23.800 3.674   1.00 25.60 ? 74  LYS A CB  1 
ATOM   554 C CG  . LYS A 1 82  ? 10.269  -25.214 4.264   1.00 25.96 ? 74  LYS A CG  1 
ATOM   555 C CD  . LYS A 1 82  ? 9.031   -25.892 3.693   1.00 26.55 ? 74  LYS A CD  1 
ATOM   556 C CE  . LYS A 1 82  ? 8.801   -27.277 4.263   1.00 27.82 ? 74  LYS A CE  1 
ATOM   557 N NZ  . LYS A 1 82  ? 7.746   -27.987 3.478   1.00 27.54 ? 74  LYS A NZ  1 
ATOM   558 N N   . ASP A 1 83  ? 11.698  -21.442 2.343   1.00 25.06 ? 75  ASP A N   1 
ATOM   559 C CA  . ASP A 1 83  ? 11.564  -20.197 1.585   1.00 24.93 ? 75  ASP A CA  1 
ATOM   560 C C   . ASP A 1 83  ? 10.093  -19.795 1.544   1.00 24.48 ? 75  ASP A C   1 
ATOM   561 O O   . ASP A 1 83  ? 9.226   -20.664 1.432   1.00 24.50 ? 75  ASP A O   1 
ATOM   562 C CB  . ASP A 1 83  ? 12.075  -20.368 0.149   1.00 25.02 ? 75  ASP A CB  1 
ATOM   563 C CG  . ASP A 1 83  ? 13.586  -20.529 0.067   1.00 25.89 ? 75  ASP A CG  1 
ATOM   564 O OD1 . ASP A 1 83  ? 14.304  -20.241 1.054   1.00 25.90 ? 75  ASP A OD1 1 
ATOM   565 O OD2 . ASP A 1 83  ? 14.054  -20.938 -1.015  1.00 25.81 ? 75  ASP A OD2 1 
ATOM   566 N N   . PRO A 1 84  ? 9.804   -18.480 1.625   1.00 24.24 ? 76  PRO A N   1 
ATOM   567 C CA  . PRO A 1 84  ? 8.410   -18.014 1.605   1.00 24.00 ? 76  PRO A CA  1 
ATOM   568 C C   . PRO A 1 84  ? 7.672   -18.385 0.318   1.00 23.84 ? 76  PRO A C   1 
ATOM   569 O O   . PRO A 1 84  ? 8.308   -18.539 -0.729  1.00 23.77 ? 76  PRO A O   1 
ATOM   570 C CB  . PRO A 1 84  ? 8.548   -16.489 1.706   1.00 23.92 ? 76  PRO A CB  1 
ATOM   571 C CG  . PRO A 1 84  ? 9.942   -16.189 1.273   1.00 23.78 ? 76  PRO A CG  1 
ATOM   572 C CD  . PRO A 1 84  ? 10.754  -17.356 1.730   1.00 24.00 ? 76  PRO A CD  1 
ATOM   573 N N   . ASP A 1 85  ? 6.345   -18.520 0.393   1.00 23.83 ? 77  ASP A N   1 
ATOM   574 C CA  . ASP A 1 85  ? 5.533   -18.793 -0.801  1.00 23.97 ? 77  ASP A CA  1 
ATOM   575 C C   . ASP A 1 85  ? 5.612   -17.659 -1.839  1.00 24.18 ? 77  ASP A C   1 
ATOM   576 O O   . ASP A 1 85  ? 5.519   -17.898 -3.050  1.00 24.09 ? 77  ASP A O   1 
ATOM   577 C CB  . ASP A 1 85  ? 4.069   -19.133 -0.433  1.00 24.31 ? 77  ASP A CB  1 
ATOM   578 C CG  . ASP A 1 85  ? 3.312   -17.974 0.220   1.00 24.93 ? 77  ASP A CG  1 
ATOM   579 O OD1 . ASP A 1 85  ? 3.926   -16.966 0.644   1.00 24.70 ? 77  ASP A OD1 1 
ATOM   580 O OD2 . ASP A 1 85  ? 2.070   -18.082 0.316   1.00 26.37 ? 77  ASP A OD2 1 
ATOM   581 N N   . ILE A 1 86  ? 5.787   -16.434 -1.343  1.00 23.68 ? 78  ILE A N   1 
ATOM   582 C CA  . ILE A 1 86  ? 5.953   -15.245 -2.183  1.00 23.49 ? 78  ILE A CA  1 
ATOM   583 C C   . ILE A 1 86  ? 7.334   -14.642 -1.891  1.00 23.08 ? 78  ILE A C   1 
ATOM   584 O O   . ILE A 1 86  ? 7.511   -13.966 -0.873  1.00 22.79 ? 78  ILE A O   1 
ATOM   585 C CB  . ILE A 1 86  ? 4.815   -14.219 -1.932  1.00 23.47 ? 78  ILE A CB  1 
ATOM   586 C CG1 . ILE A 1 86  ? 3.447   -14.880 -2.182  1.00 24.14 ? 78  ILE A CG1 1 
ATOM   587 C CG2 . ILE A 1 86  ? 4.995   -12.960 -2.812  1.00 24.21 ? 78  ILE A CG2 1 
ATOM   588 C CD1 . ILE A 1 86  ? 2.249   -14.121 -1.634  1.00 24.74 ? 78  ILE A CD1 1 
ATOM   589 N N   . PRO A 1 87  ? 8.330   -14.916 -2.763  1.00 22.98 ? 79  PRO A N   1 
ATOM   590 C CA  . PRO A 1 87  ? 9.691   -14.423 -2.525  1.00 23.11 ? 79  PRO A CA  1 
ATOM   591 C C   . PRO A 1 87  ? 9.789   -12.893 -2.554  1.00 23.24 ? 79  PRO A C   1 
ATOM   592 O O   . PRO A 1 87  ? 10.624  -12.307 -1.857  1.00 22.92 ? 79  PRO A O   1 
ATOM   593 C CB  . PRO A 1 87  ? 10.503  -15.045 -3.670  1.00 23.18 ? 79  PRO A CB  1 
ATOM   594 C CG  . PRO A 1 87  ? 9.504   -15.429 -4.699  1.00 23.48 ? 79  PRO A CG  1 
ATOM   595 C CD  . PRO A 1 87  ? 8.263   -15.782 -3.954  1.00 23.12 ? 79  PRO A CD  1 
ATOM   596 N N   . THR A 1 88  ? 8.936   -12.259 -3.348  1.00 23.64 ? 80  THR A N   1 
ATOM   597 C CA  . THR A 1 88  ? 8.916   -10.798 -3.423  1.00 24.10 ? 80  THR A CA  1 
ATOM   598 C C   . THR A 1 88  ? 7.522   -10.285 -3.774  1.00 23.93 ? 80  THR A C   1 
ATOM   599 O O   . THR A 1 88  ? 6.847   -10.835 -4.647  1.00 24.01 ? 80  THR A O   1 
ATOM   600 C CB  . THR A 1 88  ? 9.987   -10.254 -4.410  1.00 24.10 ? 80  THR A CB  1 
ATOM   601 O OG1 . THR A 1 88  ? 9.961   -8.818  -4.414  1.00 25.89 ? 80  THR A OG1 1 
ATOM   602 C CG2 . THR A 1 88  ? 9.756   -10.767 -5.822  1.00 24.86 ? 80  THR A CG2 1 
ATOM   603 N N   . VAL A 1 89  ? 7.096   -9.243  -3.062  1.00 23.84 ? 81  VAL A N   1 
ATOM   604 C CA  . VAL A 1 89  ? 5.846   -8.551  -3.355  1.00 23.77 ? 81  VAL A CA  1 
ATOM   605 C C   . VAL A 1 89  ? 6.172   -7.442  -4.368  1.00 23.96 ? 81  VAL A C   1 
ATOM   606 O O   . VAL A 1 89  ? 7.009   -6.575  -4.095  1.00 23.65 ? 81  VAL A O   1 
ATOM   607 C CB  . VAL A 1 89  ? 5.196   -7.983  -2.061  1.00 23.79 ? 81  VAL A CB  1 
ATOM   608 C CG1 . VAL A 1 89  ? 3.980   -7.123  -2.387  1.00 23.61 ? 81  VAL A CG1 1 
ATOM   609 C CG2 . VAL A 1 89  ? 4.798   -9.123  -1.108  1.00 23.88 ? 81  VAL A CG2 1 
ATOM   610 N N   . GLU A 1 90  ? 5.526   -7.496  -5.531  1.00 24.05 ? 82  GLU A N   1 
ATOM   611 C CA  . GLU A 1 90  ? 5.843   -6.611  -6.661  1.00 24.61 ? 82  GLU A CA  1 
ATOM   612 C C   . GLU A 1 90  ? 5.449   -5.163  -6.387  1.00 24.28 ? 82  GLU A C   1 
ATOM   613 O O   . GLU A 1 90  ? 4.520   -4.904  -5.621  1.00 24.07 ? 82  GLU A O   1 
ATOM   614 C CB  . GLU A 1 90  ? 5.140   -7.090  -7.940  1.00 25.04 ? 82  GLU A CB  1 
ATOM   615 C CG  . GLU A 1 90  ? 5.458   -8.527  -8.367  1.00 27.22 ? 82  GLU A CG  1 
ATOM   616 C CD  . GLU A 1 90  ? 6.906   -8.729  -8.787  1.00 28.96 ? 82  GLU A CD  1 
ATOM   617 O OE1 . GLU A 1 90  ? 7.470   -7.842  -9.464  0.30 29.13 ? 82  GLU A OE1 1 
ATOM   618 O OE2 . GLU A 1 90  ? 7.478   -9.786  -8.443  0.30 29.29 ? 82  GLU A OE2 1 
ATOM   619 N N   . SER A 1 91  ? 6.166   -4.223  -7.008  1.00 24.26 ? 83  SER A N   1 
ATOM   620 C CA  . SER A 1 91  ? 5.766   -2.814  -6.971  1.00 24.13 ? 83  SER A CA  1 
ATOM   621 C C   . SER A 1 91  ? 4.439   -2.656  -7.716  1.00 23.91 ? 83  SER A C   1 
ATOM   622 O O   . SER A 1 91  ? 4.133   -3.442  -8.613  1.00 23.82 ? 83  SER A O   1 
ATOM   623 C CB  . SER A 1 91  ? 6.842   -1.907  -7.580  1.00 24.00 ? 83  SER A CB  1 
ATOM   624 O OG  . SER A 1 91  ? 6.953   -2.102  -8.976  1.00 25.81 ? 83  SER A OG  1 
ATOM   625 N N   . GLN A 1 92  ? 3.642   -1.662  -7.327  1.00 23.27 ? 84  GLN A N   1 
ATOM   626 C CA  . GLN A 1 92  ? 2.336   -1.446  -7.952  1.00 23.16 ? 84  GLN A CA  1 
ATOM   627 C C   . GLN A 1 92  ? 2.020   0.042   -8.075  1.00 22.79 ? 84  GLN A C   1 
ATOM   628 O O   . GLN A 1 92  ? 2.185   0.790   -7.111  1.00 21.98 ? 84  GLN A O   1 
ATOM   629 C CB  . GLN A 1 92  ? 1.227   -2.139  -7.151  1.00 23.22 ? 84  GLN A CB  1 
ATOM   630 C CG  . GLN A 1 92  ? -0.130  -2.186  -7.872  1.00 24.66 ? 84  GLN A CG  1 
ATOM   631 C CD  . GLN A 1 92  ? -1.316  -2.201  -6.922  1.00 26.67 ? 84  GLN A CD  1 
ATOM   632 O OE1 . GLN A 1 92  ? -1.590  -3.205  -6.261  1.00 27.53 ? 84  GLN A OE1 1 
ATOM   633 N NE2 . GLN A 1 92  ? -2.040  -1.082  -6.862  1.00 27.69 ? 84  GLN A NE2 1 
ATOM   634 N N   . GLU A 1 93  ? 1.559   0.457   -9.256  1.00 22.56 ? 85  GLU A N   1 
ATOM   635 C CA  . GLU A 1 93  ? 1.090   1.833   -9.466  1.00 22.54 ? 85  GLU A CA  1 
ATOM   636 C C   . GLU A 1 93  ? -0.131  2.111   -8.591  1.00 22.04 ? 85  GLU A C   1 
ATOM   637 O O   . GLU A 1 93  ? -1.020  1.264   -8.452  1.00 21.76 ? 85  GLU A O   1 
ATOM   638 C CB  . GLU A 1 93  ? 0.738   2.090   -10.939 1.00 23.17 ? 85  GLU A CB  1 
ATOM   639 C CG  . GLU A 1 93  ? 0.508   3.582   -11.267 1.00 24.58 ? 85  GLU A CG  1 
ATOM   640 C CD  . GLU A 1 93  ? -0.200  3.829   -12.604 1.00 25.59 ? 85  GLU A CD  1 
ATOM   641 O OE1 . GLU A 1 93  ? -0.878  2.916   -13.123 0.50 25.00 ? 85  GLU A OE1 1 
ATOM   642 O OE2 . GLU A 1 93  ? -0.087  4.963   -13.117 0.50 25.93 ? 85  GLU A OE2 1 
ATOM   643 N N   . VAL A 1 94  ? -0.151  3.297   -7.994  1.00 21.36 ? 86  VAL A N   1 
ATOM   644 C CA  . VAL A 1 94  ? -1.249  3.738   -7.148  1.00 20.83 ? 86  VAL A CA  1 
ATOM   645 C C   . VAL A 1 94  ? -1.874  4.981   -7.795  1.00 20.82 ? 86  VAL A C   1 
ATOM   646 O O   . VAL A 1 94  ? -1.181  5.958   -8.098  1.00 20.31 ? 86  VAL A O   1 
ATOM   647 C CB  . VAL A 1 94  ? -0.773  4.053   -5.695  1.00 20.63 ? 86  VAL A CB  1 
ATOM   648 C CG1 . VAL A 1 94  ? -1.943  4.468   -4.806  1.00 20.19 ? 86  VAL A CG1 1 
ATOM   649 C CG2 . VAL A 1 94  ? -0.077  2.844   -5.074  1.00 20.75 ? 86  VAL A CG2 1 
ATOM   650 N N   . THR A 1 95  ? -3.176  4.917   -8.041  1.00 20.81 ? 87  THR A N   1 
ATOM   651 C CA  . THR A 1 95  ? -3.911  6.060   -8.589  1.00 21.04 ? 87  THR A CA  1 
ATOM   652 C C   . THR A 1 95  ? -5.060  6.360   -7.644  1.00 20.99 ? 87  THR A C   1 
ATOM   653 O O   . THR A 1 95  ? -5.295  5.606   -6.701  1.00 20.28 ? 87  THR A O   1 
ATOM   654 C CB  . THR A 1 95  ? -4.478  5.776   -10.001 1.00 21.48 ? 87  THR A CB  1 
ATOM   655 O OG1 . THR A 1 95  ? -5.563  4.841   -9.907  1.00 21.75 ? 87  THR A OG1 1 
ATOM   656 C CG2 . THR A 1 95  ? -3.404  5.250   -10.946 1.00 21.70 ? 87  THR A CG2 1 
ATOM   657 N N   . SER A 1 96  ? -5.788  7.446   -7.895  1.00 21.31 ? 88  SER A N   1 
ATOM   658 C CA  . SER A 1 96  ? -6.910  7.815   -7.033  1.00 21.98 ? 88  SER A CA  1 
ATOM   659 C C   . SER A 1 96  ? -8.029  6.769   -7.017  1.00 22.47 ? 88  SER A C   1 
ATOM   660 O O   . SER A 1 96  ? -8.862  6.770   -6.116  1.00 22.51 ? 88  SER A O   1 
ATOM   661 C CB  . SER A 1 96  ? -7.475  9.182   -7.424  1.00 21.84 ? 88  SER A CB  1 
ATOM   662 O OG  . SER A 1 96  ? -7.929  9.182   -8.768  1.00 22.53 ? 88  SER A OG  1 
ATOM   663 N N   . ASP A 1 97  ? -8.031  5.877   -8.005  1.00 23.56 ? 89  ASP A N   1 
ATOM   664 C CA  . ASP A 1 97  ? -9.020  4.806   -8.079  1.00 24.56 ? 89  ASP A CA  1 
ATOM   665 C C   . ASP A 1 97  ? -8.598  3.542   -7.318  1.00 24.94 ? 89  ASP A C   1 
ATOM   666 O O   . ASP A 1 97  ? -9.422  2.650   -7.091  1.00 25.16 ? 89  ASP A O   1 
ATOM   667 C CB  . ASP A 1 97  ? -9.339  4.470   -9.540  1.00 25.00 ? 89  ASP A CB  1 
ATOM   668 C CG  . ASP A 1 97  ? -9.967  5.645   -10.287 1.00 26.38 ? 89  ASP A CG  1 
ATOM   669 O OD1 . ASP A 1 97  ? -10.890 6.289   -9.740  1.00 26.72 ? 89  ASP A OD1 1 
ATOM   670 O OD2 . ASP A 1 97  ? -9.519  5.924   -11.418 1.00 27.61 ? 89  ASP A OD2 1 
ATOM   671 N N   . SER A 1 98  ? -7.323  3.473   -6.923  1.00 24.88 ? 90  SER A N   1 
ATOM   672 C CA  . SER A 1 98  ? -6.796  2.323   -6.176  1.00 25.21 ? 90  SER A CA  1 
ATOM   673 C C   . SER A 1 98  ? -7.458  2.184   -4.801  1.00 25.66 ? 90  SER A C   1 
ATOM   674 O O   . SER A 1 98  ? -7.801  3.184   -4.163  1.00 25.94 ? 90  SER A O   1 
ATOM   675 C CB  . SER A 1 98  ? -5.275  2.430   -6.009  1.00 24.78 ? 90  SER A CB  1 
ATOM   676 O OG  . SER A 1 98  ? -4.618  2.555   -7.260  1.00 24.26 ? 90  SER A OG  1 
ATOM   677 N N   . SER A 1 99  ? -7.650  0.942   -4.364  1.00 26.07 ? 91  SER A N   1 
ATOM   678 C CA  . SER A 1 99  ? -8.105  0.662   -3.001  1.00 26.41 ? 91  SER A CA  1 
ATOM   679 C C   . SER A 1 99  ? -6.928  0.196   -2.139  1.00 26.03 ? 91  SER A C   1 
ATOM   680 O O   . SER A 1 99  ? -5.894  -0.216  -2.670  1.00 26.03 ? 91  SER A O   1 
ATOM   681 C CB  . SER A 1 99  ? -9.220  -0.392  -3.000  1.00 26.54 ? 91  SER A CB  1 
ATOM   682 O OG  . SER A 1 99  ? -8.703  -1.717  -2.951  1.00 28.55 ? 91  SER A OG  1 
ATOM   683 N N   . ASP A 1 100 ? -7.086  0.280   -0.819  1.00 25.92 ? 92  ASP A N   1 
ATOM   684 C CA  . ASP A 1 100 ? -6.105  -0.265  0.117   1.00 26.01 ? 92  ASP A CA  1 
ATOM   685 C C   . ASP A 1 100 ? -5.924  -1.751  -0.159  1.00 26.09 ? 92  ASP A C   1 
ATOM   686 O O   . ASP A 1 100 ? -6.860  -2.424  -0.598  1.00 26.00 ? 92  ASP A O   1 
ATOM   687 C CB  . ASP A 1 100 ? -6.554  -0.073  1.565   1.00 26.03 ? 92  ASP A CB  1 
ATOM   688 C CG  . ASP A 1 100 ? -6.588  1.387   1.990   1.00 26.81 ? 92  ASP A CG  1 
ATOM   689 O OD1 . ASP A 1 100 ? -5.875  2.225   1.396   1.00 24.58 ? 92  ASP A OD1 1 
ATOM   690 O OD2 . ASP A 1 100 ? -7.328  1.695   2.947   1.00 28.68 ? 92  ASP A OD2 1 
ATOM   691 N N   . LYS A 1 101 ? -4.716  -2.254  0.071   1.00 25.52 ? 93  LYS A N   1 
ATOM   692 C CA  . LYS A 1 101 ? -4.430  -3.667  -0.150  1.00 25.60 ? 93  LYS A CA  1 
ATOM   693 C C   . LYS A 1 101 ? -3.731  -4.275  1.059   1.00 25.32 ? 93  LYS A C   1 
ATOM   694 O O   . LYS A 1 101 ? -3.008  -3.589  1.790   1.00 24.91 ? 93  LYS A O   1 
ATOM   695 C CB  . LYS A 1 101 ? -3.571  -3.876  -1.407  1.00 25.50 ? 93  LYS A CB  1 
ATOM   696 C CG  . LYS A 1 101 ? -4.238  -3.524  -2.728  1.00 27.08 ? 93  LYS A CG  1 
ATOM   697 C CD  . LYS A 1 101 ? -5.159  -4.631  -3.233  1.00 29.14 ? 93  LYS A CD  1 
ATOM   698 C CE  . LYS A 1 101 ? -5.703  -4.303  -4.622  1.00 31.31 ? 93  LYS A CE  1 
ATOM   699 N NZ  . LYS A 1 101 ? -4.624  -4.113  -5.655  1.00 32.46 ? 93  LYS A NZ  1 
ATOM   700 N N   . GLU A 1 102 ? -3.979  -5.564  1.267   1.00 25.15 ? 94  GLU A N   1 
ATOM   701 C CA  . GLU A 1 102 ? -3.272  -6.354  2.258   1.00 25.00 ? 94  GLU A CA  1 
ATOM   702 C C   . GLU A 1 102 ? -2.768  -7.610  1.566   1.00 24.88 ? 94  GLU A C   1 
ATOM   703 O O   . GLU A 1 102 ? -3.511  -8.265  0.828   1.00 25.35 ? 94  GLU A O   1 
ATOM   704 C CB  . GLU A 1 102 ? -4.179  -6.704  3.435   1.00 25.23 ? 94  GLU A CB  1 
ATOM   705 C CG  . GLU A 1 102 ? -4.429  -5.549  4.390   1.00 26.47 ? 94  GLU A CG  1 
ATOM   706 C CD  . GLU A 1 102 ? -5.386  -5.901  5.517   1.00 29.06 ? 94  GLU A CD  1 
ATOM   707 O OE1 . GLU A 1 102 ? -5.387  -7.068  5.970   0.60 28.82 ? 94  GLU A OE1 1 
ATOM   708 O OE2 . GLU A 1 102 ? -6.138  -5.001  5.950   0.60 28.35 ? 94  GLU A OE2 1 
ATOM   709 N N   . ILE A 1 103 ? -1.493  -7.914  1.770   1.00 24.30 ? 95  ILE A N   1 
ATOM   710 C CA  . ILE A 1 103 ? -0.878  -9.109  1.207   1.00 23.97 ? 95  ILE A CA  1 
ATOM   711 C C   . ILE A 1 103 ? -0.282  -9.909  2.362   1.00 23.56 ? 95  ILE A C   1 
ATOM   712 O O   . ILE A 1 103 ? 0.340   -9.343  3.263   1.00 22.96 ? 95  ILE A O   1 
ATOM   713 C CB  . ILE A 1 103 ? 0.198   -8.743  0.151   1.00 24.24 ? 95  ILE A CB  1 
ATOM   714 C CG1 . ILE A 1 103 ? -0.459  -8.037  -1.046  1.00 24.81 ? 95  ILE A CG1 1 
ATOM   715 C CG2 . ILE A 1 103 ? 0.972   -9.984  -0.316  1.00 24.22 ? 95  ILE A CG2 1 
ATOM   716 C CD1 . ILE A 1 103 ? 0.506   -7.501  -2.075  1.00 27.44 ? 95  ILE A CD1 1 
ATOM   717 N N   . THR A 1 104 ? -0.502  -11.220 2.348   1.00 22.93 ? 96  THR A N   1 
ATOM   718 C CA  . THR A 1 104 ? 0.068   -12.103 3.360   1.00 22.02 ? 96  THR A CA  1 
ATOM   719 C C   . THR A 1 104 ? 1.079   -13.039 2.716   1.00 21.87 ? 96  THR A C   1 
ATOM   720 O O   . THR A 1 104 ? 0.756   -13.799 1.797   1.00 21.83 ? 96  THR A O   1 
ATOM   721 C CB  . THR A 1 104 ? -1.026  -12.897 4.106   1.00 22.46 ? 96  THR A CB  1 
ATOM   722 O OG1 . THR A 1 104 ? -1.895  -11.985 4.793   1.00 20.53 ? 96  THR A OG1 1 
ATOM   723 C CG2 . THR A 1 104 ? -0.410  -13.859 5.121   1.00 21.48 ? 96  THR A CG2 1 
ATOM   724 N N   . VAL A 1 105 ? 2.317   -12.941 3.180   1.00 21.49 ? 97  VAL A N   1 
ATOM   725 C CA  . VAL A 1 105 ? 3.382   -13.839 2.776   1.00 21.57 ? 97  VAL A CA  1 
ATOM   726 C C   . VAL A 1 105 ? 3.443   -14.947 3.826   1.00 22.21 ? 97  VAL A C   1 
ATOM   727 O O   . VAL A 1 105 ? 3.471   -14.668 5.027   1.00 22.11 ? 97  VAL A O   1 
ATOM   728 C CB  . VAL A 1 105 ? 4.738   -13.084 2.690   1.00 21.60 ? 97  VAL A CB  1 
ATOM   729 C CG1 . VAL A 1 105 ? 5.883   -14.027 2.338   1.00 21.14 ? 97  VAL A CG1 1 
ATOM   730 C CG2 . VAL A 1 105 ? 4.653   -11.933 1.675   1.00 21.05 ? 97  VAL A CG2 1 
ATOM   731 N N   . ARG A 1 106 ? 3.452   -16.201 3.372   1.00 22.74 ? 98  ARG A N   1 
ATOM   732 C CA  . ARG A 1 106 ? 3.390   -17.350 4.282   1.00 23.20 ? 98  ARG A CA  1 
ATOM   733 C C   . ARG A 1 106 ? 4.662   -18.187 4.286   1.00 23.45 ? 98  ARG A C   1 
ATOM   734 O O   . ARG A 1 106 ? 5.169   -18.581 3.227   1.00 22.93 ? 98  ARG A O   1 
ATOM   735 C CB  . ARG A 1 106 ? 2.171   -18.224 3.968   1.00 23.31 ? 98  ARG A CB  1 
ATOM   736 C CG  . ARG A 1 106 ? 0.862   -17.596 4.398   1.00 24.30 ? 98  ARG A CG  1 
ATOM   737 C CD  . ARG A 1 106 ? -0.348  -18.387 3.949   1.00 26.83 ? 98  ARG A CD  1 
ATOM   738 N NE  . ARG A 1 106 ? -1.578  -17.760 4.437   1.00 28.86 ? 98  ARG A NE  1 
ATOM   739 C CZ  . ARG A 1 106 ? -2.277  -16.842 3.769   1.00 29.88 ? 98  ARG A CZ  1 
ATOM   740 N NH1 . ARG A 1 106 ? -1.880  -16.428 2.573   1.00 28.93 ? 98  ARG A NH1 1 
ATOM   741 N NH2 . ARG A 1 106 ? -3.381  -16.331 4.305   1.00 29.90 ? 98  ARG A NH2 1 
ATOM   742 N N   . TYR A 1 107 ? 5.164   -18.449 5.495   1.00 24.16 ? 99  TYR A N   1 
ATOM   743 C CA  . TYR A 1 107 ? 6.345   -19.279 5.709   1.00 24.94 ? 99  TYR A CA  1 
ATOM   744 C C   . TYR A 1 107 ? 5.938   -20.585 6.373   1.00 25.75 ? 99  TYR A C   1 
ATOM   745 O O   . TYR A 1 107 ? 5.163   -20.602 7.343   1.00 25.54 ? 99  TYR A O   1 
ATOM   746 C CB  . TYR A 1 107 ? 7.368   -18.578 6.612   1.00 25.09 ? 99  TYR A CB  1 
ATOM   747 C CG  . TYR A 1 107 ? 7.974   -17.304 6.064   1.00 24.83 ? 99  TYR A CG  1 
ATOM   748 C CD1 . TYR A 1 107 ? 7.247   -16.113 6.045   1.00 24.29 ? 99  TYR A CD1 1 
ATOM   749 C CD2 . TYR A 1 107 ? 9.292   -17.277 5.607   1.00 24.86 ? 99  TYR A CD2 1 
ATOM   750 C CE1 . TYR A 1 107 ? 7.811   -14.927 5.555   1.00 24.71 ? 99  TYR A CE1 1 
ATOM   751 C CE2 . TYR A 1 107 ? 9.865   -16.102 5.121   1.00 24.66 ? 99  TYR A CE2 1 
ATOM   752 C CZ  . TYR A 1 107 ? 9.114   -14.930 5.100   1.00 25.09 ? 99  TYR A CZ  1 
ATOM   753 O OH  . TYR A 1 107 ? 9.671   -13.764 4.623   1.00 24.85 ? 99  TYR A OH  1 
ATOM   754 N N   . ASP A 1 108 ? 6.465   -21.683 5.854   1.00 26.44 ? 100 ASP A N   1 
ATOM   755 C CA  . ASP A 1 108 ? 6.214   -22.985 6.449   1.00 27.52 ? 100 ASP A CA  1 
ATOM   756 C C   . ASP A 1 108 ? 7.511   -23.461 7.094   1.00 27.78 ? 100 ASP A C   1 
ATOM   757 O O   . ASP A 1 108 ? 8.582   -23.321 6.507   1.00 27.54 ? 100 ASP A O   1 
ATOM   758 C CB  . ASP A 1 108 ? 5.735   -23.963 5.377   1.00 27.97 ? 100 ASP A CB  1 
ATOM   759 C CG  . ASP A 1 108 ? 4.873   -25.086 5.941   1.00 29.10 ? 100 ASP A CG  1 
ATOM   760 O OD1 . ASP A 1 108 ? 4.495   -25.039 7.135   1.00 30.80 ? 100 ASP A OD1 1 
ATOM   761 O OD2 . ASP A 1 108 ? 4.573   -26.023 5.175   1.00 30.92 ? 100 ASP A OD2 1 
ATOM   762 N N   . ARG A 1 109 ? 7.413   -23.994 8.311   1.00 28.34 ? 101 ARG A N   1 
ATOM   763 C CA  . ARG A 1 109 ? 8.589   -24.491 9.023   1.00 28.76 ? 101 ARG A CA  1 
ATOM   764 C C   . ARG A 1 109 ? 9.285   -25.600 8.236   1.00 29.35 ? 101 ARG A C   1 
ATOM   765 O O   . ARG A 1 109 ? 8.647   -26.311 7.457   1.00 28.91 ? 101 ARG A O   1 
ATOM   766 C CB  . ARG A 1 109 ? 8.220   -24.968 10.437  1.00 28.88 ? 101 ARG A CB  1 
ATOM   767 C CG  . ARG A 1 109 ? 7.200   -26.098 10.494  1.00 28.87 ? 101 ARG A CG  1 
ATOM   768 C CD  . ARG A 1 109 ? 6.968   -26.555 11.937  1.00 28.42 ? 101 ARG A CD  1 
ATOM   769 N NE  . ARG A 1 109 ? 6.487   -27.936 11.976  0.30 27.71 ? 101 ARG A NE  1 
ATOM   770 C CZ  . ARG A 1 109 ? 6.322   -28.658 13.083  0.30 27.21 ? 101 ARG A CZ  1 
ATOM   771 N NH1 . ARG A 1 109 ? 6.589   -28.140 14.275  0.30 26.45 ? 101 ARG A NH1 1 
ATOM   772 N NH2 . ARG A 1 109 ? 5.883   -29.905 12.996  0.30 27.42 ? 101 ARG A NH2 1 
ATOM   773 N N   . LEU A 1 110 ? 10.594  -25.732 8.442   1.00 30.10 ? 102 LEU A N   1 
ATOM   774 C CA  . LEU A 1 110 ? 11.393  -26.766 7.787   1.00 31.28 ? 102 LEU A CA  1 
ATOM   775 C C   . LEU A 1 110 ? 10.809  -28.162 8.004   1.00 32.08 ? 102 LEU A C   1 
ATOM   776 O O   . LEU A 1 110 ? 10.189  -28.434 9.040   1.00 31.66 ? 102 LEU A O   1 
ATOM   777 C CB  . LEU A 1 110 ? 12.846  -26.715 8.273   1.00 31.03 ? 102 LEU A CB  1 
ATOM   778 C CG  . LEU A 1 110 ? 13.700  -25.524 7.831   1.00 31.20 ? 102 LEU A CG  1 
ATOM   779 C CD1 . LEU A 1 110 ? 15.059  -25.553 8.518   1.00 30.99 ? 102 LEU A CD1 1 
ATOM   780 C CD2 . LEU A 1 110 ? 13.866  -25.484 6.306   1.00 31.19 ? 102 LEU A CD2 1 
ATOM   781 N N   . SER A 1 111 ? 11.001  -29.031 7.009   0.70 33.21 ? 103 SER A N   1 
ATOM   782 C CA  . SER A 1 111 ? 10.455  -30.393 7.033   1.00 34.44 ? 103 SER A CA  1 
ATOM   783 C C   . SER A 1 111 ? 11.144  -31.277 8.067   0.70 35.13 ? 103 SER A C   1 
ATOM   784 O O   . SER A 1 111 ? 10.478  -32.041 8.767   0.70 35.28 ? 103 SER A O   1 
ATOM   785 C CB  . SER A 1 111 ? 10.538  -31.033 5.643   1.00 34.57 ? 103 SER A CB  1 
ATOM   786 O OG  . SER A 1 111 ? 9.542   -30.504 4.786   1.00 34.73 ? 103 SER A OG  1 
ATOM   787 N N   . THR A 1 112 ? 12.472  -31.165 8.142   1.00 36.05 ? 104 THR A N   1 
ATOM   788 C CA  . THR A 1 112 ? 13.308  -31.853 9.145   0.50 37.00 ? 104 THR A CA  1 
ATOM   789 C C   . THR A 1 112 ? 12.864  -33.293 9.466   0.50 37.02 ? 104 THR A C   1 
ATOM   790 O O   . THR A 1 112 ? 11.984  -33.529 10.301  0.50 37.25 ? 104 THR A O   1 
ATOM   791 C CB  . THR A 1 112 ? 13.472  -30.994 10.441  1.00 37.29 ? 104 THR A CB  1 
ATOM   792 O OG1 . THR A 1 112 ? 13.953  -29.687 10.093  1.00 38.50 ? 104 THR A OG1 1 
ATOM   793 C CG2 . THR A 1 112 ? 14.460  -31.642 11.419  1.00 37.97 ? 104 THR A CG2 1 
HETATM 794 C C1  . PGE B 2 .   ? 7.447   -9.322  15.015  1.00 47.71 ? 301 PGE A C1  1 
HETATM 795 O O1  . PGE B 2 .   ? 8.319   -10.337 14.598  1.00 47.61 ? 301 PGE A O1  1 
HETATM 796 C C2  . PGE B 2 .   ? 6.004   -9.404  14.528  1.00 47.92 ? 301 PGE A C2  1 
HETATM 797 O O2  . PGE B 2 .   ? 4.979   -9.249  15.469  1.00 48.49 ? 301 PGE A O2  1 
HETATM 798 C C3  . PGE B 2 .   ? 3.744   -8.732  15.059  1.00 48.43 ? 301 PGE A C3  1 
HETATM 799 C C4  . PGE B 2 .   ? 2.523   -8.999  15.939  1.00 48.28 ? 301 PGE A C4  1 
HETATM 800 O O4  . PGE B 2 .   ? 0.293   -13.103 15.310  1.00 47.23 ? 301 PGE A O4  1 
HETATM 801 C C6  . PGE B 2 .   ? 1.120   -12.455 16.240  1.00 48.07 ? 301 PGE A C6  1 
HETATM 802 C C5  . PGE B 2 .   ? 1.108   -10.929 16.312  1.00 48.24 ? 301 PGE A C5  1 
HETATM 803 O O3  . PGE B 2 .   ? 2.352   -10.296 16.438  1.00 48.62 ? 301 PGE A O3  1 
HETATM 804 S S   . SO4 C 3 .   ? -7.106  -2.172  -7.710  0.50 38.91 ? 401 SO4 A S   1 
HETATM 805 O O1  . SO4 C 3 .   ? -7.521  -1.227  -6.679  0.50 37.65 ? 401 SO4 A O1  1 
HETATM 806 O O2  . SO4 C 3 .   ? -5.652  -2.153  -7.830  0.50 38.57 ? 401 SO4 A O2  1 
HETATM 807 O O3  . SO4 C 3 .   ? -7.549  -3.514  -7.341  0.50 38.38 ? 401 SO4 A O3  1 
HETATM 808 O O4  . SO4 C 3 .   ? -7.692  -1.808  -8.995  0.50 38.53 ? 401 SO4 A O4  1 
HETATM 809 O O   . HOH D 4 .   ? 5.332   -8.573  18.022  0.50 45.33 ? 105 HOH A O   1 
HETATM 810 O O   . HOH D 4 .   ? 0.884   13.645  -4.196  0.50 11.21 ? 106 HOH A O   1 
HETATM 811 O O   . HOH D 4 .   ? 3.139   9.665   -0.376  1.00 14.80 ? 107 HOH A O   1 
HETATM 812 O O   . HOH D 4 .   ? -5.005  18.919  -9.516  1.00 15.70 ? 108 HOH A O   1 
HETATM 813 O O   . HOH D 4 .   ? 3.630   -9.421  9.689   1.00 13.63 ? 109 HOH A O   1 
HETATM 814 O O   . HOH D 4 .   ? -4.400  9.246   -9.520  1.00 15.34 ? 110 HOH A O   1 
HETATM 815 O O   . HOH D 4 .   ? -1.443  13.314  -12.247 1.00 25.57 ? 111 HOH A O   1 
HETATM 816 O O   . HOH D 4 .   ? 0.388   -16.278 1.012   1.00 25.45 ? 112 HOH A O   1 
HETATM 817 O O   . HOH D 4 .   ? -4.897  18.299  1.671   0.50 20.92 ? 113 HOH A O   1 
HETATM 818 O O   . HOH D 4 .   ? 12.809  -18.505 4.987   1.00 22.46 ? 114 HOH A O   1 
HETATM 819 O O   . HOH D 4 .   ? 4.585   6.760   -4.481  1.00 19.28 ? 115 HOH A O   1 
HETATM 820 O O   . HOH D 4 .   ? 6.631   -0.349  7.216   1.00 27.17 ? 116 HOH A O   1 
HETATM 821 O O   . HOH D 4 .   ? 12.972  -5.070  -0.440  1.00 28.44 ? 117 HOH A O   1 
HETATM 822 O O   . HOH D 4 .   ? -4.943  4.305   3.570   1.00 26.70 ? 118 HOH A O   1 
HETATM 823 O O   . HOH D 4 .   ? -10.884 25.807  -2.716  1.00 23.67 ? 119 HOH A O   1 
HETATM 824 O O   . HOH D 4 .   ? 4.968   -0.146  -10.531 1.00 34.87 ? 120 HOH A O   1 
HETATM 825 O O   . HOH D 4 .   ? -7.212  9.188   3.056   1.00 27.08 ? 121 HOH A O   1 
HETATM 826 O O   . HOH D 4 .   ? 0.645   11.390  -12.599 1.00 23.21 ? 122 HOH A O   1 
HETATM 827 O O   . HOH D 4 .   ? -19.594 23.233  -8.369  1.00 34.99 ? 123 HOH A O   1 
HETATM 828 O O   . HOH D 4 .   ? -12.867 19.925  0.076   1.00 32.44 ? 124 HOH A O   1 
HETATM 829 O O   . HOH D 4 .   ? -2.244  16.998  -9.372  1.00 17.68 ? 125 HOH A O   1 
HETATM 830 O O   . HOH D 4 .   ? -3.664  24.530  -1.332  1.00 26.74 ? 126 HOH A O   1 
HETATM 831 O O   . HOH D 4 .   ? -8.664  23.182  -9.635  1.00 26.22 ? 127 HOH A O   1 
HETATM 832 O O   . HOH D 4 .   ? 9.703   -7.373  4.380   1.00 29.63 ? 128 HOH A O   1 
HETATM 833 O O   . HOH D 4 .   ? 10.532  -8.049  11.707  1.00 28.82 ? 129 HOH A O   1 
HETATM 834 O O   . HOH D 4 .   ? -7.538  12.438  -11.603 1.00 24.10 ? 130 HOH A O   1 
HETATM 835 O O   . HOH D 4 .   ? 5.973   2.129   -1.183  1.00 23.09 ? 131 HOH A O   1 
HETATM 836 O O   . HOH D 4 .   ? 1.363   -1.272  -11.493 1.00 30.12 ? 132 HOH A O   1 
HETATM 837 O O   . HOH D 4 .   ? -10.271 15.329  -9.967  1.00 20.55 ? 133 HOH A O   1 
HETATM 838 O O   . HOH D 4 .   ? 13.031  -21.375 -3.365  1.00 21.20 ? 134 HOH A O   1 
HETATM 839 O O   . HOH D 4 .   ? 10.064  -1.006  -6.421  1.00 25.32 ? 135 HOH A O   1 
HETATM 840 O O   . HOH D 4 .   ? 7.411   4.576   -4.784  1.00 29.43 ? 136 HOH A O   1 
HETATM 841 O O   . HOH D 4 .   ? -4.435  12.106  3.160   1.00 27.58 ? 137 HOH A O   1 
HETATM 842 O O   . HOH D 4 .   ? 12.818  -23.914 1.262   1.00 29.67 ? 138 HOH A O   1 
HETATM 843 O O   . HOH D 4 .   ? 6.074   5.072   -2.066  1.00 25.77 ? 139 HOH A O   1 
HETATM 844 O O   . HOH D 4 .   ? 5.150   -2.108  11.076  1.00 37.62 ? 140 HOH A O   1 
HETATM 845 O O   . HOH D 4 .   ? 9.175   -6.779  7.769   1.00 27.52 ? 141 HOH A O   1 
HETATM 846 O O   . HOH D 4 .   ? -5.172  18.878  -13.351 1.00 28.72 ? 142 HOH A O   1 
HETATM 847 O O   . HOH D 4 .   ? 5.704   -26.199 2.501   1.00 38.10 ? 143 HOH A O   1 
HETATM 848 O O   . HOH D 4 .   ? 7.344   -21.771 3.145   1.00 29.76 ? 144 HOH A O   1 
HETATM 849 O O   . HOH D 4 .   ? 7.636   -9.181  0.849   1.00 19.29 ? 145 HOH A O   1 
HETATM 850 O O   . HOH D 4 .   ? 10.717  -17.877 -1.817  1.00 28.26 ? 146 HOH A O   1 
HETATM 851 O O   . HOH D 4 .   ? 4.098   -5.606  12.641  1.00 28.99 ? 147 HOH A O   1 
HETATM 852 O O   . HOH D 4 .   ? -2.440  13.586  -14.643 1.00 28.52 ? 148 HOH A O   1 
HETATM 853 O O   . HOH D 4 .   ? -15.197 15.098  -6.131  1.00 32.73 ? 149 HOH A O   1 
HETATM 854 O O   . HOH D 4 .   ? -1.759  4.601   6.067   1.00 23.68 ? 150 HOH A O   1 
HETATM 855 O O   . HOH D 4 .   ? -4.273  11.205  -12.397 1.00 29.36 ? 151 HOH A O   1 
HETATM 856 O O   . HOH D 4 .   ? 6.803   -28.162 7.587   1.00 35.40 ? 152 HOH A O   1 
HETATM 857 O O   . HOH D 4 .   ? 7.131   1.136   3.934   1.00 39.96 ? 153 HOH A O   1 
HETATM 858 O O   . HOH D 4 .   ? -0.517  -4.957  -4.551  1.00 29.54 ? 154 HOH A O   1 
HETATM 859 O O   . HOH D 4 .   ? 10.553  -1.857  -0.161  1.00 51.52 ? 155 HOH A O   1 
HETATM 860 O O   . HOH D 4 .   ? 1.652   -5.329  -8.842  1.00 39.77 ? 156 HOH A O   1 
HETATM 861 O O   . HOH D 4 .   ? 11.828  -18.570 13.546  1.00 39.32 ? 157 HOH A O   1 
HETATM 862 O O   . HOH D 4 .   ? -4.088  -10.979 3.548   1.00 37.33 ? 158 HOH A O   1 
HETATM 863 O O   . HOH D 4 .   ? 4.703   -23.847 9.697   1.00 29.18 ? 159 HOH A O   1 
HETATM 864 O O   . HOH D 4 .   ? 0.424   -2.912  10.900  1.00 36.41 ? 160 HOH A O   1 
HETATM 865 O O   . HOH D 4 .   ? 5.152   5.736   0.501   1.00 29.99 ? 161 HOH A O   1 
HETATM 866 O O   . HOH D 4 .   ? -12.062 11.855  -6.870  1.00 41.99 ? 162 HOH A O   1 
HETATM 867 O O   . HOH D 4 .   ? -11.188 9.273   -6.374  1.00 32.83 ? 163 HOH A O   1 
HETATM 868 O O   . HOH D 4 .   ? -4.182  -8.000  -1.976  1.00 32.64 ? 164 HOH A O   1 
HETATM 869 O O   . HOH D 4 .   ? 15.851  -15.101 10.673  1.00 41.86 ? 165 HOH A O   1 
HETATM 870 O O   . HOH D 4 .   ? 1.925   9.016   2.319   1.00 37.19 ? 166 HOH A O   1 
HETATM 871 O O   . HOH D 4 .   ? 6.396   -19.752 14.363  1.00 40.62 ? 167 HOH A O   1 
HETATM 872 O O   . HOH D 4 .   ? -3.386  -14.455 8.344   1.00 49.02 ? 168 HOH A O   1 
HETATM 873 O O   . HOH D 4 .   ? 5.405   3.397   6.341   1.00 42.66 ? 169 HOH A O   1 
HETATM 874 O O   . HOH D 4 .   ? 16.922  -22.352 9.201   1.00 49.34 ? 170 HOH A O   1 
HETATM 875 O O   . HOH D 4 .   ? 8.333   -5.135  -8.775  1.00 24.16 ? 171 HOH A O   1 
HETATM 876 O O   . HOH D 4 .   ? -2.102  -12.417 0.217   1.00 26.64 ? 172 HOH A O   1 
HETATM 877 O O   . HOH D 4 .   ? 0.389   15.267  -2.011  0.50 29.81 ? 173 HOH A O   1 
HETATM 878 O O   . HOH D 4 .   ? -7.860  4.280   1.411   1.00 46.19 ? 174 HOH A O   1 
HETATM 879 O O   . HOH D 4 .   ? -5.130  -9.517  5.410   1.00 38.36 ? 175 HOH A O   1 
HETATM 880 O O   . HOH D 4 .   ? 11.730  -25.532 11.932  1.00 27.32 ? 176 HOH A O   1 
HETATM 881 O O   . HOH D 4 .   ? -10.123 12.979  -11.173 1.00 36.54 ? 177 HOH A O   1 
HETATM 882 O O   . HOH D 4 .   ? -1.432  -10.942 9.917   1.00 30.02 ? 178 HOH A O   1 
HETATM 883 O O   . HOH D 4 .   ? -10.419 9.031   -8.777  1.00 34.04 ? 179 HOH A O   1 
HETATM 884 O O   . HOH D 4 .   ? -4.755  -1.203  -5.461  1.00 38.76 ? 180 HOH A O   1 
HETATM 885 O O   . HOH D 4 .   ? 17.124  -24.529 11.072  1.00 41.89 ? 181 HOH A O   1 
HETATM 886 O O   . HOH D 4 .   ? 3.428   4.179   7.773   1.00 40.56 ? 182 HOH A O   1 
HETATM 887 O O   . HOH D 4 .   ? -3.323  14.375  4.181   1.00 35.76 ? 183 HOH A O   1 
HETATM 888 O O   . HOH D 4 .   ? -14.587 27.084  -10.169 1.00 38.63 ? 184 HOH A O   1 
HETATM 889 O O   . HOH D 4 .   ? -18.230 30.571  -12.027 1.00 39.91 ? 185 HOH A O   1 
HETATM 890 O O   . HOH D 4 .   ? -7.319  9.928   -11.155 1.00 36.79 ? 186 HOH A O   1 
HETATM 891 O O   . HOH D 4 .   ? 4.274   -27.598 8.035   1.00 31.02 ? 187 HOH A O   1 
HETATM 892 O O   . HOH D 4 .   ? -11.215 13.486  -13.570 1.00 36.22 ? 188 HOH A O   1 
HETATM 893 O O   . HOH D 4 .   ? -1.626  -13.267 11.960  1.00 35.04 ? 189 HOH A O   1 
HETATM 894 O O   . HOH D 4 .   ? 13.929  -26.349 12.985  1.00 36.30 ? 190 HOH A O   1 
HETATM 895 O O   . HOH D 4 .   ? -3.783  6.349   6.134   1.00 33.08 ? 191 HOH A O   1 
HETATM 896 O O   . HOH D 4 .   ? -4.750  0.267   -9.221  1.00 39.35 ? 192 HOH A O   1 
HETATM 897 O O   . HOH D 4 .   ? -14.443 34.106  -5.548  1.00 38.22 ? 193 HOH A O   1 
HETATM 898 O O   . HOH D 4 .   ? -2.416  0.011   -10.282 1.00 29.17 ? 194 HOH A O   1 
HETATM 899 O O   . HOH D 4 .   ? 12.852  -13.687 -1.319  1.00 36.94 ? 195 HOH A O   1 
HETATM 900 O O   . HOH D 4 .   ? 4.275   -21.239 2.740   1.00 31.84 ? 196 HOH A O   1 
HETATM 901 O O   . HOH D 4 .   ? -14.463 16.397  -10.834 1.00 49.61 ? 197 HOH A O   1 
HETATM 902 O O   . HOH D 4 .   ? 14.618  -24.762 3.066   1.00 55.27 ? 198 HOH A O   1 
HETATM 903 O O   . HOH D 4 .   ? -11.844 11.047  -10.045 1.00 54.56 ? 199 HOH A O   1 
HETATM 904 O O   . HOH D 4 .   ? -19.705 25.496  -3.292  1.00 54.94 ? 200 HOH A O   1 
HETATM 905 O O   . HOH D 4 .   ? -3.965  -10.956 0.982   1.00 36.14 ? 201 HOH A O   1 
HETATM 906 O O   . HOH D 4 .   ? -13.936 19.639  -11.498 1.00 30.04 ? 202 HOH A O   1 
HETATM 907 O O   . HOH D 4 .   ? 8.380   -12.740 -8.116  1.00 40.35 ? 203 HOH A O   1 
HETATM 908 O O   . HOH D 4 .   ? -2.465  -6.822  -4.158  1.00 33.92 ? 204 HOH A O   1 
HETATM 909 O O   . HOH D 4 .   ? -3.919  -24.209 10.395  1.00 44.09 ? 205 HOH A O   1 
HETATM 910 O O   . HOH D 4 .   ? 8.589   -23.021 0.391   1.00 28.87 ? 206 HOH A O   1 
HETATM 911 O O   . HOH D 4 .   ? -11.980 15.895  -11.871 1.00 37.82 ? 207 HOH A O   1 
HETATM 912 O O   . HOH D 4 .   ? 7.066   -13.294 -5.863  1.00 29.43 ? 208 HOH A O   1 
HETATM 913 O O   . HOH D 4 .   ? -4.759  -10.537 7.916   1.00 42.45 ? 209 HOH A O   1 
HETATM 914 O O   . HOH D 4 .   ? -2.550  -12.088 7.451   1.00 38.67 ? 210 HOH A O   1 
HETATM 915 O O   . HOH D 4 .   ? 15.472  -23.819 0.041   1.00 59.86 ? 211 HOH A O   1 
HETATM 916 O O   . HOH D 4 .   ? 5.603   -23.283 13.413  0.50 7.27  ? 212 HOH A O   1 
HETATM 917 O O   . HOH D 4 .   ? 3.885   3.819   -11.091 1.00 41.23 ? 213 HOH A O   1 
HETATM 918 O O   . HOH D 4 .   ? 11.624  -8.051  9.201   1.00 47.95 ? 214 HOH A O   1 
HETATM 919 O O   . HOH D 4 .   ? 16.853  -12.950 3.150   1.00 41.57 ? 215 HOH A O   1 
HETATM 920 O O   . HOH D 4 .   ? -14.385 12.346  -8.188  1.00 49.39 ? 216 HOH A O   1 
HETATM 921 O O   . HOH D 4 .   ? -9.308  28.276  -0.096  1.00 38.49 ? 217 HOH A O   1 
HETATM 922 O O   . HOH D 4 .   ? 6.662   3.846   1.957   1.00 37.15 ? 218 HOH A O   1 
HETATM 923 O O   . HOH D 4 .   ? 4.777   -14.519 -6.146  1.00 36.24 ? 219 HOH A O   1 
HETATM 924 O O   . HOH D 4 .   ? 12.364  -28.227 4.551   1.00 32.92 ? 220 HOH A O   1 
HETATM 925 O O   . HOH D 4 .   ? 11.047  -5.015  4.371   1.00 28.48 ? 221 HOH A O   1 
HETATM 926 O O   . HOH D 4 .   ? 2.937   -8.776  -5.668  1.00 39.56 ? 222 HOH A O   1 
HETATM 927 O O   . HOH D 4 .   ? 9.955   -32.286 11.594  1.00 57.17 ? 223 HOH A O   1 
HETATM 928 O O   . HOH D 4 .   ? -4.940  -14.158 2.863   1.00 38.41 ? 224 HOH A O   1 
HETATM 929 O O   . HOH D 4 .   ? 5.641   -5.510  14.795  1.00 66.60 ? 225 HOH A O   1 
HETATM 930 O O   . HOH D 4 .   ? 13.895  -8.307  2.649   1.00 55.37 ? 226 HOH A O   1 
HETATM 931 O O   . HOH D 4 .   ? -9.670  1.155   -0.043  1.00 41.49 ? 227 HOH A O   1 
HETATM 932 O O   . HOH D 4 .   ? -17.415 19.825  -4.531  1.00 43.72 ? 228 HOH A O   1 
HETATM 933 O O   . HOH D 4 .   ? 13.439  -4.261  -3.529  1.00 53.13 ? 229 HOH A O   1 
HETATM 934 O O   . HOH D 4 .   ? -9.456  24.017  -11.909 1.00 59.54 ? 230 HOH A O   1 
HETATM 935 O O   . HOH D 4 .   ? 2.303   6.993   -12.545 1.00 42.47 ? 231 HOH A O   1 
HETATM 936 O O   . HOH D 4 .   ? 4.026   -13.203 16.424  1.00 50.86 ? 232 HOH A O   1 
HETATM 937 O O   . HOH D 4 .   ? -8.685  4.541   -1.802  1.00 49.07 ? 233 HOH A O   1 
HETATM 938 O O   . HOH D 4 .   ? -6.890  31.013  -2.719  1.00 38.61 ? 234 HOH A O   1 
HETATM 939 O O   . HOH D 4 .   ? -8.480  0.680   -9.403  1.00 51.16 ? 235 HOH A O   1 
HETATM 940 O O   . HOH D 4 .   ? 14.819  -21.713 3.925   1.00 48.20 ? 236 HOH A O   1 
HETATM 941 O O   . HOH D 4 .   ? -17.486 20.316  -8.474  1.00 44.38 ? 237 HOH A O   1 
HETATM 942 O O   . HOH D 4 .   ? -5.228  12.339  -15.029 1.00 46.73 ? 238 HOH A O   1 
HETATM 943 O O   . HOH D 4 .   ? -17.613 22.586  -12.388 1.00 58.14 ? 239 HOH A O   1 
HETATM 944 O O   . HOH D 4 .   ? -11.447 5.799   -5.533  1.00 41.65 ? 240 HOH A O   1 
HETATM 945 O O   . HOH D 4 .   ? -13.647 13.809  -2.552  1.00 49.42 ? 241 HOH A O   1 
HETATM 946 O O   . HOH D 4 .   ? -12.347 33.033  -3.935  1.00 88.07 ? 242 HOH A O   1 
HETATM 947 O O   . HOH D 4 .   ? 13.538  -8.800  -6.391  1.00 33.16 ? 243 HOH A O   1 
HETATM 948 O O   . HOH D 4 .   ? -9.713  17.620  -14.061 1.00 51.46 ? 244 HOH A O   1 
HETATM 949 O O   . HOH D 4 .   ? -12.806 29.563  -10.069 1.00 67.31 ? 245 HOH A O   1 
HETATM 950 O O   . HOH D 4 .   ? -8.778  11.700  -15.636 1.00 45.04 ? 246 HOH A O   1 
HETATM 951 O O   . HOH D 4 .   ? -9.187  21.863  -13.556 1.00 45.38 ? 247 HOH A O   1 
HETATM 952 O O   . HOH D 4 .   ? 1.776   1.774   -14.173 1.00 60.10 ? 248 HOH A O   1 
HETATM 953 O O   . HOH D 4 .   ? -11.550 10.748  -3.953  1.00 60.88 ? 249 HOH A O   1 
HETATM 954 O O   . HOH D 4 .   ? -0.815  -16.107 -1.296  1.00 39.93 ? 250 HOH A O   1 
HETATM 955 O O   . HOH D 4 .   ? 12.913  -12.078 -5.358  1.00 53.45 ? 251 HOH A O   1 
HETATM 956 O O   . HOH D 4 .   ? -0.659  -13.987 18.582  1.00 51.69 ? 252 HOH A O   1 
HETATM 957 O O   . HOH D 4 .   ? 15.088  -10.732 -4.879  1.00 54.07 ? 253 HOH A O   1 
HETATM 958 O O   . HOH D 4 .   ? 1.555   4.142   -16.534 1.00 53.88 ? 254 HOH A O   1 
# 
